data_6P9Z
# 
_entry.id   6P9Z 
# 
_audit_conform.dict_name       mmcif_pdbx.dic 
_audit_conform.dict_version    5.380 
_audit_conform.dict_location   http://mmcif.pdb.org/dictionaries/ascii/mmcif_pdbx.dic 
# 
loop_
_database_2.database_id 
_database_2.database_code 
_database_2.pdbx_database_accession 
_database_2.pdbx_DOI 
PDB   6P9Z         pdb_00006p9z 10.2210/pdb6p9z/pdb 
WWPDB D_1000241993 ?            ?                   
# 
_pdbx_database_status.status_code                     REL 
_pdbx_database_status.status_code_sf                  REL 
_pdbx_database_status.status_code_mr                  ? 
_pdbx_database_status.entry_id                        6P9Z 
_pdbx_database_status.recvd_initial_deposition_date   2019-06-10 
_pdbx_database_status.SG_entry                        N 
_pdbx_database_status.deposit_site                    RCSB 
_pdbx_database_status.process_site                    RCSB 
_pdbx_database_status.status_code_cs                  ? 
_pdbx_database_status.methods_development_category    ? 
_pdbx_database_status.pdb_format_compatible           Y 
_pdbx_database_status.status_code_nmr_data            ? 
# 
loop_
_audit_author.name 
_audit_author.pdbx_ordinal 
_audit_author.identifier_ORCID 
'Reeve, S.M.'  1 0000-0003-2064-405X 
'Wright, D.L.' 2 0000-0003-4634-3351 
# 
_citation.abstract                  ? 
_citation.abstract_id_CAS           ? 
_citation.book_id_ISBN              ? 
_citation.book_publisher            ? 
_citation.book_publisher_city       ? 
_citation.book_title                ? 
_citation.coordinate_linkage        ? 
_citation.country                   US 
_citation.database_id_Medline       ? 
_citation.details                   ? 
_citation.id                        primary 
_citation.journal_abbrev            'Acs Infect Dis.' 
_citation.journal_id_ASTM           ? 
_citation.journal_id_CSD            ? 
_citation.journal_id_ISSN           2373-8227 
_citation.journal_full              ? 
_citation.journal_issue             ? 
_citation.journal_volume            5 
_citation.language                  ? 
_citation.page_first                1896 
_citation.page_last                 1906 
_citation.title                     
;Toward Broad Spectrum Dihydrofolate Reductase Inhibitors Targeting Trimethoprim Resistant Enzymes Identified in Clinical Isolates of Methicillin ResistantStaphylococcus aureus.
;
_citation.year                      2019 
_citation.database_id_CSD           ? 
_citation.pdbx_database_id_DOI      10.1021/acsinfecdis.9b00222 
_citation.pdbx_database_id_PubMed   31565920 
_citation.unpublished_flag          ? 
# 
loop_
_citation_author.citation_id 
_citation_author.name 
_citation_author.ordinal 
_citation_author.identifier_ORCID 
primary 'Reeve, S.M.'     1  ? 
primary 'Si, D.'          2  ? 
primary 'Krucinska, J.'   3  ? 
primary 'Yan, Y.'         4  ? 
primary 'Viswanathan, K.' 5  ? 
primary 'Wang, S.'        6  ? 
primary 'Holt, G.T.'      7  ? 
primary 'Frenkel, M.S.'   8  ? 
primary 'Ojewole, A.A.'   9  ? 
primary 'Estrada, A.'     10 ? 
primary 'Agabiti, S.S.'   11 ? 
primary 'Alverson, J.B.'  12 ? 
primary 'Gibson, N.D.'    13 ? 
primary 'Priestley, N.D.' 14 ? 
primary 'Wiemer, A.J.'    15 ? 
primary 'Donald, B.R.'    16 ? 
primary 'Wright, D.L.'    17 ? 
# 
_cell.angle_alpha                  90.00 
_cell.angle_alpha_esd              ? 
_cell.angle_beta                   90.00 
_cell.angle_beta_esd               ? 
_cell.angle_gamma                  120.00 
_cell.angle_gamma_esd              ? 
_cell.entry_id                     6P9Z 
_cell.details                      ? 
_cell.formula_units_Z              ? 
_cell.length_a                     79.033 
_cell.length_a_esd                 ? 
_cell.length_b                     79.033 
_cell.length_b_esd                 ? 
_cell.length_c                     109.093 
_cell.length_c_esd                 ? 
_cell.volume                       ? 
_cell.volume_esd                   ? 
_cell.Z_PDB                        12 
_cell.reciprocal_angle_alpha       ? 
_cell.reciprocal_angle_beta        ? 
_cell.reciprocal_angle_gamma       ? 
_cell.reciprocal_angle_alpha_esd   ? 
_cell.reciprocal_angle_beta_esd    ? 
_cell.reciprocal_angle_gamma_esd   ? 
_cell.reciprocal_length_a          ? 
_cell.reciprocal_length_b          ? 
_cell.reciprocal_length_c          ? 
_cell.reciprocal_length_a_esd      ? 
_cell.reciprocal_length_b_esd      ? 
_cell.reciprocal_length_c_esd      ? 
_cell.pdbx_unique_axis             ? 
# 
_symmetry.entry_id                         6P9Z 
_symmetry.cell_setting                     ? 
_symmetry.Int_Tables_number                178 
_symmetry.space_group_name_Hall            ? 
_symmetry.space_group_name_H-M             'P 61 2 2' 
_symmetry.pdbx_full_space_group_name_H-M   ? 
# 
loop_
_entity.id 
_entity.type 
_entity.src_method 
_entity.pdbx_description 
_entity.formula_weight 
_entity.pdbx_number_of_molecules 
_entity.pdbx_ec 
_entity.pdbx_mutation 
_entity.pdbx_fragment 
_entity.details 
1 polymer     man 'Dihydrofolate reductase'                          18015.557 1  1.5.1.3 ? ? ? 
2 non-polymer syn METHOTREXATE                                       454.439   1  ?       ? ? ? 
3 non-polymer syn 'NADP NICOTINAMIDE-ADENINE-DINUCLEOTIDE PHOSPHATE' 743.405   1  ?       ? ? ? 
4 non-polymer syn GLYCEROL                                           92.094    1  ?       ? ? ? 
5 water       nat water                                              18.015    63 ?       ? ? ? 
# 
_entity_name_com.entity_id   1 
_entity_name_com.name        DHFR 
# 
_entity_poly.entity_id                      1 
_entity_poly.type                           'polypeptide(L)' 
_entity_poly.nstd_linkage                   no 
_entity_poly.nstd_monomer                   no 
_entity_poly.pdbx_seq_one_letter_code       
;TLSILVAHDLQRVIGFENQLPWHLPNDLKHVKKLSTGHTLVMGRKTFESIGKPLPNRRNVVLTSDTSFNVEGVDVIHSIE
DIYQLPGHVFIFGGQTLFEEMIDKVDDMYITVIEGKFRGDTFFPPYTFEDWEVASSVEGKLDEKNTIPHTFLHLIRK
;
_entity_poly.pdbx_seq_one_letter_code_can   
;TLSILVAHDLQRVIGFENQLPWHLPNDLKHVKKLSTGHTLVMGRKTFESIGKPLPNRRNVVLTSDTSFNVEGVDVIHSIE
DIYQLPGHVFIFGGQTLFEEMIDKVDDMYITVIEGKFRGDTFFPPYTFEDWEVASSVEGKLDEKNTIPHTFLHLIRK
;
_entity_poly.pdbx_strand_id                 X 
_entity_poly.pdbx_target_identifier         ? 
# 
loop_
_entity_poly_seq.entity_id 
_entity_poly_seq.num 
_entity_poly_seq.mon_id 
_entity_poly_seq.hetero 
1 1   THR n 
1 2   LEU n 
1 3   SER n 
1 4   ILE n 
1 5   LEU n 
1 6   VAL n 
1 7   ALA n 
1 8   HIS n 
1 9   ASP n 
1 10  LEU n 
1 11  GLN n 
1 12  ARG n 
1 13  VAL n 
1 14  ILE n 
1 15  GLY n 
1 16  PHE n 
1 17  GLU n 
1 18  ASN n 
1 19  GLN n 
1 20  LEU n 
1 21  PRO n 
1 22  TRP n 
1 23  HIS n 
1 24  LEU n 
1 25  PRO n 
1 26  ASN n 
1 27  ASP n 
1 28  LEU n 
1 29  LYS n 
1 30  HIS n 
1 31  VAL n 
1 32  LYS n 
1 33  LYS n 
1 34  LEU n 
1 35  SER n 
1 36  THR n 
1 37  GLY n 
1 38  HIS n 
1 39  THR n 
1 40  LEU n 
1 41  VAL n 
1 42  MET n 
1 43  GLY n 
1 44  ARG n 
1 45  LYS n 
1 46  THR n 
1 47  PHE n 
1 48  GLU n 
1 49  SER n 
1 50  ILE n 
1 51  GLY n 
1 52  LYS n 
1 53  PRO n 
1 54  LEU n 
1 55  PRO n 
1 56  ASN n 
1 57  ARG n 
1 58  ARG n 
1 59  ASN n 
1 60  VAL n 
1 61  VAL n 
1 62  LEU n 
1 63  THR n 
1 64  SER n 
1 65  ASP n 
1 66  THR n 
1 67  SER n 
1 68  PHE n 
1 69  ASN n 
1 70  VAL n 
1 71  GLU n 
1 72  GLY n 
1 73  VAL n 
1 74  ASP n 
1 75  VAL n 
1 76  ILE n 
1 77  HIS n 
1 78  SER n 
1 79  ILE n 
1 80  GLU n 
1 81  ASP n 
1 82  ILE n 
1 83  TYR n 
1 84  GLN n 
1 85  LEU n 
1 86  PRO n 
1 87  GLY n 
1 88  HIS n 
1 89  VAL n 
1 90  PHE n 
1 91  ILE n 
1 92  PHE n 
1 93  GLY n 
1 94  GLY n 
1 95  GLN n 
1 96  THR n 
1 97  LEU n 
1 98  PHE n 
1 99  GLU n 
1 100 GLU n 
1 101 MET n 
1 102 ILE n 
1 103 ASP n 
1 104 LYS n 
1 105 VAL n 
1 106 ASP n 
1 107 ASP n 
1 108 MET n 
1 109 TYR n 
1 110 ILE n 
1 111 THR n 
1 112 VAL n 
1 113 ILE n 
1 114 GLU n 
1 115 GLY n 
1 116 LYS n 
1 117 PHE n 
1 118 ARG n 
1 119 GLY n 
1 120 ASP n 
1 121 THR n 
1 122 PHE n 
1 123 PHE n 
1 124 PRO n 
1 125 PRO n 
1 126 TYR n 
1 127 THR n 
1 128 PHE n 
1 129 GLU n 
1 130 ASP n 
1 131 TRP n 
1 132 GLU n 
1 133 VAL n 
1 134 ALA n 
1 135 SER n 
1 136 SER n 
1 137 VAL n 
1 138 GLU n 
1 139 GLY n 
1 140 LYS n 
1 141 LEU n 
1 142 ASP n 
1 143 GLU n 
1 144 LYS n 
1 145 ASN n 
1 146 THR n 
1 147 ILE n 
1 148 PRO n 
1 149 HIS n 
1 150 THR n 
1 151 PHE n 
1 152 LEU n 
1 153 HIS n 
1 154 LEU n 
1 155 ILE n 
1 156 ARG n 
1 157 LYS n 
# 
_entity_src_gen.entity_id                          1 
_entity_src_gen.pdbx_src_id                        1 
_entity_src_gen.pdbx_alt_source_flag               sample 
_entity_src_gen.pdbx_seq_type                      'Biological sequence' 
_entity_src_gen.pdbx_beg_seq_num                   1 
_entity_src_gen.pdbx_end_seq_num                   157 
_entity_src_gen.gene_src_common_name               ? 
_entity_src_gen.gene_src_genus                     ? 
_entity_src_gen.pdbx_gene_src_gene                 folA 
_entity_src_gen.gene_src_species                   ? 
_entity_src_gen.gene_src_strain                    ? 
_entity_src_gen.gene_src_tissue                    ? 
_entity_src_gen.gene_src_tissue_fraction           ? 
_entity_src_gen.gene_src_details                   ? 
_entity_src_gen.pdbx_gene_src_fragment             ? 
_entity_src_gen.pdbx_gene_src_scientific_name      'Staphylococcus aureus' 
_entity_src_gen.pdbx_gene_src_ncbi_taxonomy_id     1280 
_entity_src_gen.pdbx_gene_src_variant              ? 
_entity_src_gen.pdbx_gene_src_cell_line            ? 
_entity_src_gen.pdbx_gene_src_atcc                 ? 
_entity_src_gen.pdbx_gene_src_organ                ? 
_entity_src_gen.pdbx_gene_src_organelle            ? 
_entity_src_gen.pdbx_gene_src_cell                 ? 
_entity_src_gen.pdbx_gene_src_cellular_location    ? 
_entity_src_gen.host_org_common_name               ? 
_entity_src_gen.pdbx_host_org_scientific_name      'Escherichia coli BL21(DE3)' 
_entity_src_gen.pdbx_host_org_ncbi_taxonomy_id     469008 
_entity_src_gen.host_org_genus                     ? 
_entity_src_gen.pdbx_host_org_gene                 ? 
_entity_src_gen.pdbx_host_org_organ                ? 
_entity_src_gen.host_org_species                   ? 
_entity_src_gen.pdbx_host_org_tissue               ? 
_entity_src_gen.pdbx_host_org_tissue_fraction      ? 
_entity_src_gen.pdbx_host_org_strain               'BL21(DE3)' 
_entity_src_gen.pdbx_host_org_variant              ? 
_entity_src_gen.pdbx_host_org_cell_line            ? 
_entity_src_gen.pdbx_host_org_atcc                 ? 
_entity_src_gen.pdbx_host_org_culture_collection   ? 
_entity_src_gen.pdbx_host_org_cell                 ? 
_entity_src_gen.pdbx_host_org_organelle            ? 
_entity_src_gen.pdbx_host_org_cellular_location    ? 
_entity_src_gen.pdbx_host_org_vector_type          ? 
_entity_src_gen.pdbx_host_org_vector               ? 
_entity_src_gen.host_org_details                   ? 
_entity_src_gen.expression_system_id               ? 
_entity_src_gen.plasmid_name                       pET-41a+ 
_entity_src_gen.plasmid_details                    ? 
_entity_src_gen.pdbx_description                   ? 
# 
_struct_ref.id                         1 
_struct_ref.db_name                    UNP 
_struct_ref.db_code                    DYR_STAAU 
_struct_ref.pdbx_db_accession          P0A017 
_struct_ref.pdbx_db_isoform            ? 
_struct_ref.entity_id                  1 
_struct_ref.pdbx_seq_one_letter_code   
;TLSILVAHDLQRVIGFENQLPWHLPNDLKHVKKLSTGHTLVMGRKTFESIGKPLPNRRNVVLTSDTSFNVEGVDVIHSIE
DIYQLPGHVFIFGGQTLFEEMIDKVDDMYITVIEGKFRGDTFFPPYTFEDWEVASSVEGKLDEKNTIPHTFLHLIRK
;
_struct_ref.pdbx_align_begin           2 
# 
_struct_ref_seq.align_id                      1 
_struct_ref_seq.ref_id                        1 
_struct_ref_seq.pdbx_PDB_id_code              6P9Z 
_struct_ref_seq.pdbx_strand_id                X 
_struct_ref_seq.seq_align_beg                 1 
_struct_ref_seq.pdbx_seq_align_beg_ins_code   ? 
_struct_ref_seq.seq_align_end                 157 
_struct_ref_seq.pdbx_seq_align_end_ins_code   ? 
_struct_ref_seq.pdbx_db_accession             P0A017 
_struct_ref_seq.db_align_beg                  2 
_struct_ref_seq.pdbx_db_align_beg_ins_code    ? 
_struct_ref_seq.db_align_end                  158 
_struct_ref_seq.pdbx_db_align_end_ins_code    ? 
_struct_ref_seq.pdbx_auth_seq_align_beg       1 
_struct_ref_seq.pdbx_auth_seq_align_end       157 
# 
loop_
_chem_comp.id 
_chem_comp.type 
_chem_comp.mon_nstd_flag 
_chem_comp.name 
_chem_comp.pdbx_synonyms 
_chem_comp.formula 
_chem_comp.formula_weight 
ALA 'L-peptide linking' y ALANINE                                            ?                                            
'C3 H7 N O2'        89.093  
ARG 'L-peptide linking' y ARGININE                                           ?                                            
'C6 H15 N4 O2 1'    175.209 
ASN 'L-peptide linking' y ASPARAGINE                                         ?                                            
'C4 H8 N2 O3'       132.118 
ASP 'L-peptide linking' y 'ASPARTIC ACID'                                    ?                                            
'C4 H7 N O4'        133.103 
GLN 'L-peptide linking' y GLUTAMINE                                          ?                                            
'C5 H10 N2 O3'      146.144 
GLU 'L-peptide linking' y 'GLUTAMIC ACID'                                    ?                                            
'C5 H9 N O4'        147.129 
GLY 'peptide linking'   y GLYCINE                                            ?                                            
'C2 H5 N O2'        75.067  
GOL non-polymer         . GLYCEROL                                           'GLYCERIN; PROPANE-1,2,3-TRIOL'              
'C3 H8 O3'          92.094  
HIS 'L-peptide linking' y HISTIDINE                                          ?                                            
'C6 H10 N3 O2 1'    156.162 
HOH non-polymer         . WATER                                              ?                                            'H2 O' 
18.015  
ILE 'L-peptide linking' y ISOLEUCINE                                         ?                                            
'C6 H13 N O2'       131.173 
LEU 'L-peptide linking' y LEUCINE                                            ?                                            
'C6 H13 N O2'       131.173 
LYS 'L-peptide linking' y LYSINE                                             ?                                            
'C6 H15 N2 O2 1'    147.195 
MET 'L-peptide linking' y METHIONINE                                         ?                                            
'C5 H11 N O2 S'     149.211 
MTX non-polymer         . METHOTREXATE                                       ?                                            
'C20 H22 N8 O5'     454.439 
NAP non-polymer         . 'NADP NICOTINAMIDE-ADENINE-DINUCLEOTIDE PHOSPHATE' 
;2'-MONOPHOSPHOADENOSINE 5'-DIPHOSPHORIBOSE
;
'C21 H28 N7 O17 P3' 743.405 
PHE 'L-peptide linking' y PHENYLALANINE                                      ?                                            
'C9 H11 N O2'       165.189 
PRO 'L-peptide linking' y PROLINE                                            ?                                            
'C5 H9 N O2'        115.130 
SER 'L-peptide linking' y SERINE                                             ?                                            
'C3 H7 N O3'        105.093 
THR 'L-peptide linking' y THREONINE                                          ?                                            
'C4 H9 N O3'        119.119 
TRP 'L-peptide linking' y TRYPTOPHAN                                         ?                                            
'C11 H12 N2 O2'     204.225 
TYR 'L-peptide linking' y TYROSINE                                           ?                                            
'C9 H11 N O3'       181.189 
VAL 'L-peptide linking' y VALINE                                             ?                                            
'C5 H11 N O2'       117.146 
# 
_exptl.absorpt_coefficient_mu     ? 
_exptl.absorpt_correction_T_max   ? 
_exptl.absorpt_correction_T_min   ? 
_exptl.absorpt_correction_type    ? 
_exptl.absorpt_process_details    ? 
_exptl.entry_id                   6P9Z 
_exptl.crystals_number            1 
_exptl.details                    ? 
_exptl.method                     'X-RAY DIFFRACTION' 
_exptl.method_details             ? 
# 
_exptl_crystal.colour                      ? 
_exptl_crystal.density_diffrn              ? 
_exptl_crystal.density_Matthews            2.73 
_exptl_crystal.density_method              ? 
_exptl_crystal.density_percent_sol         54.94 
_exptl_crystal.description                 ? 
_exptl_crystal.F_000                       ? 
_exptl_crystal.id                          1 
_exptl_crystal.preparation                 ? 
_exptl_crystal.size_max                    ? 
_exptl_crystal.size_mid                    ? 
_exptl_crystal.size_min                    ? 
_exptl_crystal.size_rad                    ? 
_exptl_crystal.colour_lustre               ? 
_exptl_crystal.colour_modifier             ? 
_exptl_crystal.colour_primary              ? 
_exptl_crystal.density_meas                ? 
_exptl_crystal.density_meas_esd            ? 
_exptl_crystal.density_meas_gt             ? 
_exptl_crystal.density_meas_lt             ? 
_exptl_crystal.density_meas_temp           ? 
_exptl_crystal.density_meas_temp_esd       ? 
_exptl_crystal.density_meas_temp_gt        ? 
_exptl_crystal.density_meas_temp_lt        ? 
_exptl_crystal.pdbx_crystal_image_url      ? 
_exptl_crystal.pdbx_crystal_image_format   ? 
_exptl_crystal.pdbx_mosaicity              ? 
_exptl_crystal.pdbx_mosaicity_esd          ? 
# 
_exptl_crystal_grow.apparatus       ? 
_exptl_crystal_grow.atmosphere      ? 
_exptl_crystal_grow.crystal_id      1 
_exptl_crystal_grow.details         ? 
_exptl_crystal_grow.method          'VAPOR DIFFUSION, HANGING DROP' 
_exptl_crystal_grow.method_ref      ? 
_exptl_crystal_grow.pH              5.5 
_exptl_crystal_grow.pressure        ? 
_exptl_crystal_grow.pressure_esd    ? 
_exptl_crystal_grow.seeding         ? 
_exptl_crystal_grow.seeding_ref     ? 
_exptl_crystal_grow.temp            278 
_exptl_crystal_grow.temp_details    'Cold room' 
_exptl_crystal_grow.temp_esd        ? 
_exptl_crystal_grow.time            ? 
_exptl_crystal_grow.pdbx_details    
;0.1 M MES, pH 5.5
0.2 M sodium acetate
15% PEG 10,000
20% gamma-butyrolactone, additive
;
_exptl_crystal_grow.pdbx_pH_range   ? 
# 
_diffrn.ambient_environment              ? 
_diffrn.ambient_temp                     100 
_diffrn.ambient_temp_details             ? 
_diffrn.ambient_temp_esd                 ? 
_diffrn.crystal_id                       1 
_diffrn.crystal_support                  ? 
_diffrn.crystal_treatment                ? 
_diffrn.details                          ? 
_diffrn.id                               1 
_diffrn.ambient_pressure                 ? 
_diffrn.ambient_pressure_esd             ? 
_diffrn.ambient_pressure_gt              ? 
_diffrn.ambient_pressure_lt              ? 
_diffrn.ambient_temp_gt                  ? 
_diffrn.ambient_temp_lt                  ? 
_diffrn.pdbx_serial_crystal_experiment   N 
# 
_diffrn_detector.details                      'image plate' 
_diffrn_detector.detector                     CCD 
_diffrn_detector.diffrn_id                    1 
_diffrn_detector.type                         'MARMOSAIC 325 mm CCD' 
_diffrn_detector.area_resol_mean              ? 
_diffrn_detector.dtime                        ? 
_diffrn_detector.pdbx_frames_total            ? 
_diffrn_detector.pdbx_collection_time_total   ? 
_diffrn_detector.pdbx_collection_date         2017-06-15 
_diffrn_detector.pdbx_frequency               ? 
# 
_diffrn_radiation.collimation                      ? 
_diffrn_radiation.diffrn_id                        1 
_diffrn_radiation.filter_edge                      ? 
_diffrn_radiation.inhomogeneity                    ? 
_diffrn_radiation.monochromator                    'Si (111) double crystal' 
_diffrn_radiation.polarisn_norm                    ? 
_diffrn_radiation.polarisn_ratio                   ? 
_diffrn_radiation.probe                            ? 
_diffrn_radiation.type                             ? 
_diffrn_radiation.xray_symbol                      ? 
_diffrn_radiation.wavelength_id                    1 
_diffrn_radiation.pdbx_monochromatic_or_laue_m_l   M 
_diffrn_radiation.pdbx_wavelength_list             ? 
_diffrn_radiation.pdbx_wavelength                  ? 
_diffrn_radiation.pdbx_diffrn_protocol             'SINGLE WAVELENGTH' 
_diffrn_radiation.pdbx_analyzer                    ? 
_diffrn_radiation.pdbx_scattering_type             x-ray 
# 
_diffrn_radiation_wavelength.id           1 
_diffrn_radiation_wavelength.wavelength   0.95 
_diffrn_radiation_wavelength.wt           1.0 
# 
_diffrn_source.current                     ? 
_diffrn_source.details                     ? 
_diffrn_source.diffrn_id                   1 
_diffrn_source.power                       ? 
_diffrn_source.size                        ? 
_diffrn_source.source                      SYNCHROTRON 
_diffrn_source.target                      ? 
_diffrn_source.type                        'SSRL BEAMLINE BL14-1' 
_diffrn_source.voltage                     ? 
_diffrn_source.take-off_angle              ? 
_diffrn_source.pdbx_wavelength_list        0.95 
_diffrn_source.pdbx_wavelength             ? 
_diffrn_source.pdbx_synchrotron_beamline   BL14-1 
_diffrn_source.pdbx_synchrotron_site       SSRL 
# 
_reflns.B_iso_Wilson_estimate            ? 
_reflns.entry_id                         6P9Z 
_reflns.data_reduction_details           ? 
_reflns.data_reduction_method            ? 
_reflns.d_resolution_high                1.86 
_reflns.d_resolution_low                 32.11 
_reflns.details                          ? 
_reflns.limit_h_max                      ? 
_reflns.limit_h_min                      ? 
_reflns.limit_k_max                      ? 
_reflns.limit_k_min                      ? 
_reflns.limit_l_max                      ? 
_reflns.limit_l_min                      ? 
_reflns.number_all                       ? 
_reflns.number_obs                       17420 
_reflns.observed_criterion               ? 
_reflns.observed_criterion_F_max         ? 
_reflns.observed_criterion_F_min         ? 
_reflns.observed_criterion_I_max         ? 
_reflns.observed_criterion_I_min         ? 
_reflns.observed_criterion_sigma_F       ? 
_reflns.observed_criterion_sigma_I       ? 
_reflns.percent_possible_obs             99.28 
_reflns.R_free_details                   ? 
_reflns.Rmerge_F_all                     ? 
_reflns.Rmerge_F_obs                     ? 
_reflns.Friedel_coverage                 ? 
_reflns.number_gt                        ? 
_reflns.threshold_expression             ? 
_reflns.pdbx_redundancy                  14.1 
_reflns.pdbx_Rmerge_I_obs                ? 
_reflns.pdbx_Rmerge_I_all                ? 
_reflns.pdbx_Rsym_value                  ? 
_reflns.pdbx_netI_over_av_sigmaI         ? 
_reflns.pdbx_netI_over_sigmaI            40.8 
_reflns.pdbx_res_netI_over_av_sigmaI_2   ? 
_reflns.pdbx_res_netI_over_sigmaI_2      ? 
_reflns.pdbx_chi_squared                 ? 
_reflns.pdbx_scaling_rejects             ? 
_reflns.pdbx_d_res_high_opt              ? 
_reflns.pdbx_d_res_low_opt               ? 
_reflns.pdbx_d_res_opt_method            ? 
_reflns.phase_calculation_details        ? 
_reflns.pdbx_Rrim_I_all                  ? 
_reflns.pdbx_Rpim_I_all                  ? 
_reflns.pdbx_d_opt                       ? 
_reflns.pdbx_number_measured_all         ? 
_reflns.pdbx_diffrn_id                   1 
_reflns.pdbx_ordinal                     1 
_reflns.pdbx_CC_half                     ? 
_reflns.pdbx_R_split                     ? 
# 
_reflns_shell.d_res_high                  1.86 
_reflns_shell.d_res_low                   1.92 
_reflns_shell.meanI_over_sigI_all         ? 
_reflns_shell.meanI_over_sigI_obs         ? 
_reflns_shell.number_measured_all         ? 
_reflns_shell.number_measured_obs         ? 
_reflns_shell.number_possible             ? 
_reflns_shell.number_unique_all           ? 
_reflns_shell.number_unique_obs           1689 
_reflns_shell.percent_possible_all        98.48 
_reflns_shell.percent_possible_obs        ? 
_reflns_shell.Rmerge_F_all                ? 
_reflns_shell.Rmerge_F_obs                ? 
_reflns_shell.Rmerge_I_all                ? 
_reflns_shell.Rmerge_I_obs                ? 
_reflns_shell.meanI_over_sigI_gt          ? 
_reflns_shell.meanI_over_uI_all           ? 
_reflns_shell.meanI_over_uI_gt            ? 
_reflns_shell.number_measured_gt          ? 
_reflns_shell.number_unique_gt            ? 
_reflns_shell.percent_possible_gt         ? 
_reflns_shell.Rmerge_F_gt                 ? 
_reflns_shell.Rmerge_I_gt                 ? 
_reflns_shell.pdbx_redundancy             ? 
_reflns_shell.pdbx_Rsym_value             ? 
_reflns_shell.pdbx_chi_squared            ? 
_reflns_shell.pdbx_netI_over_sigmaI_all   ? 
_reflns_shell.pdbx_netI_over_sigmaI_obs   ? 
_reflns_shell.pdbx_Rrim_I_all             ? 
_reflns_shell.pdbx_Rpim_I_all             ? 
_reflns_shell.pdbx_rejects                ? 
_reflns_shell.pdbx_ordinal                1 
_reflns_shell.pdbx_diffrn_id              1 
_reflns_shell.pdbx_CC_half                ? 
_reflns_shell.pdbx_R_split                ? 
# 
_refine.aniso_B[1][1]                            ? 
_refine.aniso_B[1][2]                            ? 
_refine.aniso_B[1][3]                            ? 
_refine.aniso_B[2][2]                            ? 
_refine.aniso_B[2][3]                            ? 
_refine.aniso_B[3][3]                            ? 
_refine.B_iso_max                                ? 
_refine.B_iso_mean                               ? 
_refine.B_iso_min                                ? 
_refine.correlation_coeff_Fo_to_Fc               ? 
_refine.correlation_coeff_Fo_to_Fc_free          ? 
_refine.details                                  ? 
_refine.diff_density_max                         ? 
_refine.diff_density_max_esd                     ? 
_refine.diff_density_min                         ? 
_refine.diff_density_min_esd                     ? 
_refine.diff_density_rms                         ? 
_refine.diff_density_rms_esd                     ? 
_refine.entry_id                                 6P9Z 
_refine.pdbx_refine_id                           'X-RAY DIFFRACTION' 
_refine.ls_abs_structure_details                 ? 
_refine.ls_abs_structure_Flack                   ? 
_refine.ls_abs_structure_Flack_esd               ? 
_refine.ls_abs_structure_Rogers                  ? 
_refine.ls_abs_structure_Rogers_esd              ? 
_refine.ls_d_res_high                            1.860 
_refine.ls_d_res_low                             32.11 
_refine.ls_extinction_coef                       ? 
_refine.ls_extinction_coef_esd                   ? 
_refine.ls_extinction_expression                 ? 
_refine.ls_extinction_method                     ? 
_refine.ls_goodness_of_fit_all                   ? 
_refine.ls_goodness_of_fit_all_esd               ? 
_refine.ls_goodness_of_fit_obs                   ? 
_refine.ls_goodness_of_fit_obs_esd               ? 
_refine.ls_hydrogen_treatment                    ? 
_refine.ls_matrix_type                           ? 
_refine.ls_number_constraints                    ? 
_refine.ls_number_parameters                     ? 
_refine.ls_number_reflns_all                     ? 
_refine.ls_number_reflns_obs                     17429 
_refine.ls_number_reflns_R_free                  1743 
_refine.ls_number_reflns_R_work                  ? 
_refine.ls_number_restraints                     ? 
_refine.ls_percent_reflns_obs                    99.32 
_refine.ls_percent_reflns_R_free                 10.00 
_refine.ls_R_factor_all                          ? 
_refine.ls_R_factor_obs                          0.1924 
_refine.ls_R_factor_R_free                       0.2186 
_refine.ls_R_factor_R_free_error                 ? 
_refine.ls_R_factor_R_free_error_details         ? 
_refine.ls_R_factor_R_work                       0.1894 
_refine.ls_R_Fsqd_factor_obs                     ? 
_refine.ls_R_I_factor_obs                        ? 
_refine.ls_redundancy_reflns_all                 ? 
_refine.ls_redundancy_reflns_obs                 ? 
_refine.ls_restrained_S_all                      ? 
_refine.ls_restrained_S_obs                      ? 
_refine.ls_shift_over_esd_max                    ? 
_refine.ls_shift_over_esd_mean                   ? 
_refine.ls_structure_factor_coef                 ? 
_refine.ls_weighting_details                     ? 
_refine.ls_weighting_scheme                      ? 
_refine.ls_wR_factor_all                         ? 
_refine.ls_wR_factor_obs                         ? 
_refine.ls_wR_factor_R_free                      ? 
_refine.ls_wR_factor_R_work                      ? 
_refine.occupancy_max                            ? 
_refine.occupancy_min                            ? 
_refine.solvent_model_details                    ? 
_refine.solvent_model_param_bsol                 ? 
_refine.solvent_model_param_ksol                 ? 
_refine.ls_R_factor_gt                           ? 
_refine.ls_goodness_of_fit_gt                    ? 
_refine.ls_goodness_of_fit_ref                   ? 
_refine.ls_shift_over_su_max                     ? 
_refine.ls_shift_over_su_max_lt                  ? 
_refine.ls_shift_over_su_mean                    ? 
_refine.ls_shift_over_su_mean_lt                 ? 
_refine.pdbx_ls_sigma_I                          ? 
_refine.pdbx_ls_sigma_F                          1.34 
_refine.pdbx_ls_sigma_Fsqd                       ? 
_refine.pdbx_data_cutoff_high_absF               ? 
_refine.pdbx_data_cutoff_high_rms_absF           ? 
_refine.pdbx_data_cutoff_low_absF                ? 
_refine.pdbx_isotropic_thermal_model             ? 
_refine.pdbx_ls_cross_valid_method               'FREE R-VALUE' 
_refine.pdbx_method_to_determine_struct          'MOLECULAR REPLACEMENT' 
_refine.pdbx_starting_model                      3F0Q 
_refine.pdbx_stereochemistry_target_values       ? 
_refine.pdbx_R_Free_selection_details            ? 
_refine.pdbx_stereochem_target_val_spec_case     ? 
_refine.pdbx_overall_ESU_R                       ? 
_refine.pdbx_overall_ESU_R_Free                  ? 
_refine.pdbx_solvent_vdw_probe_radii             1.11 
_refine.pdbx_solvent_ion_probe_radii             ? 
_refine.pdbx_solvent_shrinkage_radii             0.90 
_refine.pdbx_real_space_R                        ? 
_refine.pdbx_density_correlation                 ? 
_refine.pdbx_pd_number_of_powder_patterns        ? 
_refine.pdbx_pd_number_of_points                 ? 
_refine.pdbx_pd_meas_number_of_points            ? 
_refine.pdbx_pd_proc_ls_prof_R_factor            ? 
_refine.pdbx_pd_proc_ls_prof_wR_factor           ? 
_refine.pdbx_pd_Marquardt_correlation_coeff      ? 
_refine.pdbx_pd_Fsqrd_R_factor                   ? 
_refine.pdbx_pd_ls_matrix_band_width             ? 
_refine.pdbx_overall_phase_error                 22.09 
_refine.pdbx_overall_SU_R_free_Cruickshank_DPI   ? 
_refine.pdbx_overall_SU_R_free_Blow_DPI          ? 
_refine.pdbx_overall_SU_R_Blow_DPI               ? 
_refine.pdbx_TLS_residual_ADP_flag               ? 
_refine.pdbx_diffrn_id                           1 
_refine.overall_SU_B                             ? 
_refine.overall_SU_ML                            0.19 
_refine.overall_SU_R_Cruickshank_DPI             ? 
_refine.overall_SU_R_free                        ? 
_refine.overall_FOM_free_R_set                   ? 
_refine.overall_FOM_work_R_set                   ? 
_refine.pdbx_average_fsc_overall                 ? 
_refine.pdbx_average_fsc_work                    ? 
_refine.pdbx_average_fsc_free                    ? 
# 
_refine_hist.pdbx_refine_id                   'X-RAY DIFFRACTION' 
_refine_hist.cycle_id                         LAST 
_refine_hist.pdbx_number_atoms_protein        1273 
_refine_hist.pdbx_number_atoms_nucleic_acid   0 
_refine_hist.pdbx_number_atoms_ligand         87 
_refine_hist.number_atoms_solvent             63 
_refine_hist.number_atoms_total               1423 
_refine_hist.d_res_high                       1.860 
_refine_hist.d_res_low                        32.11 
# 
loop_
_refine_ls_restr.pdbx_refine_id 
_refine_ls_restr.criterion 
_refine_ls_restr.dev_ideal 
_refine_ls_restr.dev_ideal_target 
_refine_ls_restr.number 
_refine_ls_restr.rejects 
_refine_ls_restr.type 
_refine_ls_restr.weight 
_refine_ls_restr.pdbx_restraint_function 
'X-RAY DIFFRACTION' ? 0.007 ? 1425 ? f_bond_d           ? ? 
'X-RAY DIFFRACTION' ? 1.039 ? 1950 ? f_angle_d          ? ? 
'X-RAY DIFFRACTION' ? 5.682 ? 1138 ? f_dihedral_angle_d ? ? 
'X-RAY DIFFRACTION' ? 0.067 ? 215  ? f_chiral_restr     ? ? 
'X-RAY DIFFRACTION' ? 0.006 ? 241  ? f_plane_restr      ? ? 
# 
loop_
_refine_ls_shell.pdbx_refine_id 
_refine_ls_shell.d_res_high 
_refine_ls_shell.d_res_low 
_refine_ls_shell.number_reflns_all 
_refine_ls_shell.number_reflns_obs 
_refine_ls_shell.number_reflns_R_free 
_refine_ls_shell.number_reflns_R_work 
_refine_ls_shell.percent_reflns_obs 
_refine_ls_shell.percent_reflns_R_free 
_refine_ls_shell.R_factor_all 
_refine_ls_shell.R_factor_obs 
_refine_ls_shell.R_factor_R_free 
_refine_ls_shell.R_factor_R_free_error 
_refine_ls_shell.R_factor_R_work 
_refine_ls_shell.redundancy_reflns_all 
_refine_ls_shell.redundancy_reflns_obs 
_refine_ls_shell.wR_factor_all 
_refine_ls_shell.wR_factor_obs 
_refine_ls_shell.wR_factor_R_free 
_refine_ls_shell.wR_factor_R_work 
_refine_ls_shell.pdbx_total_number_of_bins_used 
_refine_ls_shell.pdbx_phase_error 
_refine_ls_shell.pdbx_fsc_work 
_refine_ls_shell.pdbx_fsc_free 
'X-RAY DIFFRACTION' 1.8597 1.9144  . . 139 1258 98.00  . . . 0.3025 . 0.2517 . . . . . . . . . . 
'X-RAY DIFFRACTION' 1.9144 1.9762  . . 142 1275 99.00  . . . 0.2619 . 0.2297 . . . . . . . . . . 
'X-RAY DIFFRACTION' 1.9762 2.0468  . . 140 1258 99.00  . . . 0.2751 . 0.2159 . . . . . . . . . . 
'X-RAY DIFFRACTION' 2.0468 2.1288  . . 142 1280 99.00  . . . 0.2698 . 0.2092 . . . . . . . . . . 
'X-RAY DIFFRACTION' 2.1288 2.2256  . . 142 1270 99.00  . . . 0.2077 . 0.1975 . . . . . . . . . . 
'X-RAY DIFFRACTION' 2.2256 2.3429  . . 143 1291 99.00  . . . 0.2533 . 0.2088 . . . . . . . . . . 
'X-RAY DIFFRACTION' 2.3429 2.4897  . . 144 1300 99.00  . . . 0.2701 . 0.2091 . . . . . . . . . . 
'X-RAY DIFFRACTION' 2.4897 2.6818  . . 145 1294 100.00 . . . 0.2178 . 0.2108 . . . . . . . . . . 
'X-RAY DIFFRACTION' 2.6818 2.9515  . . 145 1315 100.00 . . . 0.2456 . 0.2212 . . . . . . . . . . 
'X-RAY DIFFRACTION' 2.9515 3.3783  . . 149 1332 100.00 . . . 0.2163 . 0.2072 . . . . . . . . . . 
'X-RAY DIFFRACTION' 3.3783 4.2548  . . 149 1354 100.00 . . . 0.2081 . 0.1614 . . . . . . . . . . 
'X-RAY DIFFRACTION' 4.2548 32.6584 . . 163 1459 100.00 . . . 0.1608 . 0.1494 . . . . . . . . . . 
# 
_struct.entry_id                     6P9Z 
_struct.title                        'Staphylococcus aureus Dihydrofolate reductase in complex with NADPH and Methotrexate' 
_struct.pdbx_model_details           ? 
_struct.pdbx_formula_weight          ? 
_struct.pdbx_formula_weight_method   ? 
_struct.pdbx_model_type_details      ? 
_struct.pdbx_CASP_flag               N 
# 
_struct_keywords.entry_id        6P9Z 
_struct_keywords.text            'DHFR, methotrexate, antifolate, NADPH, ANTIMICROBIAL PROTEIN, oxidoreductase' 
_struct_keywords.pdbx_keywords   'antimicrobial protein, oxidoreductase' 
# 
loop_
_struct_asym.id 
_struct_asym.pdbx_blank_PDB_chainid_flag 
_struct_asym.pdbx_modified 
_struct_asym.entity_id 
_struct_asym.details 
A N N 1 ? 
B N N 2 ? 
C N N 3 ? 
D N N 4 ? 
E N N 5 ? 
# 
loop_
_struct_conf.conf_type_id 
_struct_conf.id 
_struct_conf.pdbx_PDB_helix_id 
_struct_conf.beg_label_comp_id 
_struct_conf.beg_label_asym_id 
_struct_conf.beg_label_seq_id 
_struct_conf.pdbx_beg_PDB_ins_code 
_struct_conf.end_label_comp_id 
_struct_conf.end_label_asym_id 
_struct_conf.end_label_seq_id 
_struct_conf.pdbx_end_PDB_ins_code 
_struct_conf.beg_auth_comp_id 
_struct_conf.beg_auth_asym_id 
_struct_conf.beg_auth_seq_id 
_struct_conf.end_auth_comp_id 
_struct_conf.end_auth_asym_id 
_struct_conf.end_auth_seq_id 
_struct_conf.pdbx_PDB_helix_class 
_struct_conf.details 
_struct_conf.pdbx_PDB_helix_length 
HELX_P HELX_P1 AA1 LEU A 24  ? THR A 36  ? LEU X 24  THR X 36  1 ? 13 
HELX_P HELX_P2 AA2 ARG A 44  ? GLY A 51  ? ARG X 44  GLY X 51  1 ? 8  
HELX_P HELX_P3 AA3 SER A 78  ? LEU A 85  ? SER X 78  LEU X 85  5 ? 8  
HELX_P HELX_P4 AA4 GLY A 94  ? ILE A 102 ? GLY X 94  ILE X 102 1 ? 9  
HELX_P HELX_P5 AA5 THR A 127 ? GLU A 129 ? THR X 127 GLU X 129 5 ? 3  
# 
_struct_conf_type.id          HELX_P 
_struct_conf_type.criteria    ? 
_struct_conf_type.reference   ? 
# 
_struct_mon_prot_cis.pdbx_id                1 
_struct_mon_prot_cis.label_comp_id          GLY 
_struct_mon_prot_cis.label_seq_id           93 
_struct_mon_prot_cis.label_asym_id          A 
_struct_mon_prot_cis.label_alt_id           . 
_struct_mon_prot_cis.pdbx_PDB_ins_code      ? 
_struct_mon_prot_cis.auth_comp_id           GLY 
_struct_mon_prot_cis.auth_seq_id            93 
_struct_mon_prot_cis.auth_asym_id           X 
_struct_mon_prot_cis.pdbx_label_comp_id_2   GLY 
_struct_mon_prot_cis.pdbx_label_seq_id_2    94 
_struct_mon_prot_cis.pdbx_label_asym_id_2   A 
_struct_mon_prot_cis.pdbx_PDB_ins_code_2    ? 
_struct_mon_prot_cis.pdbx_auth_comp_id_2    GLY 
_struct_mon_prot_cis.pdbx_auth_seq_id_2     94 
_struct_mon_prot_cis.pdbx_auth_asym_id_2    X 
_struct_mon_prot_cis.pdbx_PDB_model_num     1 
_struct_mon_prot_cis.pdbx_omega_angle       2.38 
# 
loop_
_struct_sheet.id 
_struct_sheet.type 
_struct_sheet.number_strands 
_struct_sheet.details 
AA1 ? 8 ? 
AA2 ? 2 ? 
# 
loop_
_struct_sheet_order.sheet_id 
_struct_sheet_order.range_id_1 
_struct_sheet_order.range_id_2 
_struct_sheet_order.offset 
_struct_sheet_order.sense 
AA1 1 2 ? parallel      
AA1 2 3 ? parallel      
AA1 3 4 ? parallel      
AA1 4 5 ? parallel      
AA1 5 6 ? parallel      
AA1 6 7 ? anti-parallel 
AA1 7 8 ? anti-parallel 
AA2 1 2 ? anti-parallel 
# 
loop_
_struct_sheet_range.sheet_id 
_struct_sheet_range.id 
_struct_sheet_range.beg_label_comp_id 
_struct_sheet_range.beg_label_asym_id 
_struct_sheet_range.beg_label_seq_id 
_struct_sheet_range.pdbx_beg_PDB_ins_code 
_struct_sheet_range.end_label_comp_id 
_struct_sheet_range.end_label_asym_id 
_struct_sheet_range.end_label_seq_id 
_struct_sheet_range.pdbx_end_PDB_ins_code 
_struct_sheet_range.beg_auth_comp_id 
_struct_sheet_range.beg_auth_asym_id 
_struct_sheet_range.beg_auth_seq_id 
_struct_sheet_range.end_auth_comp_id 
_struct_sheet_range.end_auth_asym_id 
_struct_sheet_range.end_auth_seq_id 
AA1 1 ASP A 74  ? ILE A 76  ? ASP X 74  ILE X 76  
AA1 2 ARG A 58  ? LEU A 62  ? ARG X 58  LEU X 62  
AA1 3 THR A 39  ? GLY A 43  ? THR X 39  GLY X 43  
AA1 4 VAL A 89  ? GLY A 93  ? VAL X 89  GLY X 93  
AA1 5 LEU A 2   ? ASP A 9   ? LEU X 2   ASP X 9   
AA1 6 ASP A 107 ? ILE A 113 ? ASP X 107 ILE X 113 
AA1 7 HIS A 149 ? ARG A 156 ? HIS X 149 ARG X 156 
AA1 8 TRP A 131 ? GLU A 138 ? TRP X 131 GLU X 138 
AA2 1 VAL A 13  ? GLY A 15  ? VAL X 13  GLY X 15  
AA2 2 THR A 121 ? PHE A 122 ? THR X 121 PHE X 122 
# 
loop_
_pdbx_struct_sheet_hbond.sheet_id 
_pdbx_struct_sheet_hbond.range_id_1 
_pdbx_struct_sheet_hbond.range_id_2 
_pdbx_struct_sheet_hbond.range_1_label_atom_id 
_pdbx_struct_sheet_hbond.range_1_label_comp_id 
_pdbx_struct_sheet_hbond.range_1_label_asym_id 
_pdbx_struct_sheet_hbond.range_1_label_seq_id 
_pdbx_struct_sheet_hbond.range_1_PDB_ins_code 
_pdbx_struct_sheet_hbond.range_1_auth_atom_id 
_pdbx_struct_sheet_hbond.range_1_auth_comp_id 
_pdbx_struct_sheet_hbond.range_1_auth_asym_id 
_pdbx_struct_sheet_hbond.range_1_auth_seq_id 
_pdbx_struct_sheet_hbond.range_2_label_atom_id 
_pdbx_struct_sheet_hbond.range_2_label_comp_id 
_pdbx_struct_sheet_hbond.range_2_label_asym_id 
_pdbx_struct_sheet_hbond.range_2_label_seq_id 
_pdbx_struct_sheet_hbond.range_2_PDB_ins_code 
_pdbx_struct_sheet_hbond.range_2_auth_atom_id 
_pdbx_struct_sheet_hbond.range_2_auth_comp_id 
_pdbx_struct_sheet_hbond.range_2_auth_asym_id 
_pdbx_struct_sheet_hbond.range_2_auth_seq_id 
AA1 1 2 O ASP A 74  ? O ASP X 74  N ASN A 59  ? N ASN X 59  
AA1 2 3 O ARG A 58  ? O ARG X 58  N LEU A 40  ? N LEU X 40  
AA1 3 4 N VAL A 41  ? N VAL X 41  O PHE A 92  ? O PHE X 92  
AA1 4 5 O ILE A 91  ? O ILE X 91  N SER A 3   ? N SER X 3   
AA1 5 6 N ILE A 4   ? N ILE X 4   O TYR A 109 ? O TYR X 109 
AA1 6 7 N ILE A 110 ? N ILE X 110 O LEU A 152 ? O LEU X 152 
AA1 7 8 O PHE A 151 ? O PHE X 151 N VAL A 137 ? N VAL X 137 
AA2 1 2 N ILE A 14  ? N ILE X 14  O THR A 121 ? O THR X 121 
# 
loop_
_struct_site.id 
_struct_site.pdbx_evidence_code 
_struct_site.pdbx_auth_asym_id 
_struct_site.pdbx_auth_comp_id 
_struct_site.pdbx_auth_seq_id 
_struct_site.pdbx_auth_ins_code 
_struct_site.pdbx_num_residues 
_struct_site.details 
AC1 Software X MTX 201 ? 16 'binding site for residue MTX X 201' 
AC2 Software X NAP 202 ? 29 'binding site for residue NAP X 202' 
AC3 Software X GOL 203 ? 4  'binding site for residue GOL X 203' 
# 
loop_
_struct_site_gen.id 
_struct_site_gen.site_id 
_struct_site_gen.pdbx_num_res 
_struct_site_gen.label_comp_id 
_struct_site_gen.label_asym_id 
_struct_site_gen.label_seq_id 
_struct_site_gen.pdbx_auth_ins_code 
_struct_site_gen.auth_comp_id 
_struct_site_gen.auth_asym_id 
_struct_site_gen.auth_seq_id 
_struct_site_gen.label_atom_id 
_struct_site_gen.label_alt_id 
_struct_site_gen.symmetry 
_struct_site_gen.details 
1  AC1 16 LEU A 5   ? LEU X 5   . ? 1_555 ? 
2  AC1 16 VAL A 6   ? VAL X 6   . ? 1_555 ? 
3  AC1 16 ALA A 7   ? ALA X 7   . ? 1_555 ? 
4  AC1 16 LEU A 20  ? LEU X 20  . ? 1_555 ? 
5  AC1 16 ASP A 27  ? ASP X 27  . ? 1_555 ? 
6  AC1 16 LEU A 28  ? LEU X 28  . ? 1_555 ? 
7  AC1 16 VAL A 31  ? VAL X 31  . ? 1_555 ? 
8  AC1 16 LYS A 32  ? LYS X 32  . ? 1_555 ? 
9  AC1 16 ARG A 57  ? ARG X 57  . ? 1_555 ? 
10 AC1 16 PHE A 92  ? PHE X 92  . ? 1_555 ? 
11 AC1 16 THR A 111 ? THR X 111 . ? 1_555 ? 
12 AC1 16 NAP C .   ? NAP X 202 . ? 1_555 ? 
13 AC1 16 HOH E .   ? HOH X 311 . ? 1_555 ? 
14 AC1 16 HOH E .   ? HOH X 324 . ? 1_555 ? 
15 AC1 16 HOH E .   ? HOH X 329 . ? 1_555 ? 
16 AC1 16 HOH E .   ? HOH X 346 . ? 1_555 ? 
17 AC2 29 VAL A 6   ? VAL X 6   . ? 1_555 ? 
18 AC2 29 ALA A 7   ? ALA X 7   . ? 1_555 ? 
19 AC2 29 ILE A 14  ? ILE X 14  . ? 1_555 ? 
20 AC2 29 GLY A 15  ? GLY X 15  . ? 1_555 ? 
21 AC2 29 ASN A 18  ? ASN X 18  . ? 1_555 ? 
22 AC2 29 GLN A 19  ? GLN X 19  . ? 1_555 ? 
23 AC2 29 LEU A 20  ? LEU X 20  . ? 1_555 ? 
24 AC2 29 TRP A 22  ? TRP X 22  . ? 1_555 ? 
25 AC2 29 GLY A 43  ? GLY X 43  . ? 1_555 ? 
26 AC2 29 ARG A 44  ? ARG X 44  . ? 1_555 ? 
27 AC2 29 LYS A 45  ? LYS X 45  . ? 1_555 ? 
28 AC2 29 THR A 46  ? THR X 46  . ? 1_555 ? 
29 AC2 29 LEU A 62  ? LEU X 62  . ? 1_555 ? 
30 AC2 29 THR A 63  ? THR X 63  . ? 1_555 ? 
31 AC2 29 SER A 64  ? SER X 64  . ? 1_555 ? 
32 AC2 29 ILE A 79  ? ILE X 79  . ? 1_555 ? 
33 AC2 29 PHE A 92  ? PHE X 92  . ? 1_555 ? 
34 AC2 29 GLY A 94  ? GLY X 94  . ? 1_555 ? 
35 AC2 29 GLN A 95  ? GLN X 95  . ? 1_555 ? 
36 AC2 29 THR A 96  ? THR X 96  . ? 1_555 ? 
37 AC2 29 GLU A 100 ? GLU X 100 . ? 1_555 ? 
38 AC2 29 THR A 121 ? THR X 121 . ? 1_555 ? 
39 AC2 29 MTX B .   ? MTX X 201 . ? 1_555 ? 
40 AC2 29 HOH E .   ? HOH X 308 . ? 1_555 ? 
41 AC2 29 HOH E .   ? HOH X 314 . ? 1_555 ? 
42 AC2 29 HOH E .   ? HOH X 323 . ? 1_555 ? 
43 AC2 29 HOH E .   ? HOH X 325 . ? 1_555 ? 
44 AC2 29 HOH E .   ? HOH X 329 . ? 1_555 ? 
45 AC2 29 HOH E .   ? HOH X 338 . ? 1_555 ? 
46 AC3 4  ARG A 12  ? ARG X 12  . ? 1_555 ? 
47 AC3 4  PRO A 125 ? PRO X 125 . ? 1_555 ? 
48 AC3 4  TYR A 126 ? TYR X 126 . ? 1_555 ? 
49 AC3 4  GLU A 132 ? GLU X 132 . ? 6_555 ? 
# 
_atom_sites.entry_id                    6P9Z 
_atom_sites.Cartn_transf_matrix[1][1]   ? 
_atom_sites.Cartn_transf_matrix[1][2]   ? 
_atom_sites.Cartn_transf_matrix[1][3]   ? 
_atom_sites.Cartn_transf_matrix[2][1]   ? 
_atom_sites.Cartn_transf_matrix[2][2]   ? 
_atom_sites.Cartn_transf_matrix[2][3]   ? 
_atom_sites.Cartn_transf_matrix[3][1]   ? 
_atom_sites.Cartn_transf_matrix[3][2]   ? 
_atom_sites.Cartn_transf_matrix[3][3]   ? 
_atom_sites.Cartn_transf_vector[1]      ? 
_atom_sites.Cartn_transf_vector[2]      ? 
_atom_sites.Cartn_transf_vector[3]      ? 
_atom_sites.fract_transf_matrix[1][1]   0.00051519 
_atom_sites.fract_transf_matrix[1][2]   0.00889702 
_atom_sites.fract_transf_matrix[1][3]   0.01157752 
_atom_sites.fract_transf_matrix[2][1]   0.00697380 
_atom_sites.fract_transf_matrix[2][2]   0.01280430 
_atom_sites.fract_transf_matrix[2][3]   -0.00093171 
_atom_sites.fract_transf_matrix[3][1]   -0.00776136 
_atom_sites.fract_transf_matrix[3][2]   0.00402713 
_atom_sites.fract_transf_matrix[3][3]   -0.00274937 
_atom_sites.fract_transf_vector[1]      -0.400779 
_atom_sites.fract_transf_vector[2]      -0.173943 
_atom_sites.fract_transf_vector[3]      0.357282 
_atom_sites.solution_primary            ? 
_atom_sites.solution_secondary          ? 
_atom_sites.solution_hydrogens          ? 
_atom_sites.special_details             ? 
# 
loop_
_atom_type.symbol 
C 
N 
O 
P 
S 
# 
loop_
_atom_site.group_PDB 
_atom_site.id 
_atom_site.type_symbol 
_atom_site.label_atom_id 
_atom_site.label_alt_id 
_atom_site.label_comp_id 
_atom_site.label_asym_id 
_atom_site.label_entity_id 
_atom_site.label_seq_id 
_atom_site.pdbx_PDB_ins_code 
_atom_site.Cartn_x 
_atom_site.Cartn_y 
_atom_site.Cartn_z 
_atom_site.occupancy 
_atom_site.B_iso_or_equiv 
_atom_site.pdbx_formal_charge 
_atom_site.auth_seq_id 
_atom_site.auth_comp_id 
_atom_site.auth_asym_id 
_atom_site.auth_atom_id 
_atom_site.pdbx_PDB_model_num 
ATOM   1    N N   . THR A 1 1   ? 12.812  -5.639  7.281   1.00 44.36 ? 1   THR X N   1 
ATOM   2    C CA  . THR A 1 1   ? 11.864  -4.574  7.601   1.00 42.67 ? 1   THR X CA  1 
ATOM   3    C C   . THR A 1 1   ? 10.461  -4.855  7.046   1.00 35.29 ? 1   THR X C   1 
ATOM   4    O O   . THR A 1 1   ? 10.294  -5.323  5.910   1.00 34.60 ? 1   THR X O   1 
ATOM   5    C CB  . THR A 1 1   ? 12.333  -3.209  7.061   1.00 42.96 ? 1   THR X CB  1 
ATOM   6    O OG1 . THR A 1 1   ? 13.743  -3.066  7.271   1.00 52.80 ? 1   THR X OG1 1 
ATOM   7    C CG2 . THR A 1 1   ? 11.603  -2.070  7.769   1.00 33.93 ? 1   THR X CG2 1 
ATOM   8    N N   . LEU A 1 2   ? 9.459   -4.562  7.869   1.00 34.81 ? 2   LEU X N   1 
ATOM   9    C CA  . LEU A 1 2   ? 8.056   -4.684  7.505   1.00 26.43 ? 2   LEU X CA  1 
ATOM   10   C C   . LEU A 1 2   ? 7.444   -3.286  7.470   1.00 26.49 ? 2   LEU X C   1 
ATOM   11   O O   . LEU A 1 2   ? 7.353   -2.625  8.505   1.00 24.95 ? 2   LEU X O   1 
ATOM   12   C CB  . LEU A 1 2   ? 7.331   -5.571  8.508   1.00 25.34 ? 2   LEU X CB  1 
ATOM   13   C CG  . LEU A 1 2   ? 5.899   -5.974  8.175   1.00 33.44 ? 2   LEU X CG  1 
ATOM   14   C CD1 . LEU A 1 2   ? 5.842   -6.764  6.872   1.00 30.23 ? 2   LEU X CD1 1 
ATOM   15   C CD2 . LEU A 1 2   ? 5.317   -6.779  9.332   1.00 31.02 ? 2   LEU X CD2 1 
ATOM   16   N N   . SER A 1 3   ? 7.019   -2.850  6.290   1.00 23.99 ? 3   SER X N   1 
ATOM   17   C CA  . SER A 1 3   ? 6.503   -1.502  6.090   1.00 22.13 ? 3   SER X CA  1 
ATOM   18   C C   . SER A 1 3   ? 5.099   -1.537  5.495   1.00 28.06 ? 3   SER X C   1 
ATOM   19   O O   . SER A 1 3   ? 4.747   -2.458  4.753   1.00 25.79 ? 3   SER X O   1 
ATOM   20   C CB  . SER A 1 3   ? 7.408   -0.715  5.141   1.00 22.49 ? 3   SER X CB  1 
ATOM   21   O OG  . SER A 1 3   ? 8.769   -0.833  5.522   1.00 28.37 ? 3   SER X OG  1 
ATOM   22   N N   . ILE A 1 4   ? 4.306   -0.507  5.801   1.00 19.55 ? 4   ILE X N   1 
ATOM   23   C CA  . ILE A 1 4   ? 3.092   -0.217  5.040   1.00 16.91 ? 4   ILE X CA  1 
ATOM   24   C C   . ILE A 1 4   ? 3.442   0.706   3.879   1.00 23.28 ? 4   ILE X C   1 
ATOM   25   O O   . ILE A 1 4   ? 4.335   1.557   3.988   1.00 20.52 ? 4   ILE X O   1 
ATOM   26   C CB  . ILE A 1 4   ? 2.005   0.384   5.959   1.00 19.56 ? 4   ILE X CB  1 
ATOM   27   C CG1 . ILE A 1 4   ? 1.156   -0.758  6.535   1.00 15.36 ? 4   ILE X CG1 1 
ATOM   28   C CG2 . ILE A 1 4   ? 1.115   1.411   5.227   1.00 20.61 ? 4   ILE X CG2 1 
ATOM   29   C CD1 . ILE A 1 4   ? 0.180   -0.343  7.632   1.00 17.00 ? 4   ILE X CD1 1 
ATOM   30   N N   . LEU A 1 5   ? 2.777   0.500   2.743   1.00 16.70 ? 5   LEU X N   1 
ATOM   31   C CA  . LEU A 1 5   ? 2.870   1.367   1.572   1.00 19.42 ? 5   LEU X CA  1 
ATOM   32   C C   . LEU A 1 5   ? 1.447   1.684   1.144   1.00 20.71 ? 5   LEU X C   1 
ATOM   33   O O   . LEU A 1 5   ? 0.707   0.770   0.769   1.00 19.21 ? 5   LEU X O   1 
ATOM   34   C CB  . LEU A 1 5   ? 3.643   0.661   0.445   1.00 15.73 ? 5   LEU X CB  1 
ATOM   35   C CG  . LEU A 1 5   ? 3.856   1.349   -0.896  1.00 19.80 ? 5   LEU X CG  1 
ATOM   36   C CD1 . LEU A 1 5   ? 4.416   2.763   -0.700  1.00 22.44 ? 5   LEU X CD1 1 
ATOM   37   C CD2 . LEU A 1 5   ? 4.793   0.521   -1.811  1.00 22.97 ? 5   LEU X CD2 1 
ATOM   38   N N   . VAL A 1 6   ? 1.041   2.960   1.229   1.00 17.00 ? 6   VAL X N   1 
ATOM   39   C CA  . VAL A 1 6   ? -0.358  3.335   0.997   1.00 14.84 ? 6   VAL X CA  1 
ATOM   40   C C   . VAL A 1 6   ? -0.430  4.775   0.489   1.00 16.59 ? 6   VAL X C   1 
ATOM   41   O O   . VAL A 1 6   ? 0.419   5.612   0.808   1.00 18.28 ? 6   VAL X O   1 
ATOM   42   C CB  . VAL A 1 6   ? -1.205  3.170   2.293   1.00 15.82 ? 6   VAL X CB  1 
ATOM   43   C CG1 . VAL A 1 6   ? -0.674  4.092   3.392   1.00 14.99 ? 6   VAL X CG1 1 
ATOM   44   C CG2 . VAL A 1 6   ? -2.686  3.466   2.049   1.00 17.98 ? 6   VAL X CG2 1 
ATOM   45   N N   . ALA A 1 7   ? -1.450  5.045   -0.324  1.00 14.18 ? 7   ALA X N   1 
ATOM   46   C CA  . ALA A 1 7   ? -1.884  6.389   -0.688  1.00 16.47 ? 7   ALA X CA  1 
ATOM   47   C C   . ALA A 1 7   ? -3.304  6.600   -0.159  1.00 16.77 ? 7   ALA X C   1 
ATOM   48   O O   . ALA A 1 7   ? -4.200  5.793   -0.441  1.00 16.56 ? 7   ALA X O   1 
ATOM   49   C CB  . ALA A 1 7   ? -1.838  6.574   -2.208  1.00 15.81 ? 7   ALA X CB  1 
ATOM   50   N N   . HIS A 1 8   ? -3.506  7.654   0.636   1.00 13.43 ? 8   HIS X N   1 
ATOM   51   C CA  . HIS A 1 8   ? -4.831  7.928   1.185   1.00 14.61 ? 8   HIS X CA  1 
ATOM   52   C C   . HIS A 1 8   ? -5.085  9.426   1.121   1.00 18.49 ? 8   HIS X C   1 
ATOM   53   O O   . HIS A 1 8   ? -4.148  10.231  1.118   1.00 17.16 ? 8   HIS X O   1 
ATOM   54   C CB  . HIS A 1 8   ? -5.016  7.368   2.625   1.00 12.95 ? 8   HIS X CB  1 
ATOM   55   C CG  . HIS A 1 8   ? -4.317  8.129   3.726   1.00 14.32 ? 8   HIS X CG  1 
ATOM   56   N ND1 . HIS A 1 8   ? -4.629  9.431   4.061   1.00 15.48 ? 8   HIS X ND1 1 
ATOM   57   C CD2 . HIS A 1 8   ? -3.381  7.730   4.620   1.00 18.09 ? 8   HIS X CD2 1 
ATOM   58   C CE1 . HIS A 1 8   ? -3.884  9.815   5.083   1.00 17.38 ? 8   HIS X CE1 1 
ATOM   59   N NE2 . HIS A 1 8   ? -3.121  8.800   5.447   1.00 18.92 ? 8   HIS X NE2 1 
ATOM   60   N N   . ASP A 1 9   ? -6.363  9.787   1.010   1.00 15.56 ? 9   ASP X N   1 
ATOM   61   C CA  . ASP A 1 9   ? -6.750  11.180  0.851   1.00 15.58 ? 9   ASP X CA  1 
ATOM   62   C C   . ASP A 1 9   ? -6.919  11.841  2.227   1.00 14.21 ? 9   ASP X C   1 
ATOM   63   O O   . ASP A 1 9   ? -6.577  11.270  3.260   1.00 16.52 ? 9   ASP X O   1 
ATOM   64   C CB  . ASP A 1 9   ? -7.981  11.267  -0.069  1.00 16.09 ? 9   ASP X CB  1 
ATOM   65   C CG  . ASP A 1 9   ? -9.328  11.108  0.657   1.00 18.05 ? 9   ASP X CG  1 
ATOM   66   O OD1 . ASP A 1 9   ? -9.372  10.744  1.843   1.00 17.77 ? 9   ASP X OD1 1 
ATOM   67   O OD2 . ASP A 1 9   ? -10.369 11.333  -0.006  1.00 18.61 ? 9   ASP X OD2 1 
ATOM   68   N N   . LEU A 1 10  ? -7.422  13.078  2.242   1.00 16.56 ? 10  LEU X N   1 
ATOM   69   C CA  . LEU A 1 10  ? -7.513  13.843  3.481   1.00 17.57 ? 10  LEU X CA  1 
ATOM   70   C C   . LEU A 1 10  ? -8.422  13.186  4.508   1.00 21.54 ? 10  LEU X C   1 
ATOM   71   O O   . LEU A 1 10  ? -8.291  13.470  5.708   1.00 17.94 ? 10  LEU X O   1 
ATOM   72   C CB  . LEU A 1 10  ? -8.014  15.249  3.179   1.00 16.61 ? 10  LEU X CB  1 
ATOM   73   C CG  . LEU A 1 10  ? -7.034  16.072  2.339   1.00 20.51 ? 10  LEU X CG  1 
ATOM   74   C CD1 . LEU A 1 10  ? -7.749  17.274  1.769   1.00 20.57 ? 10  LEU X CD1 1 
ATOM   75   C CD2 . LEU A 1 10  ? -5.824  16.468  3.163   1.00 23.43 ? 10  LEU X CD2 1 
ATOM   76   N N   . GLN A 1 11  ? -9.345  12.333  4.069   1.00 15.62 ? 11  GLN X N   1 
ATOM   77   C CA  . GLN A 1 11  ? -10.225 11.617  4.987   1.00 19.90 ? 11  GLN X CA  1 
ATOM   78   C C   . GLN A 1 11  ? -9.877  10.128  5.089   1.00 17.89 ? 11  GLN X C   1 
ATOM   79   O O   . GLN A 1 11  ? -10.671 9.336   5.624   1.00 17.67 ? 11  GLN X O   1 
ATOM   80   C CB  . GLN A 1 11  ? -11.676 11.842  4.568   1.00 19.53 ? 11  GLN X CB  1 
ATOM   81   C CG  . GLN A 1 11  ? -12.125 13.250  4.973   1.00 28.81 ? 11  GLN X CG  1 
ATOM   82   C CD  . GLN A 1 11  ? -13.416 13.688  4.325   1.00 42.22 ? 11  GLN X CD  1 
ATOM   83   O OE1 . GLN A 1 11  ? -13.738 13.293  3.197   1.00 36.81 ? 11  GLN X OE1 1 
ATOM   84   N NE2 . GLN A 1 11  ? -14.175 14.514  5.043   1.00 29.98 ? 11  GLN X NE2 1 
ATOM   85   N N   . ARG A 1 12  ? -8.682  9.759   4.631   1.00 16.09 ? 12  ARG X N   1 
ATOM   86   C CA  . ARG A 1 12  ? -8.118  8.413   4.632   1.00 14.61 ? 12  ARG X CA  1 
ATOM   87   C C   . ARG A 1 12  ? -8.819  7.471   3.658   1.00 15.51 ? 12  ARG X C   1 
ATOM   88   O O   . ARG A 1 12  ? -8.713  6.255   3.797   1.00 16.25 ? 12  ARG X O   1 
ATOM   89   C CB  . ARG A 1 12  ? -8.094  7.803   6.040   1.00 17.98 ? 12  ARG X CB  1 
ATOM   90   C CG  . ARG A 1 12  ? -6.886  8.227   6.876   1.00 18.98 ? 12  ARG X CG  1 
ATOM   91   C CD  . ARG A 1 12  ? -7.029  7.727   8.321   1.00 20.32 ? 12  ARG X CD  1 
ATOM   92   N NE  . ARG A 1 12  ? -8.142  8.429   8.977   1.00 19.13 ? 12  ARG X NE  1 
ATOM   93   C CZ  . ARG A 1 12  ? -9.371  7.938   9.125   1.00 26.71 ? 12  ARG X CZ  1 
ATOM   94   N NH1 . ARG A 1 12  ? -9.671  6.705   8.685   1.00 17.70 ? 12  ARG X NH1 1 
ATOM   95   N NH2 . ARG A 1 12  ? -10.301 8.692   9.707   1.00 22.60 ? 12  ARG X NH2 1 
ATOM   96   N N   . VAL A 1 13  ? -9.530  8.003   2.664   1.00 13.90 ? 13  VAL X N   1 
ATOM   97   C CA  . VAL A 1 13  ? -10.037 7.151   1.587   1.00 13.59 ? 13  VAL X CA  1 
ATOM   98   C C   . VAL A 1 13  ? -8.861  6.537   0.838   1.00 19.76 ? 13  VAL X C   1 
ATOM   99   O O   . VAL A 1 13  ? -7.878  7.220   0.524   1.00 15.27 ? 13  VAL X O   1 
ATOM   100  C CB  . VAL A 1 13  ? -10.929 7.960   0.629   1.00 17.00 ? 13  VAL X CB  1 
ATOM   101  C CG1 . VAL A 1 13  ? -11.127 7.214   -0.714  1.00 14.89 ? 13  VAL X CG1 1 
ATOM   102  C CG2 . VAL A 1 13  ? -12.268 8.274   1.271   1.00 16.02 ? 13  VAL X CG2 1 
ATOM   103  N N   . ILE A 1 14  ? -8.950  5.237   0.550   1.00 14.06 ? 14  ILE X N   1 
ATOM   104  C CA  . ILE A 1 14  ? -7.963  4.587   -0.302  1.00 12.23 ? 14  ILE X CA  1 
ATOM   105  C C   . ILE A 1 14  ? -8.564  4.002   -1.569  1.00 18.84 ? 14  ILE X C   1 
ATOM   106  O O   . ILE A 1 14  ? -7.807  3.696   -2.503  1.00 17.95 ? 14  ILE X O   1 
ATOM   107  C CB  . ILE A 1 14  ? -7.178  3.491   0.457   1.00 17.14 ? 14  ILE X CB  1 
ATOM   108  C CG1 . ILE A 1 14  ? -8.127  2.373   0.927   1.00 14.64 ? 14  ILE X CG1 1 
ATOM   109  C CG2 . ILE A 1 14  ? -6.350  4.102   1.599   1.00 16.59 ? 14  ILE X CG2 1 
ATOM   110  C CD1 . ILE A 1 14  ? -7.412  1.075   1.370   1.00 19.29 ? 14  ILE X CD1 1 
ATOM   111  N N   . GLY A 1 15  ? -9.886  3.838   -1.664  1.00 16.21 ? 15  GLY X N   1 
ATOM   112  C CA  . GLY A 1 15  ? -10.426 3.109   -2.793  1.00 16.24 ? 15  GLY X CA  1 
ATOM   113  C C   . GLY A 1 15  ? -11.894 3.394   -2.989  1.00 16.57 ? 15  GLY X C   1 
ATOM   114  O O   . GLY A 1 15  ? -12.589 3.874   -2.081  1.00 15.72 ? 15  GLY X O   1 
ATOM   115  N N   . PHE A 1 16  ? -12.356 3.098   -4.200  1.00 15.03 ? 16  PHE X N   1 
ATOM   116  C CA  . PHE A 1 16  ? -13.782 3.142   -4.510  1.00 17.43 ? 16  PHE X CA  1 
ATOM   117  C C   . PHE A 1 16  ? -14.083 2.099   -5.572  1.00 20.21 ? 16  PHE X C   1 
ATOM   118  O O   . PHE A 1 16  ? -13.502 2.141   -6.662  1.00 18.01 ? 16  PHE X O   1 
ATOM   119  C CB  . PHE A 1 16  ? -14.212 4.531   -4.993  1.00 15.82 ? 16  PHE X CB  1 
ATOM   120  C CG  . PHE A 1 16  ? -15.701 4.654   -5.203  1.00 18.63 ? 16  PHE X CG  1 
ATOM   121  C CD1 . PHE A 1 16  ? -16.225 4.870   -6.477  1.00 28.37 ? 16  PHE X CD1 1 
ATOM   122  C CD2 . PHE A 1 16  ? -16.578 4.509   -4.129  1.00 21.81 ? 16  PHE X CD2 1 
ATOM   123  C CE1 . PHE A 1 16  ? -17.605 4.966   -6.680  1.00 24.05 ? 16  PHE X CE1 1 
ATOM   124  C CE2 . PHE A 1 16  ? -17.958 4.613   -4.321  1.00 27.48 ? 16  PHE X CE2 1 
ATOM   125  C CZ  . PHE A 1 16  ? -18.467 4.839   -5.594  1.00 28.44 ? 16  PHE X CZ  1 
ATOM   126  N N   . GLU A 1 17  ? -15.001 1.189   -5.256  1.00 19.30 ? 17  GLU X N   1 
ATOM   127  C CA  . GLU A 1 17  ? -15.431 0.137   -6.177  1.00 19.00 ? 17  GLU X CA  1 
ATOM   128  C C   . GLU A 1 17  ? -14.233 -0.609  -6.764  1.00 17.38 ? 17  GLU X C   1 
ATOM   129  O O   . GLU A 1 17  ? -14.083 -0.739  -7.981  1.00 23.45 ? 17  GLU X O   1 
ATOM   130  C CB  . GLU A 1 17  ? -16.336 0.717   -7.258  1.00 22.23 ? 17  GLU X CB  1 
ATOM   131  C CG  . GLU A 1 17  ? -17.688 1.129   -6.674  1.00 25.19 ? 17  GLU X CG  1 
ATOM   132  C CD  . GLU A 1 17  ? -18.647 1.704   -7.695  1.00 29.42 ? 17  GLU X CD  1 
ATOM   133  O OE1 . GLU A 1 17  ? -18.198 2.130   -8.773  1.00 29.14 ? 17  GLU X OE1 1 
ATOM   134  O OE2 . GLU A 1 17  ? -19.855 1.722   -7.413  1.00 29.30 ? 17  GLU X OE2 1 
ATOM   135  N N   . ASN A 1 18  ? -13.354 -1.063  -5.861  1.00 20.89 ? 18  ASN X N   1 
ATOM   136  C CA  . ASN A 1 18  ? -12.149 -1.840  -6.180  1.00 20.66 ? 18  ASN X CA  1 
ATOM   137  C C   . ASN A 1 18  ? -11.252 -1.144  -7.201  1.00 25.25 ? 18  ASN X C   1 
ATOM   138  O O   . ASN A 1 18  ? -10.556 -1.800  -7.981  1.00 23.80 ? 18  ASN X O   1 
ATOM   139  C CB  . ASN A 1 18  ? -12.519 -3.253  -6.641  1.00 28.04 ? 18  ASN X CB  1 
ATOM   140  C CG  . ASN A 1 18  ? -13.106 -4.080  -5.514  1.00 31.91 ? 18  ASN X CG  1 
ATOM   141  O OD1 . ASN A 1 18  ? -12.714 -3.933  -4.354  1.00 31.97 ? 18  ASN X OD1 1 
ATOM   142  N ND2 . ASN A 1 18  ? -14.061 -4.938  -5.840  1.00 27.73 ? 18  ASN X ND2 1 
ATOM   143  N N   . GLN A 1 19  ? -11.234 0.188   -7.178  1.00 21.25 ? 19  GLN X N   1 
ATOM   144  C CA  . GLN A 1 19  ? -10.316 0.991   -7.975  1.00 20.43 ? 19  GLN X CA  1 
ATOM   145  C C   . GLN A 1 19  ? -9.802  2.126   -7.106  1.00 21.06 ? 19  GLN X C   1 
ATOM   146  O O   . GLN A 1 19  ? -10.295 2.343   -5.999  1.00 19.18 ? 19  GLN X O   1 
ATOM   147  C CB  . GLN A 1 19  ? -10.992 1.557   -9.223  1.00 25.82 ? 19  GLN X CB  1 
ATOM   148  C CG  . GLN A 1 19  ? -11.360 0.511   -10.243 1.00 29.37 ? 19  GLN X CG  1 
ATOM   149  C CD  . GLN A 1 19  ? -11.722 1.146   -11.562 1.00 40.21 ? 19  GLN X CD  1 
ATOM   150  O OE1 . GLN A 1 19  ? -10.872 1.733   -12.235 1.00 50.38 ? 19  GLN X OE1 1 
ATOM   151  N NE2 . GLN A 1 19  ? -12.992 1.068   -11.923 1.00 44.69 ? 19  GLN X NE2 1 
ATOM   152  N N   . LEU A 1 20  ? -8.776  2.846   -7.599  1.00 17.79 ? 20  LEU X N   1 
ATOM   153  C CA  . LEU A 1 20  ? -8.388  4.066   -6.884  1.00 22.48 ? 20  LEU X CA  1 
ATOM   154  C C   . LEU A 1 20  ? -9.276  5.224   -7.315  1.00 20.95 ? 20  LEU X C   1 
ATOM   155  O O   . LEU A 1 20  ? -9.668  5.310   -8.478  1.00 26.13 ? 20  LEU X O   1 
ATOM   156  C CB  . LEU A 1 20  ? -6.938  4.460   -7.173  1.00 21.42 ? 20  LEU X CB  1 
ATOM   157  C CG  . LEU A 1 20  ? -5.854  3.410   -7.094  1.00 33.10 ? 20  LEU X CG  1 
ATOM   158  C CD1 . LEU A 1 20  ? -4.551  4.005   -7.647  1.00 28.84 ? 20  LEU X CD1 1 
ATOM   159  C CD2 . LEU A 1 20  ? -5.731  2.965   -5.666  1.00 25.13 ? 20  LEU X CD2 1 
ATOM   160  N N   . PRO A 1 21  ? -9.583  6.153   -6.404  1.00 16.91 ? 21  PRO X N   1 
ATOM   161  C CA  . PRO A 1 21  ? -10.421 7.300   -6.783  1.00 17.68 ? 21  PRO X CA  1 
ATOM   162  C C   . PRO A 1 21  ? -9.707  8.336   -7.626  1.00 22.70 ? 21  PRO X C   1 
ATOM   163  O O   . PRO A 1 21  ? -10.380 9.179   -8.221  1.00 27.05 ? 21  PRO X O   1 
ATOM   164  C CB  . PRO A 1 21  ? -10.848 7.901   -5.427  1.00 18.31 ? 21  PRO X CB  1 
ATOM   165  C CG  . PRO A 1 21  ? -10.502 6.883   -4.394  1.00 20.07 ? 21  PRO X CG  1 
ATOM   166  C CD  . PRO A 1 21  ? -9.364  6.070   -4.950  1.00 21.39 ? 21  PRO X CD  1 
ATOM   167  N N   . TRP A 1 22  ? -8.377  8.305   -7.693  1.00 22.07 ? 22  TRP X N   1 
ATOM   168  C CA  . TRP A 1 22  ? -7.557  9.298   -8.377  1.00 23.62 ? 22  TRP X CA  1 
ATOM   169  C C   . TRP A 1 22  ? -6.659  8.579   -9.366  1.00 26.98 ? 22  TRP X C   1 
ATOM   170  O O   . TRP A 1 22  ? -6.478  7.366   -9.290  1.00 26.44 ? 22  TRP X O   1 
ATOM   171  C CB  . TRP A 1 22  ? -6.676  10.070  -7.384  1.00 19.62 ? 22  TRP X CB  1 
ATOM   172  C CG  . TRP A 1 22  ? -5.945  9.108   -6.476  1.00 20.69 ? 22  TRP X CG  1 
ATOM   173  C CD1 . TRP A 1 22  ? -4.814  8.375   -6.778  1.00 25.45 ? 22  TRP X CD1 1 
ATOM   174  C CD2 . TRP A 1 22  ? -6.311  8.740   -5.137  1.00 18.54 ? 22  TRP X CD2 1 
ATOM   175  N NE1 . TRP A 1 22  ? -4.465  7.582   -5.712  1.00 21.40 ? 22  TRP X NE1 1 
ATOM   176  C CE2 . TRP A 1 22  ? -5.363  7.789   -4.689  1.00 18.51 ? 22  TRP X CE2 1 
ATOM   177  C CE3 . TRP A 1 22  ? -7.340  9.134   -4.266  1.00 16.73 ? 22  TRP X CE3 1 
ATOM   178  C CZ2 . TRP A 1 22  ? -5.409  7.238   -3.409  1.00 16.81 ? 22  TRP X CZ2 1 
ATOM   179  C CZ3 . TRP A 1 22  ? -7.395  8.561   -3.004  1.00 15.53 ? 22  TRP X CZ3 1 
ATOM   180  C CH2 . TRP A 1 22  ? -6.442  7.631   -2.589  1.00 19.45 ? 22  TRP X CH2 1 
ATOM   181  N N   . HIS A 1 23  ? -6.048  9.333   -10.274 1.00 36.98 ? 23  HIS X N   1 
ATOM   182  C CA  . HIS A 1 23  ? -4.918  8.818   -11.036 1.00 35.94 ? 23  HIS X CA  1 
ATOM   183  C C   . HIS A 1 23  ? -3.751  9.778   -10.875 1.00 32.77 ? 23  HIS X C   1 
ATOM   184  O O   . HIS A 1 23  ? -3.850  10.958  -11.231 1.00 38.47 ? 23  HIS X O   1 
ATOM   185  C CB  . HIS A 1 23  ? -5.242  8.603   -12.520 1.00 49.57 ? 23  HIS X CB  1 
ATOM   186  C CG  . HIS A 1 23  ? -4.173  7.837   -13.243 1.00 53.55 ? 23  HIS X CG  1 
ATOM   187  N ND1 . HIS A 1 23  ? -3.572  8.295   -14.399 1.00 50.02 ? 23  HIS X ND1 1 
ATOM   188  C CD2 . HIS A 1 23  ? -3.559  6.666   -12.938 1.00 46.19 ? 23  HIS X CD2 1 
ATOM   189  C CE1 . HIS A 1 23  ? -2.653  7.427   -14.787 1.00 54.21 ? 23  HIS X CE1 1 
ATOM   190  N NE2 . HIS A 1 23  ? -2.623  6.432   -13.917 1.00 44.51 ? 23  HIS X NE2 1 
ATOM   191  N N   . LEU A 1 24  ? -2.648  9.263   -10.345 1.00 29.48 ? 24  LEU X N   1 
ATOM   192  C CA  . LEU A 1 24  ? -1.508  10.084  -9.969  1.00 29.74 ? 24  LEU X CA  1 
ATOM   193  C C   . LEU A 1 24  ? -0.256  9.336   -10.385 1.00 30.80 ? 24  LEU X C   1 
ATOM   194  O O   . LEU A 1 24  ? 0.335   8.589   -9.592  1.00 24.39 ? 24  LEU X O   1 
ATOM   195  C CB  . LEU A 1 24  ? -1.528  10.387  -8.471  1.00 28.84 ? 24  LEU X CB  1 
ATOM   196  C CG  . LEU A 1 24  ? -0.731  11.604  -8.051  1.00 30.12 ? 24  LEU X CG  1 
ATOM   197  C CD1 . LEU A 1 24  ? -1.114  12.792  -8.912  1.00 28.57 ? 24  LEU X CD1 1 
ATOM   198  C CD2 . LEU A 1 24  ? -0.976  11.873  -6.580  1.00 20.71 ? 24  LEU X CD2 1 
ATOM   199  N N   . PRO A 1 25  ? 0.172   9.497   -11.648 1.00 29.56 ? 25  PRO X N   1 
ATOM   200  C CA  . PRO A 1 25  ? 1.368   8.775   -12.121 1.00 29.89 ? 25  PRO X CA  1 
ATOM   201  C C   . PRO A 1 25  ? 2.591   8.907   -11.228 1.00 25.71 ? 25  PRO X C   1 
ATOM   202  O O   . PRO A 1 25  ? 3.306   7.912   -11.063 1.00 29.58 ? 25  PRO X O   1 
ATOM   203  C CB  . PRO A 1 25  ? 1.610   9.388   -13.510 1.00 34.68 ? 25  PRO X CB  1 
ATOM   204  C CG  . PRO A 1 25  ? 0.240   9.772   -13.983 1.00 43.39 ? 25  PRO X CG  1 
ATOM   205  C CD  . PRO A 1 25  ? -0.527  10.200  -12.739 1.00 28.76 ? 25  PRO X CD  1 
ATOM   206  N N   . ASN A 1 26  ? 2.854   10.091  -10.641 1.00 25.33 ? 26  ASN X N   1 
ATOM   207  C CA  . ASN A 1 26  ? 4.012   10.248  -9.760  1.00 25.16 ? 26  ASN X CA  1 
ATOM   208  C C   . ASN A 1 26  ? 3.952   9.284   -8.585  1.00 25.14 ? 26  ASN X C   1 
ATOM   209  O O   . ASN A 1 26  ? 4.997   8.835   -8.099  1.00 26.65 ? 26  ASN X O   1 
ATOM   210  C CB  . ASN A 1 26  ? 4.113   11.687  -9.225  1.00 26.62 ? 26  ASN X CB  1 
ATOM   211  C CG  . ASN A 1 26  ? 4.599   12.684  -10.272 1.00 39.57 ? 26  ASN X CG  1 
ATOM   212  O OD1 . ASN A 1 26  ? 4.861   12.324  -11.417 1.00 40.71 ? 26  ASN X OD1 1 
ATOM   213  N ND2 . ASN A 1 26  ? 4.708   13.957  -9.877  1.00 39.03 ? 26  ASN X ND2 1 
ATOM   214  N N   . ASP A 1 27  ? 2.745   8.964   -8.108  1.00 21.06 ? 27  ASP X N   1 
ATOM   215  C CA  . ASP A 1 27  ? 2.632   8.063   -6.964  1.00 25.40 ? 27  ASP X CA  1 
ATOM   216  C C   . ASP A 1 27  ? 2.903   6.617   -7.354  1.00 20.90 ? 27  ASP X C   1 
ATOM   217  O O   . ASP A 1 27  ? 3.484   5.855   -6.566  1.00 23.50 ? 27  ASP X O   1 
ATOM   218  C CB  . ASP A 1 27  ? 1.247   8.187   -6.334  1.00 21.13 ? 27  ASP X CB  1 
ATOM   219  C CG  . ASP A 1 27  ? 1.097   7.324   -5.094  1.00 23.38 ? 27  ASP X CG  1 
ATOM   220  O OD1 . ASP A 1 27  ? 0.132   6.524   -5.045  1.00 21.77 ? 27  ASP X OD1 1 
ATOM   221  O OD2 . ASP A 1 27  ? 1.958   7.429   -4.187  1.00 20.30 ? 27  ASP X OD2 1 
ATOM   222  N N   . LEU A 1 28  ? 2.506   6.225   -8.561  1.00 20.48 ? 28  LEU X N   1 
ATOM   223  C CA  . LEU A 1 28  ? 2.835   4.885   -9.018  1.00 26.93 ? 28  LEU X CA  1 
ATOM   224  C C   . LEU A 1 28  ? 4.334   4.745   -9.257  1.00 25.29 ? 28  LEU X C   1 
ATOM   225  O O   . LEU A 1 28  ? 4.910   3.693   -8.967  1.00 26.81 ? 28  LEU X O   1 
ATOM   226  C CB  . LEU A 1 28  ? 2.027   4.550   -10.273 1.00 26.56 ? 28  LEU X CB  1 
ATOM   227  C CG  . LEU A 1 28  ? 0.508   4.633   -10.150 1.00 26.00 ? 28  LEU X CG  1 
ATOM   228  C CD1 . LEU A 1 28  ? -0.142  4.258   -11.482 1.00 31.89 ? 28  LEU X CD1 1 
ATOM   229  C CD2 . LEU A 1 28  ? -0.027  3.752   -9.029  1.00 23.61 ? 28  LEU X CD2 1 
ATOM   230  N N   . LYS A 1 29  ? 5.001   5.793   -9.765  1.00 25.85 ? 29  LYS X N   1 
ATOM   231  C CA  . LYS A 1 29  ? 6.459   5.716   -9.834  1.00 25.33 ? 29  LYS X CA  1 
ATOM   232  C C   . LYS A 1 29  ? 7.093   5.693   -8.453  1.00 27.77 ? 29  LYS X C   1 
ATOM   233  O O   . LYS A 1 29  ? 8.119   5.035   -8.263  1.00 28.51 ? 29  LYS X O   1 
ATOM   234  C CB  . LYS A 1 29  ? 7.046   6.857   -10.670 1.00 27.84 ? 29  LYS X CB  1 
ATOM   235  C CG  . LYS A 1 29  ? 6.184   7.341   -11.818 1.00 44.53 ? 29  LYS X CG  1 
ATOM   236  C CD  . LYS A 1 29  ? 6.512   8.797   -12.145 1.00 56.68 ? 29  LYS X CD  1 
ATOM   237  C CE  . LYS A 1 29  ? 5.524   9.402   -13.135 1.00 51.55 ? 29  LYS X CE  1 
ATOM   238  N NZ  . LYS A 1 29  ? 5.596   10.885  -13.081 1.00 46.14 ? 29  LYS X NZ  1 
ATOM   239  N N   . HIS A 1 30  ? 6.488   6.377   -7.477  1.00 26.56 ? 30  HIS X N   1 
ATOM   240  C CA  . HIS A 1 30  ? 6.902   6.245   -6.083  1.00 27.94 ? 30  HIS X CA  1 
ATOM   241  C C   . HIS A 1 30  ? 6.818   4.797   -5.630  1.00 25.69 ? 30  HIS X C   1 
ATOM   242  O O   . HIS A 1 30  ? 7.742   4.273   -4.997  1.00 25.69 ? 30  HIS X O   1 
ATOM   243  C CB  . HIS A 1 30  ? 6.004   7.130   -5.221  1.00 22.46 ? 30  HIS X CB  1 
ATOM   244  C CG  . HIS A 1 30  ? 6.316   7.107   -3.759  1.00 27.98 ? 30  HIS X CG  1 
ATOM   245  N ND1 . HIS A 1 30  ? 7.471   7.642   -3.231  1.00 25.26 ? 30  HIS X ND1 1 
ATOM   246  C CD2 . HIS A 1 30  ? 5.593   6.660   -2.702  1.00 23.90 ? 30  HIS X CD2 1 
ATOM   247  C CE1 . HIS A 1 30  ? 7.455   7.511   -1.915  1.00 24.55 ? 30  HIS X CE1 1 
ATOM   248  N NE2 . HIS A 1 30  ? 6.320   6.931   -1.569  1.00 25.89 ? 30  HIS X NE2 1 
ATOM   249  N N   . VAL A 1 31  ? 5.692   4.145   -5.917  1.00 22.13 ? 31  VAL X N   1 
ATOM   250  C CA  . VAL A 1 31  ? 5.540   2.735   -5.576  1.00 19.17 ? 31  VAL X CA  1 
ATOM   251  C C   . VAL A 1 31  ? 6.619   1.905   -6.268  1.00 22.99 ? 31  VAL X C   1 
ATOM   252  O O   . VAL A 1 31  ? 7.258   1.052   -5.649  1.00 23.51 ? 31  VAL X O   1 
ATOM   253  C CB  . VAL A 1 31  ? 4.132   2.247   -5.952  1.00 24.95 ? 31  VAL X CB  1 
ATOM   254  C CG1 . VAL A 1 31  ? 4.082   0.712   -5.942  1.00 27.31 ? 31  VAL X CG1 1 
ATOM   255  C CG2 . VAL A 1 31  ? 3.089   2.835   -4.993  1.00 20.76 ? 31  VAL X CG2 1 
ATOM   256  N N   . LYS A 1 32  ? 6.820   2.139   -7.570  1.00 27.36 ? 32  LYS X N   1 
ATOM   257  C CA  . LYS A 1 32  ? 7.815   1.368   -8.319  1.00 24.60 ? 32  LYS X CA  1 
ATOM   258  C C   . LYS A 1 32  ? 9.209   1.543   -7.733  1.00 29.22 ? 32  LYS X C   1 
ATOM   259  O O   . LYS A 1 32  ? 9.954   0.563   -7.588  1.00 28.70 ? 32  LYS X O   1 
ATOM   260  C CB  . LYS A 1 32  ? 7.798   1.774   -9.793  1.00 33.90 ? 32  LYS X CB  1 
ATOM   261  C CG  . LYS A 1 32  ? 8.877   1.094   -10.676 1.00 30.87 ? 32  LYS X CG  1 
ATOM   262  C CD  . LYS A 1 32  ? 8.892   1.742   -12.039 1.00 32.98 ? 32  LYS X CD  1 
ATOM   263  C CE  . LYS A 1 32  ? 9.492   0.841   -13.105 1.00 50.61 ? 32  LYS X CE  1 
ATOM   264  N NZ  . LYS A 1 32  ? 9.390   1.499   -14.447 1.00 45.07 ? 32  LYS X NZ  1 
ATOM   265  N N   . LYS A 1 33  ? 9.584   2.782   -7.377  1.00 27.20 ? 33  LYS X N   1 
ATOM   266  C CA  . LYS A 1 33  ? 10.925  2.998   -6.837  1.00 32.29 ? 33  LYS X CA  1 
ATOM   267  C C   . LYS A 1 33  ? 11.081  2.367   -5.458  1.00 32.08 ? 33  LYS X C   1 
ATOM   268  O O   . LYS A 1 33  ? 12.136  1.807   -5.147  1.00 29.28 ? 33  LYS X O   1 
ATOM   269  C CB  . LYS A 1 33  ? 11.261  4.488   -6.790  1.00 35.09 ? 33  LYS X CB  1 
ATOM   270  C CG  . LYS A 1 33  ? 11.201  5.189   -8.140  1.00 43.41 ? 33  LYS X CG  1 
ATOM   271  C CD  . LYS A 1 33  ? 11.860  6.577   -8.112  1.00 54.98 ? 33  LYS X CD  1 
ATOM   272  C CE  . LYS A 1 33  ? 11.456  7.398   -6.883  1.00 63.06 ? 33  LYS X CE  1 
ATOM   273  N NZ  . LYS A 1 33  ? 10.102  8.053   -6.994  1.00 54.54 ? 33  LYS X NZ  1 
ATOM   274  N N   . LEU A 1 34  ? 10.051  2.430   -4.616  1.00 25.26 ? 34  LEU X N   1 
ATOM   275  C CA  . LEU A 1 34  ? 10.187  1.845   -3.289  1.00 21.71 ? 34  LEU X CA  1 
ATOM   276  C C   . LEU A 1 34  ? 10.210  0.316   -3.339  1.00 23.04 ? 34  LEU X C   1 
ATOM   277  O O   . LEU A 1 34  ? 10.925  -0.318  -2.559  1.00 26.17 ? 34  LEU X O   1 
ATOM   278  C CB  . LEU A 1 34  ? 9.055   2.323   -2.370  1.00 26.58 ? 34  LEU X CB  1 
ATOM   279  C CG  . LEU A 1 34  ? 9.218   3.661   -1.647  1.00 28.34 ? 34  LEU X CG  1 
ATOM   280  C CD1 . LEU A 1 34  ? 7.928   4.000   -0.910  1.00 24.62 ? 34  LEU X CD1 1 
ATOM   281  C CD2 . LEU A 1 34  ? 10.370  3.602   -0.675  1.00 34.88 ? 34  LEU X CD2 1 
ATOM   282  N N   . SER A 1 35  ? 9.416   -0.294  -4.225  1.00 26.09 ? 35  SER X N   1 
ATOM   283  C CA  . SER A 1 35  ? 9.152   -1.723  -4.127  1.00 27.34 ? 35  SER X CA  1 
ATOM   284  C C   . SER A 1 35  ? 9.902   -2.582  -5.145  1.00 28.09 ? 35  SER X C   1 
ATOM   285  O O   . SER A 1 35  ? 9.964   -3.799  -4.954  1.00 26.45 ? 35  SER X O   1 
ATOM   286  C CB  . SER A 1 35  ? 7.642   -2.003  -4.251  1.00 23.17 ? 35  SER X CB  1 
ATOM   287  O OG  . SER A 1 35  ? 7.146   -1.697  -5.545  1.00 23.28 ? 35  SER X OG  1 
ATOM   288  N N   . THR A 1 36  ? 10.463  -2.008  -6.211  1.00 31.06 ? 36  THR X N   1 
ATOM   289  C CA  . THR A 1 36  ? 11.233  -2.825  -7.148  1.00 29.13 ? 36  THR X CA  1 
ATOM   290  C C   . THR A 1 36  ? 12.379  -3.515  -6.419  1.00 34.64 ? 36  THR X C   1 
ATOM   291  O O   . THR A 1 36  ? 13.090  -2.897  -5.618  1.00 30.56 ? 36  THR X O   1 
ATOM   292  C CB  . THR A 1 36  ? 11.772  -1.986  -8.304  1.00 25.93 ? 36  THR X CB  1 
ATOM   293  O OG1 . THR A 1 36  ? 10.692  -1.584  -9.149  1.00 30.86 ? 36  THR X OG1 1 
ATOM   294  C CG2 . THR A 1 36  ? 12.770  -2.805  -9.155  1.00 30.98 ? 36  THR X CG2 1 
ATOM   295  N N   . GLY A 1 37  ? 12.523  -4.816  -6.658  1.00 34.08 ? 37  GLY X N   1 
ATOM   296  C CA  . GLY A 1 37  ? 13.548  -5.592  -5.993  1.00 28.64 ? 37  GLY X CA  1 
ATOM   297  C C   . GLY A 1 37  ? 13.203  -6.080  -4.606  1.00 32.49 ? 37  GLY X C   1 
ATOM   298  O O   . GLY A 1 37  ? 14.053  -6.714  -3.969  1.00 28.39 ? 37  GLY X O   1 
ATOM   299  N N   . HIS A 1 38  ? 11.986  -5.817  -4.110  1.00 33.58 ? 38  HIS X N   1 
ATOM   300  C CA  . HIS A 1 38  ? 11.594  -6.280  -2.779  1.00 26.19 ? 38  HIS X CA  1 
ATOM   301  C C   . HIS A 1 38  ? 10.302  -7.092  -2.856  1.00 24.35 ? 38  HIS X C   1 
ATOM   302  O O   . HIS A 1 38  ? 10.044  -7.735  -3.880  1.00 26.82 ? 38  HIS X O   1 
ATOM   303  C CB  . HIS A 1 38  ? 11.466  -5.086  -1.826  1.00 31.20 ? 38  HIS X CB  1 
ATOM   304  C CG  . HIS A 1 38  ? 12.706  -4.250  -1.763  1.00 28.89 ? 38  HIS X CG  1 
ATOM   305  N ND1 . HIS A 1 38  ? 13.770  -4.558  -0.941  1.00 37.07 ? 38  HIS X ND1 1 
ATOM   306  C CD2 . HIS A 1 38  ? 13.073  -3.143  -2.454  1.00 38.00 ? 38  HIS X CD2 1 
ATOM   307  C CE1 . HIS A 1 38  ? 14.726  -3.662  -1.108  1.00 39.58 ? 38  HIS X CE1 1 
ATOM   308  N NE2 . HIS A 1 38  ? 14.333  -2.796  -2.026  1.00 35.05 ? 38  HIS X NE2 1 
ATOM   309  N N   . THR A 1 39  ? 9.489   -7.088  -1.795  1.00 25.31 ? 39  THR X N   1 
ATOM   310  C CA  . THR A 1 39  ? 8.269   -7.903  -1.734  1.00 25.15 ? 39  THR X CA  1 
ATOM   311  C C   . THR A 1 39  ? 7.039   -7.045  -1.449  1.00 28.17 ? 39  THR X C   1 
ATOM   312  O O   . THR A 1 39  ? 7.072   -6.188  -0.561  1.00 23.64 ? 39  THR X O   1 
ATOM   313  C CB  . THR A 1 39  ? 8.391   -8.977  -0.652  1.00 27.88 ? 39  THR X CB  1 
ATOM   314  O OG1 . THR A 1 39  ? 9.513   -9.811  -0.951  1.00 29.03 ? 39  THR X OG1 1 
ATOM   315  C CG2 . THR A 1 39  ? 7.123   -9.846  -0.585  1.00 28.02 ? 39  THR X CG2 1 
ATOM   316  N N   . LEU A 1 40  ? 5.956   -7.289  -2.194  1.00 20.99 ? 40  LEU X N   1 
ATOM   317  C CA  . LEU A 1 40  ? 4.630   -6.748  -1.898  1.00 24.98 ? 40  LEU X CA  1 
ATOM   318  C C   . LEU A 1 40  ? 3.730   -7.864  -1.376  1.00 26.55 ? 40  LEU X C   1 
ATOM   319  O O   . LEU A 1 40  ? 3.672   -8.946  -1.969  1.00 26.46 ? 40  LEU X O   1 
ATOM   320  C CB  . LEU A 1 40  ? 3.991   -6.125  -3.139  1.00 19.24 ? 40  LEU X CB  1 
ATOM   321  C CG  . LEU A 1 40  ? 4.763   -5.004  -3.839  1.00 23.45 ? 40  LEU X CG  1 
ATOM   322  C CD1 . LEU A 1 40  ? 4.027   -4.543  -5.076  1.00 25.08 ? 40  LEU X CD1 1 
ATOM   323  C CD2 . LEU A 1 40  ? 5.006   -3.847  -2.878  1.00 22.60 ? 40  LEU X CD2 1 
ATOM   324  N N   . VAL A 1 41  ? 3.044   -7.602  -0.262  1.00 21.94 ? 41  VAL X N   1 
ATOM   325  C CA  . VAL A 1 41  ? 1.980   -8.457  0.259   1.00 24.31 ? 41  VAL X CA  1 
ATOM   326  C C   . VAL A 1 41  ? 0.666   -7.702  0.101   1.00 25.37 ? 41  VAL X C   1 
ATOM   327  O O   . VAL A 1 41  ? 0.534   -6.571  0.581   1.00 19.16 ? 41  VAL X O   1 
ATOM   328  C CB  . VAL A 1 41  ? 2.223   -8.821  1.733   1.00 20.94 ? 41  VAL X CB  1 
ATOM   329  C CG1 . VAL A 1 41  ? 1.057   -9.628  2.301   1.00 22.55 ? 41  VAL X CG1 1 
ATOM   330  C CG2 . VAL A 1 41  ? 3.509   -9.596  1.873   1.00 27.83 ? 41  VAL X CG2 1 
ATOM   331  N N   . MET A 1 42  ? -0.310  -8.319  -0.558  1.00 20.44 ? 42  MET X N   1 
ATOM   332  C CA  . MET A 1 42  ? -1.589  -7.651  -0.778  1.00 20.42 ? 42  MET X CA  1 
ATOM   333  C C   . MET A 1 42  ? -2.740  -8.634  -0.584  1.00 22.93 ? 42  MET X C   1 
ATOM   334  O O   . MET A 1 42  ? -2.578  -9.850  -0.713  1.00 18.08 ? 42  MET X O   1 
ATOM   335  C CB  . MET A 1 42  ? -1.645  -7.029  -2.174  1.00 20.87 ? 42  MET X CB  1 
ATOM   336  C CG  . MET A 1 42  ? -1.678  -8.075  -3.294  1.00 19.64 ? 42  MET X CG  1 
ATOM   337  S SD  . MET A 1 42  ? -1.229  -7.440  -4.908  1.00 22.68 ? 42  MET X SD  1 
ATOM   338  C CE  . MET A 1 42  ? 0.560   -7.358  -4.777  1.00 25.52 ? 42  MET X CE  1 
ATOM   339  N N   . GLY A 1 43  ? -3.916  -8.091  -0.251  1.00 19.06 ? 43  GLY X N   1 
ATOM   340  C CA  . GLY A 1 43  ? -5.115  -8.909  -0.200  1.00 17.92 ? 43  GLY X CA  1 
ATOM   341  C C   . GLY A 1 43  ? -5.584  -9.297  -1.589  1.00 18.59 ? 43  GLY X C   1 
ATOM   342  O O   . GLY A 1 43  ? -5.157  -8.751  -2.607  1.00 21.14 ? 43  GLY X O   1 
ATOM   343  N N   . ARG A 1 44  ? -6.502  -10.267 -1.626  1.00 22.88 ? 44  ARG X N   1 
ATOM   344  C CA  . ARG A 1 44  ? -6.934  -10.814 -2.904  1.00 20.81 ? 44  ARG X CA  1 
ATOM   345  C C   . ARG A 1 44  ? -7.612  -9.756  -3.770  1.00 17.80 ? 44  ARG X C   1 
ATOM   346  O O   . ARG A 1 44  ? -7.392  -9.711  -4.978  1.00 15.95 ? 44  ARG X O   1 
ATOM   347  C CB  . ARG A 1 44  ? -7.868  -12.004 -2.686  1.00 17.99 ? 44  ARG X CB  1 
ATOM   348  C CG  . ARG A 1 44  ? -8.267  -12.707 -3.980  1.00 20.67 ? 44  ARG X CG  1 
ATOM   349  C CD  . ARG A 1 44  ? -9.665  -12.274 -4.412  1.00 22.07 ? 44  ARG X CD  1 
ATOM   350  N NE  . ARG A 1 44  ? -10.652 -12.437 -3.343  1.00 22.43 ? 44  ARG X NE  1 
ATOM   351  C CZ  . ARG A 1 44  ? -11.896 -11.972 -3.410  1.00 26.23 ? 44  ARG X CZ  1 
ATOM   352  N NH1 . ARG A 1 44  ? -12.298 -11.315 -4.490  1.00 23.40 ? 44  ARG X NH1 1 
ATOM   353  N NH2 . ARG A 1 44  ? -12.731 -12.151 -2.396  1.00 21.60 ? 44  ARG X NH2 1 
ATOM   354  N N   . LYS A 1 45  ? -8.418  -8.870  -3.172  1.00 17.83 ? 45  LYS X N   1 
ATOM   355  C CA  . LYS A 1 45  ? -9.138  -7.899  -3.996  1.00 15.62 ? 45  LYS X CA  1 
ATOM   356  C C   . LYS A 1 45  ? -8.185  -6.896  -4.624  1.00 16.38 ? 45  LYS X C   1 
ATOM   357  O O   . LYS A 1 45  ? -8.351  -6.514  -5.789  1.00 18.69 ? 45  LYS X O   1 
ATOM   358  C CB  . LYS A 1 45  ? -10.204 -7.176  -3.159  1.00 18.15 ? 45  LYS X CB  1 
ATOM   359  C CG  . LYS A 1 45  ? -11.226 -8.129  -2.551  1.00 22.28 ? 45  LYS X CG  1 
ATOM   360  C CD  . LYS A 1 45  ? -12.371 -7.387  -1.879  1.00 22.08 ? 45  LYS X CD  1 
ATOM   361  C CE  . LYS A 1 45  ? -13.375 -8.364  -1.275  1.00 29.37 ? 45  LYS X CE  1 
ATOM   362  N NZ  . LYS A 1 45  ? -14.503 -7.677  -0.571  1.00 28.56 ? 45  LYS X NZ  1 
ATOM   363  N N   . THR A 1 46  ? -7.194  -6.442  -3.856  1.00 19.38 ? 46  THR X N   1 
ATOM   364  C CA  . THR A 1 46  ? -6.160  -5.578  -4.413  1.00 18.13 ? 46  THR X CA  1 
ATOM   365  C C   . THR A 1 46  ? -5.468  -6.248  -5.592  1.00 21.04 ? 46  THR X C   1 
ATOM   366  O O   . THR A 1 46  ? -5.313  -5.645  -6.662  1.00 18.86 ? 46  THR X O   1 
ATOM   367  C CB  . THR A 1 46  ? -5.155  -5.214  -3.325  1.00 19.54 ? 46  THR X CB  1 
ATOM   368  O OG1 . THR A 1 46  ? -5.821  -4.389  -2.358  1.00 20.51 ? 46  THR X OG1 1 
ATOM   369  C CG2 . THR A 1 46  ? -3.988  -4.435  -3.933  1.00 23.60 ? 46  THR X CG2 1 
ATOM   370  N N   . PHE A 1 47  ? -5.081  -7.516  -5.434  1.00 17.96 ? 47  PHE X N   1 
ATOM   371  C CA  . PHE A 1 47  ? -4.437  -8.185  -6.561  1.00 21.93 ? 47  PHE X CA  1 
ATOM   372  C C   . PHE A 1 47  ? -5.347  -8.209  -7.785  1.00 21.44 ? 47  PHE X C   1 
ATOM   373  O O   . PHE A 1 47  ? -4.917  -7.904  -8.906  1.00 21.98 ? 47  PHE X O   1 
ATOM   374  C CB  . PHE A 1 47  ? -4.026  -9.611  -6.224  1.00 20.54 ? 47  PHE X CB  1 
ATOM   375  C CG  . PHE A 1 47  ? -3.472  -10.315 -7.425  1.00 25.11 ? 47  PHE X CG  1 
ATOM   376  C CD1 . PHE A 1 47  ? -4.244  -11.203 -8.155  1.00 28.19 ? 47  PHE X CD1 1 
ATOM   377  C CD2 . PHE A 1 47  ? -2.212  -9.981  -7.902  1.00 25.40 ? 47  PHE X CD2 1 
ATOM   378  C CE1 . PHE A 1 47  ? -3.747  -11.800 -9.300  1.00 30.23 ? 47  PHE X CE1 1 
ATOM   379  C CE2 . PHE A 1 47  ? -1.713  -10.574 -9.046  1.00 34.32 ? 47  PHE X CE2 1 
ATOM   380  C CZ  . PHE A 1 47  ? -2.486  -11.482 -9.746  1.00 31.38 ? 47  PHE X CZ  1 
ATOM   381  N N   A GLU A 1 48  ? -6.613  -8.579  -7.594  0.57 20.34 ? 48  GLU X N   1 
ATOM   382  N N   B GLU A 1 48  ? -6.615  -8.576  -7.589  0.43 20.37 ? 48  GLU X N   1 
ATOM   383  C CA  A GLU A 1 48  ? -7.505  -8.700  -8.742  0.57 23.23 ? 48  GLU X CA  1 
ATOM   384  C CA  B GLU A 1 48  ? -7.527  -8.696  -8.722  0.43 23.25 ? 48  GLU X CA  1 
ATOM   385  C C   A GLU A 1 48  ? -7.732  -7.357  -9.422  0.57 26.68 ? 48  GLU X C   1 
ATOM   386  C C   B GLU A 1 48  ? -7.743  -7.359  -9.414  0.43 26.64 ? 48  GLU X C   1 
ATOM   387  O O   A GLU A 1 48  ? -7.945  -7.309  -10.637 0.57 26.56 ? 48  GLU X O   1 
ATOM   388  O O   B GLU A 1 48  ? -7.963  -7.320  -10.629 0.43 26.56 ? 48  GLU X O   1 
ATOM   389  C CB  A GLU A 1 48  ? -8.832  -9.328  -8.314  0.57 23.54 ? 48  GLU X CB  1 
ATOM   390  C CB  B GLU A 1 48  ? -8.855  -9.296  -8.261  0.43 23.56 ? 48  GLU X CB  1 
ATOM   391  C CG  A GLU A 1 48  ? -8.701  -10.759 -7.817  0.57 23.45 ? 48  GLU X CG  1 
ATOM   392  C CG  B GLU A 1 48  ? -8.771  -10.791 -8.032  0.43 23.46 ? 48  GLU X CG  1 
ATOM   393  C CD  A GLU A 1 48  ? -8.129  -11.703 -8.864  0.57 27.19 ? 48  GLU X CD  1 
ATOM   394  C CD  B GLU A 1 48  ? -10.051 -11.401 -7.492  0.43 25.48 ? 48  GLU X CD  1 
ATOM   395  O OE1 A GLU A 1 48  ? -8.408  -11.506 -10.063 0.57 28.22 ? 48  GLU X OE1 1 
ATOM   396  O OE1 B GLU A 1 48  ? -10.863 -10.681 -6.865  0.43 26.73 ? 48  GLU X OE1 1 
ATOM   397  O OE2 A GLU A 1 48  ? -7.400  -12.649 -8.489  0.57 30.00 ? 48  GLU X OE2 1 
ATOM   398  O OE2 B GLU A 1 48  ? -10.232 -12.624 -7.675  0.43 32.31 ? 48  GLU X OE2 1 
ATOM   399  N N   . SER A 1 49  ? -7.653  -6.253  -8.673  1.00 20.79 ? 49  SER X N   1 
ATOM   400  C CA  . SER A 1 49  ? -7.830  -4.942  -9.288  1.00 21.49 ? 49  SER X CA  1 
ATOM   401  C C   . SER A 1 49  ? -6.616  -4.527  -10.105 1.00 27.65 ? 49  SER X C   1 
ATOM   402  O O   . SER A 1 49  ? -6.753  -3.767  -11.071 1.00 28.19 ? 49  SER X O   1 
ATOM   403  C CB  . SER A 1 49  ? -8.107  -3.879  -8.222  1.00 24.80 ? 49  SER X CB  1 
ATOM   404  O OG  . SER A 1 49  ? -6.908  -3.514  -7.583  1.00 32.10 ? 49  SER X OG  1 
ATOM   405  N N   . ILE A 1 50  ? -5.429  -5.002  -9.735  1.00 26.77 ? 50  ILE X N   1 
ATOM   406  C CA  . ILE A 1 50  ? -4.245  -4.752  -10.551 1.00 24.82 ? 50  ILE X CA  1 
ATOM   407  C C   . ILE A 1 50  ? -4.227  -5.683  -11.758 1.00 33.88 ? 50  ILE X C   1 
ATOM   408  O O   . ILE A 1 50  ? -3.847  -5.281  -12.861 1.00 41.40 ? 50  ILE X O   1 
ATOM   409  C CB  . ILE A 1 50  ? -2.979  -4.905  -9.690  1.00 19.24 ? 50  ILE X CB  1 
ATOM   410  C CG1 . ILE A 1 50  ? -3.018  -3.918  -8.521  1.00 27.33 ? 50  ILE X CG1 1 
ATOM   411  C CG2 . ILE A 1 50  ? -1.731  -4.664  -10.522 1.00 26.42 ? 50  ILE X CG2 1 
ATOM   412  C CD1 . ILE A 1 50  ? -1.981  -4.213  -7.460  1.00 23.94 ? 50  ILE X CD1 1 
ATOM   413  N N   . GLY A 1 51  ? -4.641  -6.935  -11.569 1.00 28.29 ? 51  GLY X N   1 
ATOM   414  C CA  . GLY A 1 51  ? -4.884  -7.860  -12.657 1.00 38.12 ? 51  GLY X CA  1 
ATOM   415  C C   . GLY A 1 51  ? -3.723  -8.772  -12.993 1.00 41.97 ? 51  GLY X C   1 
ATOM   416  O O   . GLY A 1 51  ? -3.940  -9.873  -13.508 1.00 50.53 ? 51  GLY X O   1 
ATOM   417  N N   . LYS A 1 52  ? -2.501  -8.341  -12.708 1.00 33.22 ? 52  LYS X N   1 
ATOM   418  C CA  . LYS A 1 52  ? -1.285  -9.080  -13.016 1.00 39.87 ? 52  LYS X CA  1 
ATOM   419  C C   . LYS A 1 52  ? -0.256  -8.725  -11.959 1.00 39.22 ? 52  LYS X C   1 
ATOM   420  O O   . LYS A 1 52  ? -0.365  -7.673  -11.319 1.00 35.23 ? 52  LYS X O   1 
ATOM   421  C CB  . LYS A 1 52  ? -0.753  -8.731  -14.414 1.00 42.72 ? 52  LYS X CB  1 
ATOM   422  C CG  . LYS A 1 52  ? -0.705  -7.224  -14.717 1.00 45.38 ? 52  LYS X CG  1 
ATOM   423  C CD  . LYS A 1 52  ? -0.736  -6.967  -16.222 0.84 55.66 ? 52  LYS X CD  1 
ATOM   424  C CE  . LYS A 1 52  ? 0.604   -6.451  -16.734 1.00 59.49 ? 52  LYS X CE  1 
ATOM   425  N NZ  . LYS A 1 52  ? 0.698   -6.496  -18.230 1.00 59.67 ? 52  LYS X NZ  1 
ATOM   426  N N   . PRO A 1 53  ? 0.747   -9.570  -11.748 1.00 32.94 ? 53  PRO X N   1 
ATOM   427  C CA  . PRO A 1 53  ? 1.823   -9.192  -10.827 1.00 29.90 ? 53  PRO X CA  1 
ATOM   428  C C   . PRO A 1 53  ? 2.617   -8.015  -11.369 1.00 33.19 ? 53  PRO X C   1 
ATOM   429  O O   . PRO A 1 53  ? 2.697   -7.787  -12.578 1.00 32.41 ? 53  PRO X O   1 
ATOM   430  C CB  . PRO A 1 53  ? 2.681   -10.460 -10.724 1.00 33.81 ? 53  PRO X CB  1 
ATOM   431  C CG  . PRO A 1 53  ? 2.309   -11.281 -11.910 1.00 31.36 ? 53  PRO X CG  1 
ATOM   432  C CD  . PRO A 1 53  ? 0.893   -10.949 -12.244 1.00 41.63 ? 53  PRO X CD  1 
ATOM   433  N N   . LEU A 1 54  ? 3.153   -7.229  -10.447 1.00 27.33 ? 54  LEU X N   1 
ATOM   434  C CA  . LEU A 1 54  ? 3.973   -6.086  -10.804 1.00 24.84 ? 54  LEU X CA  1 
ATOM   435  C C   . LEU A 1 54  ? 5.398   -6.551  -11.097 1.00 29.13 ? 54  LEU X C   1 
ATOM   436  O O   . LEU A 1 54  ? 5.951   -7.375  -10.357 1.00 28.51 ? 54  LEU X O   1 
ATOM   437  C CB  . LEU A 1 54  ? 3.970   -5.048  -9.675  1.00 26.52 ? 54  LEU X CB  1 
ATOM   438  C CG  . LEU A 1 54  ? 2.604   -4.367  -9.501  1.00 26.82 ? 54  LEU X CG  1 
ATOM   439  C CD1 . LEU A 1 54  ? 2.559   -3.441  -8.271  1.00 27.71 ? 54  LEU X CD1 1 
ATOM   440  C CD2 . LEU A 1 54  ? 2.246   -3.605  -10.760 1.00 26.07 ? 54  LEU X CD2 1 
ATOM   441  N N   . PRO A 1 55  ? 6.002   -6.059  -12.176 1.00 29.51 ? 55  PRO X N   1 
ATOM   442  C CA  . PRO A 1 55  ? 7.289   -6.610  -12.619 1.00 34.44 ? 55  PRO X CA  1 
ATOM   443  C C   . PRO A 1 55  ? 8.412   -6.289  -11.651 1.00 34.79 ? 55  PRO X C   1 
ATOM   444  O O   . PRO A 1 55  ? 8.386   -5.283  -10.938 1.00 30.23 ? 55  PRO X O   1 
ATOM   445  C CB  . PRO A 1 55  ? 7.521   -5.932  -13.975 1.00 33.08 ? 55  PRO X CB  1 
ATOM   446  C CG  . PRO A 1 55  ? 6.180   -5.373  -14.384 1.00 42.75 ? 55  PRO X CG  1 
ATOM   447  C CD  . PRO A 1 55  ? 5.486   -5.032  -13.096 1.00 33.42 ? 55  PRO X CD  1 
ATOM   448  N N   . ASN A 1 56  ? 9.401   -7.183  -11.619 1.00 35.47 ? 56  ASN X N   1 
ATOM   449  C CA  . ASN A 1 56  ? 10.699  -6.938  -10.994 1.00 35.24 ? 56  ASN X CA  1 
ATOM   450  C C   . ASN A 1 56  ? 10.620  -6.834  -9.473  1.00 37.22 ? 56  ASN X C   1 
ATOM   451  O O   . ASN A 1 56  ? 11.392  -6.094  -8.856  1.00 33.26 ? 56  ASN X O   1 
ATOM   452  C CB  . ASN A 1 56  ? 11.364  -5.694  -11.592 1.00 34.65 ? 56  ASN X CB  1 
ATOM   453  C CG  . ASN A 1 56  ? 11.508  -5.790  -13.104 1.00 33.22 ? 56  ASN X CG  1 
ATOM   454  O OD1 . ASN A 1 56  ? 11.855  -6.844  -13.635 1.00 36.47 ? 56  ASN X OD1 1 
ATOM   455  N ND2 . ASN A 1 56  ? 11.230  -4.702  -13.798 1.00 31.57 ? 56  ASN X ND2 1 
ATOM   456  N N   . ARG A 1 57  ? 9.714   -7.591  -8.857  1.00 35.48 ? 57  ARG X N   1 
ATOM   457  C CA  . ARG A 1 57  ? 9.635   -7.712  -7.409  1.00 26.86 ? 57  ARG X CA  1 
ATOM   458  C C   . ARG A 1 57  ? 8.769   -8.921  -7.091  1.00 25.35 ? 57  ARG X C   1 
ATOM   459  O O   . ARG A 1 57  ? 8.062   -9.438  -7.962  1.00 31.06 ? 57  ARG X O   1 
ATOM   460  C CB  . ARG A 1 57  ? 9.057   -6.444  -6.760  1.00 28.77 ? 57  ARG X CB  1 
ATOM   461  C CG  . ARG A 1 57  ? 7.564   -6.232  -7.009  1.00 23.82 ? 57  ARG X CG  1 
ATOM   462  C CD  . ARG A 1 57  ? 7.234   -4.745  -7.136  1.00 28.15 ? 57  ARG X CD  1 
ATOM   463  N NE  . ARG A 1 57  ? 7.471   -4.255  -8.495  1.00 28.34 ? 57  ARG X NE  1 
ATOM   464  C CZ  . ARG A 1 57  ? 6.970   -3.129  -8.989  1.00 30.17 ? 57  ARG X CZ  1 
ATOM   465  N NH1 . ARG A 1 57  ? 6.200   -2.347  -8.238  1.00 26.96 ? 57  ARG X NH1 1 
ATOM   466  N NH2 . ARG A 1 57  ? 7.236   -2.780  -10.243 1.00 31.43 ? 57  ARG X NH2 1 
ATOM   467  N N   . ARG A 1 58  ? 8.825   -9.358  -5.832  1.00 25.04 ? 58  ARG X N   1 
ATOM   468  C CA  . ARG A 1 58  ? 8.007   -10.478 -5.375  1.00 27.14 ? 58  ARG X CA  1 
ATOM   469  C C   . ARG A 1 58  ? 6.579   -10.026 -5.073  1.00 36.85 ? 58  ARG X C   1 
ATOM   470  O O   . ARG A 1 58  ? 6.371   -9.077  -4.312  1.00 29.93 ? 58  ARG X O   1 
ATOM   471  C CB  . ARG A 1 58  ? 8.614   -11.106 -4.125  1.00 27.74 ? 58  ARG X CB  1 
ATOM   472  C CG  . ARG A 1 58  ? 8.691   -12.616 -4.181  1.00 33.88 ? 58  ARG X CG  1 
ATOM   473  C CD  . ARG A 1 58  ? 7.783   -13.263 -3.181  1.00 38.28 ? 58  ARG X CD  1 
ATOM   474  N NE  . ARG A 1 58  ? 8.462   -13.572 -1.927  1.00 41.66 ? 58  ARG X NE  1 
ATOM   475  C CZ  . ARG A 1 58  ? 8.524   -14.779 -1.375  1.00 37.30 ? 58  ARG X CZ  1 
ATOM   476  N NH1 . ARG A 1 58  ? 7.954   -15.822 -1.962  1.00 43.97 ? 58  ARG X NH1 1 
ATOM   477  N NH2 . ARG A 1 58  ? 9.165   -14.946 -0.227  1.00 32.58 ? 58  ARG X NH2 1 
ATOM   478  N N   . ASN A 1 59  ? 5.599   -10.723 -5.649  1.00 29.59 ? 59  ASN X N   1 
ATOM   479  C CA  . ASN A 1 59  ? 4.179   -10.454 -5.422  1.00 25.94 ? 59  ASN X CA  1 
ATOM   480  C C   . ASN A 1 59  ? 3.590   -11.580 -4.586  1.00 30.94 ? 59  ASN X C   1 
ATOM   481  O O   . ASN A 1 59  ? 3.551   -12.729 -5.038  1.00 32.53 ? 59  ASN X O   1 
ATOM   482  C CB  . ASN A 1 59  ? 3.414   -10.346 -6.739  1.00 22.57 ? 59  ASN X CB  1 
ATOM   483  C CG  . ASN A 1 59  ? 3.809   -9.156  -7.552  1.00 28.42 ? 59  ASN X CG  1 
ATOM   484  O OD1 . ASN A 1 59  ? 2.982   -8.289  -7.836  1.00 25.65 ? 59  ASN X OD1 1 
ATOM   485  N ND2 . ASN A 1 59  ? 5.072   -9.107  -7.966  1.00 29.04 ? 59  ASN X ND2 1 
ATOM   486  N N   . VAL A 1 60  ? 3.103   -11.253 -3.395  1.00 24.71 ? 60  VAL X N   1 
ATOM   487  C CA  . VAL A 1 60  ? 2.508   -12.228 -2.485  1.00 21.66 ? 60  VAL X CA  1 
ATOM   488  C C   . VAL A 1 60  ? 1.056   -11.839 -2.232  1.00 26.98 ? 60  VAL X C   1 
ATOM   489  O O   . VAL A 1 60  ? 0.783   -10.730 -1.767  1.00 21.19 ? 60  VAL X O   1 
ATOM   490  C CB  . VAL A 1 60  ? 3.283   -12.306 -1.162  1.00 21.00 ? 60  VAL X CB  1 
ATOM   491  C CG1 . VAL A 1 60  ? 2.593   -13.256 -0.176  1.00 23.07 ? 60  VAL X CG1 1 
ATOM   492  C CG2 . VAL A 1 60  ? 4.726   -12.741 -1.425  1.00 25.06 ? 60  VAL X CG2 1 
ATOM   493  N N   . VAL A 1 61  ? 0.126   -12.755 -2.501  1.00 25.04 ? 61  VAL X N   1 
ATOM   494  C CA  . VAL A 1 61  ? -1.299  -12.505 -2.308  1.00 21.40 ? 61  VAL X CA  1 
ATOM   495  C C   . VAL A 1 61  ? -1.811  -13.324 -1.125  1.00 24.16 ? 61  VAL X C   1 
ATOM   496  O O   . VAL A 1 61  ? -1.635  -14.550 -1.074  1.00 23.57 ? 61  VAL X O   1 
ATOM   497  C CB  . VAL A 1 61  ? -2.101  -12.802 -3.585  1.00 20.34 ? 61  VAL X CB  1 
ATOM   498  C CG1 . VAL A 1 61  ? -3.599  -12.710 -3.320  1.00 23.94 ? 61  VAL X CG1 1 
ATOM   499  C CG2 . VAL A 1 61  ? -1.704  -11.840 -4.668  1.00 22.07 ? 61  VAL X CG2 1 
ATOM   500  N N   . LEU A 1 62  ? -2.448  -12.644 -0.179  1.00 21.65 ? 62  LEU X N   1 
ATOM   501  C CA  . LEU A 1 62  ? -3.103  -13.288 0.952   1.00 17.58 ? 62  LEU X CA  1 
ATOM   502  C C   . LEU A 1 62  ? -4.562  -13.545 0.599   1.00 21.11 ? 62  LEU X C   1 
ATOM   503  O O   . LEU A 1 62  ? -5.307  -12.608 0.284   1.00 20.44 ? 62  LEU X O   1 
ATOM   504  C CB  . LEU A 1 62  ? -2.999  -12.416 2.208   1.00 24.08 ? 62  LEU X CB  1 
ATOM   505  C CG  . LEU A 1 62  ? -3.746  -12.852 3.478   1.00 20.63 ? 62  LEU X CG  1 
ATOM   506  C CD1 . LEU A 1 62  ? -3.259  -14.215 3.994   1.00 24.13 ? 62  LEU X CD1 1 
ATOM   507  C CD2 . LEU A 1 62  ? -3.565  -11.811 4.556   1.00 22.71 ? 62  LEU X CD2 1 
ATOM   508  N N   . THR A 1 63  ? -4.970  -14.812 0.662   1.00 23.61 ? 63  THR X N   1 
ATOM   509  C CA  . THR A 1 63  ? -6.326  -15.216 0.317   1.00 20.52 ? 63  THR X CA  1 
ATOM   510  C C   . THR A 1 63  ? -6.652  -16.486 1.090   1.00 23.57 ? 63  THR X C   1 
ATOM   511  O O   . THR A 1 63  ? -5.754  -17.260 1.438   1.00 23.25 ? 63  THR X O   1 
ATOM   512  C CB  . THR A 1 63  ? -6.472  -15.460 -1.198  1.00 21.91 ? 63  THR X CB  1 
ATOM   513  O OG1 . THR A 1 63  ? -7.777  -15.994 -1.480  1.00 21.81 ? 63  THR X OG1 1 
ATOM   514  C CG2 . THR A 1 63  ? -5.396  -16.433 -1.700  1.00 22.18 ? 63  THR X CG2 1 
ATOM   515  N N   . SER A 1 64  ? -7.935  -16.685 1.379   1.00 22.73 ? 64  SER X N   1 
ATOM   516  C CA  . SER A 1 64  ? -8.358  -17.972 1.920   1.00 24.75 ? 64  SER X CA  1 
ATOM   517  C C   . SER A 1 64  ? -8.593  -19.013 0.830   1.00 27.44 ? 64  SER X C   1 
ATOM   518  O O   . SER A 1 64  ? -8.898  -20.165 1.153   1.00 28.61 ? 64  SER X O   1 
ATOM   519  C CB  . SER A 1 64  ? -9.623  -17.814 2.763   1.00 23.05 ? 64  SER X CB  1 
ATOM   520  O OG  . SER A 1 64  ? -10.752 -17.511 1.945   1.00 24.36 ? 64  SER X OG  1 
ATOM   521  N N   . ASP A 1 65  ? -8.449  -18.641 -0.441  1.00 25.11 ? 65  ASP X N   1 
ATOM   522  C CA  . ASP A 1 65  ? -8.785  -19.519 -1.567  1.00 23.40 ? 65  ASP X CA  1 
ATOM   523  C C   . ASP A 1 65  ? -7.637  -20.495 -1.813  1.00 20.53 ? 65  ASP X C   1 
ATOM   524  O O   . ASP A 1 65  ? -6.586  -20.109 -2.338  1.00 24.80 ? 65  ASP X O   1 
ATOM   525  C CB  . ASP A 1 65  ? -9.068  -18.676 -2.811  1.00 23.03 ? 65  ASP X CB  1 
ATOM   526  C CG  . ASP A 1 65  ? -9.610  -19.498 -3.986  1.00 29.08 ? 65  ASP X CG  1 
ATOM   527  O OD1 . ASP A 1 65  ? -9.857  -18.903 -5.050  1.00 28.13 ? 65  ASP X OD1 1 
ATOM   528  O OD2 . ASP A 1 65  ? -9.767  -20.732 -3.863  1.00 23.58 ? 65  ASP X OD2 1 
ATOM   529  N N   . THR A 1 66  ? -7.838  -21.771 -1.464  1.00 28.34 ? 66  THR X N   1 
ATOM   530  C CA  . THR A 1 66  ? -6.770  -22.741 -1.689  1.00 24.75 ? 66  THR X CA  1 
ATOM   531  C C   . THR A 1 66  ? -6.603  -23.100 -3.161  1.00 29.69 ? 66  THR X C   1 
ATOM   532  O O   . THR A 1 66  ? -5.586  -23.707 -3.518  1.00 27.91 ? 66  THR X O   1 
ATOM   533  C CB  . THR A 1 66  ? -6.998  -24.004 -0.843  1.00 27.32 ? 66  THR X CB  1 
ATOM   534  O OG1 . THR A 1 66  ? -8.309  -24.536 -1.082  1.00 30.53 ? 66  THR X OG1 1 
ATOM   535  C CG2 . THR A 1 66  ? -6.857  -23.664 0.641   1.00 34.61 ? 66  THR X CG2 1 
ATOM   536  N N   . SER A 1 67  ? -7.540  -22.705 -4.024  1.00 22.71 ? 67  SER X N   1 
ATOM   537  C CA  . SER A 1 67  ? -7.372  -22.869 -5.458  1.00 21.88 ? 67  SER X CA  1 
ATOM   538  C C   . SER A 1 67  ? -6.589  -21.733 -6.100  1.00 25.07 ? 67  SER X C   1 
ATOM   539  O O   . SER A 1 67  ? -6.309  -21.789 -7.296  1.00 26.82 ? 67  SER X O   1 
ATOM   540  C CB  . SER A 1 67  ? -8.742  -22.976 -6.144  1.00 25.29 ? 67  SER X CB  1 
ATOM   541  O OG  . SER A 1 67  ? -9.362  -24.207 -5.848  1.00 22.91 ? 67  SER X OG  1 
ATOM   542  N N   . PHE A 1 68  ? -6.255  -20.692 -5.356  1.00 23.64 ? 68  PHE X N   1 
ATOM   543  C CA  . PHE A 1 68  ? -5.527  -19.574 -5.943  1.00 20.58 ? 68  PHE X CA  1 
ATOM   544  C C   . PHE A 1 68  ? -4.129  -20.033 -6.344  1.00 27.87 ? 68  PHE X C   1 
ATOM   545  O O   . PHE A 1 68  ? -3.354  -20.500 -5.507  1.00 30.03 ? 68  PHE X O   1 
ATOM   546  C CB  . PHE A 1 68  ? -5.463  -18.422 -4.941  1.00 28.16 ? 68  PHE X CB  1 
ATOM   547  C CG  . PHE A 1 68  ? -5.100  -17.092 -5.546  1.00 30.96 ? 68  PHE X CG  1 
ATOM   548  C CD1 . PHE A 1 68  ? -6.088  -16.185 -5.906  1.00 28.44 ? 68  PHE X CD1 1 
ATOM   549  C CD2 . PHE A 1 68  ? -3.779  -16.735 -5.715  1.00 33.83 ? 68  PHE X CD2 1 
ATOM   550  C CE1 . PHE A 1 68  ? -5.759  -14.952 -6.433  1.00 35.21 ? 68  PHE X CE1 1 
ATOM   551  C CE2 . PHE A 1 68  ? -3.441  -15.499 -6.249  1.00 39.69 ? 68  PHE X CE2 1 
ATOM   552  C CZ  . PHE A 1 68  ? -4.437  -14.610 -6.604  1.00 28.58 ? 68  PHE X CZ  1 
ATOM   553  N N   . ASN A 1 69  ? -3.820  -19.915 -7.633  1.00 32.46 ? 69  ASN X N   1 
ATOM   554  C CA  . ASN A 1 69  ? -2.489  -20.214 -8.153  1.00 39.04 ? 69  ASN X CA  1 
ATOM   555  C C   . ASN A 1 69  ? -2.337  -19.392 -9.421  1.00 46.48 ? 69  ASN X C   1 
ATOM   556  O O   . ASN A 1 69  ? -2.940  -19.728 -10.445 1.00 54.74 ? 69  ASN X O   1 
ATOM   557  C CB  . ASN A 1 69  ? -2.314  -21.706 -8.439  1.00 40.76 ? 69  ASN X CB  1 
ATOM   558  C CG  . ASN A 1 69  ? -0.857  -22.156 -8.339  1.00 47.98 ? 69  ASN X CG  1 
ATOM   559  O OD1 . ASN A 1 69  ? -0.035  -21.500 -7.699  1.00 56.33 ? 69  ASN X OD1 1 
ATOM   560  N ND2 . ASN A 1 69  ? -0.533  -23.272 -8.987  1.00 40.79 ? 69  ASN X ND2 1 
ATOM   561  N N   . VAL A 1 70  ? -1.561  -18.317 -9.351  1.00 34.92 ? 70  VAL X N   1 
ATOM   562  C CA  . VAL A 1 70  ? -1.399  -17.401 -10.471 1.00 34.94 ? 70  VAL X CA  1 
ATOM   563  C C   . VAL A 1 70  ? 0.075   -17.366 -10.846 1.00 32.44 ? 70  VAL X C   1 
ATOM   564  O O   . VAL A 1 70  ? 0.944   -17.311 -9.970  1.00 35.69 ? 70  VAL X O   1 
ATOM   565  C CB  . VAL A 1 70  ? -1.934  -15.992 -10.130 1.00 37.88 ? 70  VAL X CB  1 
ATOM   566  C CG1 . VAL A 1 70  ? -1.688  -15.029 -11.280 1.00 30.15 ? 70  VAL X CG1 1 
ATOM   567  C CG2 . VAL A 1 70  ? -3.436  -16.062 -9.799  1.00 27.36 ? 70  VAL X CG2 1 
ATOM   568  N N   . GLU A 1 71  ? 0.356   -17.446 -12.146 1.00 37.11 ? 71  GLU X N   1 
ATOM   569  C CA  . GLU A 1 71  ? 1.741   -17.448 -12.589 1.00 35.83 ? 71  GLU X CA  1 
ATOM   570  C C   . GLU A 1 71  ? 2.402   -16.135 -12.180 1.00 39.38 ? 71  GLU X C   1 
ATOM   571  O O   . GLU A 1 71  ? 1.847   -15.052 -12.402 1.00 33.53 ? 71  GLU X O   1 
ATOM   572  C CB  . GLU A 1 71  ? 1.815   -17.652 -14.105 1.00 50.41 ? 71  GLU X CB  1 
ATOM   573  C CG  . GLU A 1 71  ? 2.878   -18.665 -14.551 1.00 59.99 ? 71  GLU X CG  1 
ATOM   574  C CD  . GLU A 1 71  ? 4.301   -18.109 -14.507 1.00 74.74 ? 71  GLU X CD  1 
ATOM   575  O OE1 . GLU A 1 71  ? 5.257   -18.914 -14.418 1.00 77.85 ? 71  GLU X OE1 1 
ATOM   576  O OE2 . GLU A 1 71  ? 4.468   -16.870 -14.567 1.00 74.57 ? 71  GLU X OE2 1 
ATOM   577  N N   . GLY A 1 72  ? 3.563   -16.236 -11.540 1.00 38.07 ? 72  GLY X N   1 
ATOM   578  C CA  . GLY A 1 72  ? 4.288   -15.063 -11.092 1.00 37.33 ? 72  GLY X CA  1 
ATOM   579  C C   . GLY A 1 72  ? 3.832   -14.494 -9.770  1.00 37.50 ? 72  GLY X C   1 
ATOM   580  O O   . GLY A 1 72  ? 4.237   -13.380 -9.418  1.00 35.66 ? 72  GLY X O   1 
ATOM   581  N N   . VAL A 1 73  ? 3.005   -15.221 -9.024  1.00 31.87 ? 73  VAL X N   1 
ATOM   582  C CA  . VAL A 1 73  ? 2.460   -14.759 -7.755  1.00 31.44 ? 73  VAL X CA  1 
ATOM   583  C C   . VAL A 1 73  ? 2.684   -15.861 -6.732  1.00 36.77 ? 73  VAL X C   1 
ATOM   584  O O   . VAL A 1 73  ? 2.390   -17.030 -6.999  1.00 36.61 ? 73  VAL X O   1 
ATOM   585  C CB  . VAL A 1 73  ? 0.957   -14.423 -7.872  1.00 28.84 ? 73  VAL X CB  1 
ATOM   586  C CG1 . VAL A 1 73  ? 0.354   -14.146 -6.504  1.00 31.09 ? 73  VAL X CG1 1 
ATOM   587  C CG2 . VAL A 1 73  ? 0.725   -13.261 -8.815  1.00 36.62 ? 73  VAL X CG2 1 
ATOM   588  N N   . ASP A 1 74  ? 3.213   -15.499 -5.572  1.00 25.36 ? 74  ASP X N   1 
ATOM   589  C CA  . ASP A 1 74  ? 3.247   -16.410 -4.439  1.00 31.50 ? 74  ASP X CA  1 
ATOM   590  C C   . ASP A 1 74  ? 2.006   -16.194 -3.581  1.00 31.59 ? 74  ASP X C   1 
ATOM   591  O O   . ASP A 1 74  ? 1.538   -15.062 -3.429  1.00 32.17 ? 74  ASP X O   1 
ATOM   592  C CB  . ASP A 1 74  ? 4.513   -16.196 -3.611  1.00 33.45 ? 74  ASP X CB  1 
ATOM   593  C CG  . ASP A 1 74  ? 5.777   -16.530 -4.385  1.00 40.68 ? 74  ASP X CG  1 
ATOM   594  O OD1 . ASP A 1 74  ? 5.673   -17.158 -5.456  1.00 34.51 ? 74  ASP X OD1 1 
ATOM   595  O OD2 . ASP A 1 74  ? 6.878   -16.165 -3.925  1.00 41.79 ? 74  ASP X OD2 1 
ATOM   596  N N   . VAL A 1 75  ? 1.463   -17.282 -3.038  1.00 28.20 ? 75  VAL X N   1 
ATOM   597  C CA  . VAL A 1 75  ? 0.219   -17.251 -2.275  1.00 28.53 ? 75  VAL X CA  1 
ATOM   598  C C   . VAL A 1 75  ? 0.508   -17.575 -0.821  1.00 26.77 ? 75  VAL X C   1 
ATOM   599  O O   . VAL A 1 75  ? 1.311   -18.465 -0.520  1.00 34.12 ? 75  VAL X O   1 
ATOM   600  C CB  . VAL A 1 75  ? -0.826  -18.237 -2.838  1.00 27.09 ? 75  VAL X CB  1 
ATOM   601  C CG1 . VAL A 1 75  ? -2.154  -18.026 -2.148  1.00 26.13 ? 75  VAL X CG1 1 
ATOM   602  C CG2 . VAL A 1 75  ? -0.964  -18.049 -4.325  1.00 44.25 ? 75  VAL X CG2 1 
ATOM   603  N N   . ILE A 1 76  ? -0.156  -16.856 0.088   1.00 20.53 ? 76  ILE X N   1 
ATOM   604  C CA  . ILE A 1 76  ? -0.166  -17.196 1.504   1.00 22.07 ? 76  ILE X CA  1 
ATOM   605  C C   . ILE A 1 76  ? -1.612  -17.217 1.982   1.00 27.05 ? 76  ILE X C   1 
ATOM   606  O O   . ILE A 1 76  ? -2.493  -16.599 1.384   1.00 27.69 ? 76  ILE X O   1 
ATOM   607  C CB  . ILE A 1 76  ? 0.682   -16.217 2.353   1.00 32.39 ? 76  ILE X CB  1 
ATOM   608  C CG1 . ILE A 1 76  ? 0.114   -14.792 2.274   1.00 30.36 ? 76  ILE X CG1 1 
ATOM   609  C CG2 . ILE A 1 76  ? 2.119   -16.251 1.888   1.00 25.96 ? 76  ILE X CG2 1 
ATOM   610  C CD1 . ILE A 1 76  ? 0.761   -13.812 3.249   1.00 24.30 ? 76  ILE X CD1 1 
ATOM   611  N N   . HIS A 1 77  ? -1.853  -17.942 3.080   1.00 26.07 ? 77  HIS X N   1 
ATOM   612  C CA  . HIS A 1 77  ? -3.201  -18.139 3.584   1.00 24.12 ? 77  HIS X CA  1 
ATOM   613  C C   . HIS A 1 77  ? -3.395  -17.658 5.010   1.00 28.08 ? 77  HIS X C   1 
ATOM   614  O O   . HIS A 1 77  ? -4.487  -17.826 5.565   1.00 24.74 ? 77  HIS X O   1 
ATOM   615  C CB  . HIS A 1 77  ? -3.593  -19.620 3.482   1.00 28.18 ? 77  HIS X CB  1 
ATOM   616  C CG  . HIS A 1 77  ? -3.624  -20.116 2.077   1.00 28.06 ? 77  HIS X CG  1 
ATOM   617  N ND1 . HIS A 1 77  ? -4.378  -19.509 1.096   1.00 32.00 ? 77  HIS X ND1 1 
ATOM   618  C CD2 . HIS A 1 77  ? -2.959  -21.125 1.471   1.00 31.28 ? 77  HIS X CD2 1 
ATOM   619  C CE1 . HIS A 1 77  ? -4.193  -20.135 -0.050  1.00 31.54 ? 77  HIS X CE1 1 
ATOM   620  N NE2 . HIS A 1 77  ? -3.332  -21.117 0.147   1.00 30.52 ? 77  HIS X NE2 1 
ATOM   621  N N   . SER A 1 78  ? -2.381  -17.044 5.611   1.00 32.17 ? 78  SER X N   1 
ATOM   622  C CA  . SER A 1 78  ? -2.485  -16.601 6.988   1.00 25.90 ? 78  SER X CA  1 
ATOM   623  C C   . SER A 1 78  ? -1.648  -15.343 7.167   1.00 31.46 ? 78  SER X C   1 
ATOM   624  O O   . SER A 1 78  ? -0.630  -15.159 6.494   1.00 31.35 ? 78  SER X O   1 
ATOM   625  C CB  . SER A 1 78  ? -2.016  -17.695 7.959   1.00 32.14 ? 78  SER X CB  1 
ATOM   626  O OG  . SER A 1 78  ? -1.849  -17.177 9.266   1.00 47.30 ? 78  SER X OG  1 
ATOM   627  N N   . ILE A 1 79  ? -2.101  -14.472 8.075   1.00 30.86 ? 79  ILE X N   1 
ATOM   628  C CA  . ILE A 1 79  ? -1.300  -13.314 8.472   1.00 29.62 ? 79  ILE X CA  1 
ATOM   629  C C   . ILE A 1 79  ? 0.091   -13.755 8.914   1.00 34.35 ? 79  ILE X C   1 
ATOM   630  O O   . ILE A 1 79  ? 1.100   -13.127 8.562   1.00 30.87 ? 79  ILE X O   1 
ATOM   631  C CB  . ILE A 1 79  ? -2.015  -12.525 9.585   1.00 34.30 ? 79  ILE X CB  1 
ATOM   632  C CG1 . ILE A 1 79  ? -3.148  -11.700 8.998   1.00 36.76 ? 79  ILE X CG1 1 
ATOM   633  C CG2 . ILE A 1 79  ? -1.031  -11.603 10.290  1.00 41.23 ? 79  ILE X CG2 1 
ATOM   634  C CD1 . ILE A 1 79  ? -2.670  -10.679 7.990   1.00 38.99 ? 79  ILE X CD1 1 
ATOM   635  N N   . GLU A 1 80  ? 0.168   -14.862 9.668   1.00 34.19 ? 80  GLU X N   1 
ATOM   636  C CA  . GLU A 1 80  ? 1.444   -15.292 10.233  1.00 33.28 ? 80  GLU X CA  1 
ATOM   637  C C   . GLU A 1 80  ? 2.461   -15.650 9.163   1.00 33.13 ? 80  GLU X C   1 
ATOM   638  O O   . GLU A 1 80  ? 3.665   -15.566 9.423   1.00 38.12 ? 80  GLU X O   1 
ATOM   639  C CB  . GLU A 1 80  ? 1.248   -16.483 11.181  1.00 31.41 ? 80  GLU X CB  1 
ATOM   640  C CG  . GLU A 1 80  ? -0.003  -16.407 12.042  1.00 42.80 ? 80  GLU X CG  1 
ATOM   641  C CD  . GLU A 1 80  ? -0.108  -15.112 12.848  1.00 60.34 ? 80  GLU X CD  1 
ATOM   642  O OE1 . GLU A 1 80  ? -1.239  -14.598 12.999  1.00 64.93 ? 80  GLU X OE1 1 
ATOM   643  O OE2 . GLU A 1 80  ? 0.931   -14.613 13.340  1.00 58.85 ? 80  GLU X OE2 1 
ATOM   644  N N   . ASP A 1 81  ? 2.014   -16.033 7.963   1.00 29.10 ? 81  ASP X N   1 
ATOM   645  C CA  . ASP A 1 81  ? 2.968   -16.321 6.892   1.00 32.00 ? 81  ASP X CA  1 
ATOM   646  C C   . ASP A 1 81  ? 3.801   -15.102 6.520   1.00 34.88 ? 81  ASP X C   1 
ATOM   647  O O   . ASP A 1 81  ? 4.926   -15.256 6.026   1.00 35.08 ? 81  ASP X O   1 
ATOM   648  C CB  . ASP A 1 81  ? 2.253   -16.821 5.633   1.00 28.46 ? 81  ASP X CB  1 
ATOM   649  C CG  . ASP A 1 81  ? 1.347   -18.003 5.898   1.00 39.32 ? 81  ASP X CG  1 
ATOM   650  O OD1 . ASP A 1 81  ? 1.581   -18.728 6.882   1.00 34.40 ? 81  ASP X OD1 1 
ATOM   651  O OD2 . ASP A 1 81  ? 0.396   -18.202 5.117   1.00 41.28 ? 81  ASP X OD2 1 
ATOM   652  N N   . ILE A 1 82  ? 3.253   -13.893 6.691   1.00 32.08 ? 82  ILE X N   1 
ATOM   653  C CA  . ILE A 1 82  ? 3.983   -12.686 6.295   1.00 25.88 ? 82  ILE X CA  1 
ATOM   654  C C   . ILE A 1 82  ? 5.325   -12.629 7.006   1.00 30.87 ? 82  ILE X C   1 
ATOM   655  O O   . ILE A 1 82  ? 6.354   -12.288 6.407   1.00 30.16 ? 82  ILE X O   1 
ATOM   656  C CB  . ILE A 1 82  ? 3.146   -11.423 6.593   1.00 26.64 ? 82  ILE X CB  1 
ATOM   657  C CG1 . ILE A 1 82  ? 1.848   -11.412 5.779   1.00 33.52 ? 82  ILE X CG1 1 
ATOM   658  C CG2 . ILE A 1 82  ? 3.968   -10.145 6.338   1.00 29.58 ? 82  ILE X CG2 1 
ATOM   659  C CD1 . ILE A 1 82  ? 0.813   -10.414 6.282   1.00 32.36 ? 82  ILE X CD1 1 
ATOM   660  N N   . TYR A 1 83  ? 5.335   -12.994 8.290   1.00 36.46 ? 83  TYR X N   1 
ATOM   661  C CA  . TYR A 1 83  ? 6.515   -12.879 9.136   1.00 41.19 ? 83  TYR X CA  1 
ATOM   662  C C   . TYR A 1 83  ? 7.642   -13.822 8.728   1.00 46.13 ? 83  TYR X C   1 
ATOM   663  O O   . TYR A 1 83  ? 8.752   -13.695 9.255   1.00 48.54 ? 83  TYR X O   1 
ATOM   664  C CB  . TYR A 1 83  ? 6.114   -13.127 10.585  1.00 29.78 ? 83  TYR X CB  1 
ATOM   665  C CG  . TYR A 1 83  ? 5.013   -12.210 11.069  1.00 34.08 ? 83  TYR X CG  1 
ATOM   666  C CD1 . TYR A 1 83  ? 5.091   -10.838 10.881  1.00 45.62 ? 83  TYR X CD1 1 
ATOM   667  C CD2 . TYR A 1 83  ? 3.893   -12.717 11.705  1.00 37.71 ? 83  TYR X CD2 1 
ATOM   668  C CE1 . TYR A 1 83  ? 4.077   -9.995  11.318  1.00 37.55 ? 83  TYR X CE1 1 
ATOM   669  C CE2 . TYR A 1 83  ? 2.880   -11.887 12.144  1.00 39.86 ? 83  TYR X CE2 1 
ATOM   670  C CZ  . TYR A 1 83  ? 2.975   -10.523 11.948  1.00 44.51 ? 83  TYR X CZ  1 
ATOM   671  O OH  . TYR A 1 83  ? 1.962   -9.694  12.384  1.00 43.36 ? 83  TYR X OH  1 
ATOM   672  N N   . GLN A 1 84  ? 7.393   -14.743 7.800   1.00 40.74 ? 84  GLN X N   1 
ATOM   673  C CA  . GLN A 1 84  ? 8.425   -15.629 7.293   1.00 38.34 ? 84  GLN X CA  1 
ATOM   674  C C   . GLN A 1 84  ? 9.051   -15.126 6.007   1.00 48.33 ? 84  GLN X C   1 
ATOM   675  O O   . GLN A 1 84  ? 10.074  -15.670 5.582   1.00 41.35 ? 84  GLN X O   1 
ATOM   676  C CB  . GLN A 1 84  ? 7.852   -17.031 7.055   1.00 50.33 ? 84  GLN X CB  1 
ATOM   677  C CG  . GLN A 1 84  ? 7.970   -17.960 8.251   1.00 46.32 ? 84  GLN X CG  1 
ATOM   678  C CD  . GLN A 1 84  ? 7.538   -17.305 9.550   1.00 60.63 ? 84  GLN X CD  1 
ATOM   679  O OE1 . GLN A 1 84  ? 8.369   -16.970 10.398  1.00 69.12 ? 84  GLN X OE1 1 
ATOM   680  N NE2 . GLN A 1 84  ? 6.229   -17.122 9.716   1.00 55.06 ? 84  GLN X NE2 1 
ATOM   681  N N   . LEU A 1 85  ? 8.466   -14.116 5.377   1.00 35.69 ? 85  LEU X N   1 
ATOM   682  C CA  . LEU A 1 85  ? 9.011   -13.629 4.121   1.00 35.08 ? 85  LEU X CA  1 
ATOM   683  C C   . LEU A 1 85  ? 10.341  -12.934 4.390   1.00 42.68 ? 85  LEU X C   1 
ATOM   684  O O   . LEU A 1 85  ? 10.441  -12.143 5.337   1.00 38.63 ? 85  LEU X O   1 
ATOM   685  C CB  . LEU A 1 85  ? 8.027   -12.673 3.444   1.00 36.78 ? 85  LEU X CB  1 
ATOM   686  C CG  . LEU A 1 85  ? 6.659   -13.278 3.123   1.00 37.96 ? 85  LEU X CG  1 
ATOM   687  C CD1 . LEU A 1 85  ? 5.632   -12.192 2.805   1.00 28.10 ? 85  LEU X CD1 1 
ATOM   688  C CD2 . LEU A 1 85  ? 6.789   -14.248 1.957   1.00 32.75 ? 85  LEU X CD2 1 
ATOM   689  N N   . PRO A 1 86  ? 11.385  -13.236 3.629   1.00 46.21 ? 86  PRO X N   1 
ATOM   690  C CA  . PRO A 1 86  ? 12.656  -12.527 3.799   1.00 47.37 ? 86  PRO X CA  1 
ATOM   691  C C   . PRO A 1 86  ? 12.663  -11.177 3.093   1.00 40.58 ? 86  PRO X C   1 
ATOM   692  O O   . PRO A 1 86  ? 11.912  -10.927 2.146   1.00 37.75 ? 86  PRO X O   1 
ATOM   693  C CB  . PRO A 1 86  ? 13.674  -13.479 3.156   1.00 39.18 ? 86  PRO X CB  1 
ATOM   694  C CG  . PRO A 1 86  ? 12.883  -14.246 2.151   1.00 42.15 ? 86  PRO X CG  1 
ATOM   695  C CD  . PRO A 1 86  ? 11.528  -14.431 2.774   1.00 41.12 ? 86  PRO X CD  1 
ATOM   696  N N   . GLY A 1 87  ? 13.553  -10.310 3.572   1.00 30.49 ? 87  GLY X N   1 
ATOM   697  C CA  . GLY A 1 87  ? 13.835  -9.058  2.894   1.00 28.44 ? 87  GLY X CA  1 
ATOM   698  C C   . GLY A 1 87  ? 12.941  -7.924  3.364   1.00 29.70 ? 87  GLY X C   1 
ATOM   699  O O   . GLY A 1 87  ? 12.301  -7.984  4.417   1.00 29.05 ? 87  GLY X O   1 
ATOM   700  N N   . HIS A 1 88  ? 12.925  -6.858  2.569   1.00 31.63 ? 88  HIS X N   1 
ATOM   701  C CA  . HIS A 1 88  ? 12.038  -5.735  2.844   1.00 27.98 ? 88  HIS X CA  1 
ATOM   702  C C   . HIS A 1 88  ? 10.657  -6.061  2.287   1.00 25.82 ? 88  HIS X C   1 
ATOM   703  O O   . HIS A 1 88  ? 10.505  -6.262  1.075   1.00 28.48 ? 88  HIS X O   1 
ATOM   704  C CB  . HIS A 1 88  ? 12.581  -4.450  2.228   1.00 28.64 ? 88  HIS X CB  1 
ATOM   705  C CG  . HIS A 1 88  ? 11.972  -3.206  2.801   1.00 26.75 ? 88  HIS X CG  1 
ATOM   706  N ND1 . HIS A 1 88  ? 12.327  -1.944  2.381   1.00 29.18 ? 88  HIS X ND1 1 
ATOM   707  C CD2 . HIS A 1 88  ? 11.030  -3.034  3.763   1.00 32.16 ? 88  HIS X CD2 1 
ATOM   708  C CE1 . HIS A 1 88  ? 11.632  -1.045  3.062   1.00 40.85 ? 88  HIS X CE1 1 
ATOM   709  N NE2 . HIS A 1 88  ? 10.838  -1.680  3.906   1.00 28.62 ? 88  HIS X NE2 1 
ATOM   710  N N   . VAL A 1 89  ? 9.664   -6.123  3.170   1.00 30.13 ? 89  VAL X N   1 
ATOM   711  C CA  . VAL A 1 89  ? 8.298   -6.505  2.815   1.00 27.29 ? 89  VAL X CA  1 
ATOM   712  C C   . VAL A 1 89  ? 7.384   -5.304  3.017   1.00 25.25 ? 89  VAL X C   1 
ATOM   713  O O   . VAL A 1 89  ? 7.347   -4.730  4.113   1.00 27.87 ? 89  VAL X O   1 
ATOM   714  C CB  . VAL A 1 89  ? 7.820   -7.699  3.657   1.00 28.52 ? 89  VAL X CB  1 
ATOM   715  C CG1 . VAL A 1 89  ? 6.323   -7.967  3.426   1.00 23.15 ? 89  VAL X CG1 1 
ATOM   716  C CG2 . VAL A 1 89  ? 8.672   -8.942  3.328   1.00 32.00 ? 89  VAL X CG2 1 
ATOM   717  N N   . PHE A 1 90  ? 6.631   -4.948  1.970   1.00 24.66 ? 90  PHE X N   1 
ATOM   718  C CA  . PHE A 1 90  ? 5.675   -3.843  2.005   1.00 21.66 ? 90  PHE X CA  1 
ATOM   719  C C   . PHE A 1 90  ? 4.256   -4.398  2.029   1.00 26.80 ? 90  PHE X C   1 
ATOM   720  O O   . PHE A 1 90  ? 3.852   -5.104  1.094   1.00 23.57 ? 90  PHE X O   1 
ATOM   721  C CB  . PHE A 1 90  ? 5.832   -2.925  0.798   1.00 20.36 ? 90  PHE X CB  1 
ATOM   722  C CG  . PHE A 1 90  ? 7.163   -2.220  0.725   1.00 25.72 ? 90  PHE X CG  1 
ATOM   723  C CD1 . PHE A 1 90  ? 7.310   -0.945  1.249   1.00 25.31 ? 90  PHE X CD1 1 
ATOM   724  C CD2 . PHE A 1 90  ? 8.257   -2.826  0.112   1.00 32.18 ? 90  PHE X CD2 1 
ATOM   725  C CE1 . PHE A 1 90  ? 8.531   -0.278  1.180   1.00 25.24 ? 90  PHE X CE1 1 
ATOM   726  C CE2 . PHE A 1 90  ? 9.481   -2.170  0.037   1.00 30.47 ? 90  PHE X CE2 1 
ATOM   727  C CZ  . PHE A 1 90  ? 9.616   -0.892  0.571   1.00 33.87 ? 90  PHE X CZ  1 
ATOM   728  N N   . ILE A 1 91  ? 3.515   -4.075  3.091   1.00 20.86 ? 91  ILE X N   1 
ATOM   729  C CA  . ILE A 1 91  ? 2.072   -4.312  3.130   1.00 22.31 ? 91  ILE X CA  1 
ATOM   730  C C   . ILE A 1 91  ? 1.415   -3.317  2.183   1.00 25.22 ? 91  ILE X C   1 
ATOM   731  O O   . ILE A 1 91  ? 1.500   -2.103  2.391   1.00 20.35 ? 91  ILE X O   1 
ATOM   732  C CB  . ILE A 1 91  ? 1.536   -4.174  4.559   1.00 20.59 ? 91  ILE X CB  1 
ATOM   733  C CG1 . ILE A 1 91  ? 2.292   -5.115  5.515   1.00 22.51 ? 91  ILE X CG1 1 
ATOM   734  C CG2 . ILE A 1 91  ? 0.017   -4.443  4.606   1.00 17.61 ? 91  ILE X CG2 1 
ATOM   735  C CD1 . ILE A 1 91  ? 2.178   -6.595  5.152   1.00 25.96 ? 91  ILE X CD1 1 
ATOM   736  N N   . PHE A 1 92  ? 0.793   -3.833  1.115   1.00 19.63 ? 92  PHE X N   1 
ATOM   737  C CA  . PHE A 1 92  ? 0.443   -3.067  -0.079  1.00 20.11 ? 92  PHE X CA  1 
ATOM   738  C C   . PHE A 1 92  ? -1.036  -2.696  -0.142  1.00 17.49 ? 92  PHE X C   1 
ATOM   739  O O   . PHE A 1 92  ? -1.409  -1.821  -0.939  1.00 18.20 ? 92  PHE X O   1 
ATOM   740  C CB  . PHE A 1 92  ? 0.829   -3.883  -1.327  1.00 17.40 ? 92  PHE X CB  1 
ATOM   741  C CG  . PHE A 1 92  ? 0.978   -3.078  -2.600  1.00 19.78 ? 92  PHE X CG  1 
ATOM   742  C CD1 . PHE A 1 92  ? 0.344   -3.495  -3.772  1.00 20.06 ? 92  PHE X CD1 1 
ATOM   743  C CD2 . PHE A 1 92  ? 1.770   -1.945  -2.645  1.00 22.73 ? 92  PHE X CD2 1 
ATOM   744  C CE1 . PHE A 1 92  ? 0.489   -2.780  -4.972  1.00 21.06 ? 92  PHE X CE1 1 
ATOM   745  C CE2 . PHE A 1 92  ? 1.916   -1.230  -3.831  1.00 21.25 ? 92  PHE X CE2 1 
ATOM   746  C CZ  . PHE A 1 92  ? 1.269   -1.649  -4.994  1.00 22.58 ? 92  PHE X CZ  1 
ATOM   747  N N   . GLY A 1 93  ? -1.871  -3.309  0.685   1.00 17.37 ? 93  GLY X N   1 
ATOM   748  C CA  . GLY A 1 93  ? -3.308  -3.105  0.636   1.00 23.16 ? 93  GLY X CA  1 
ATOM   749  C C   . GLY A 1 93  ? -4.051  -4.425  0.630   1.00 19.11 ? 93  GLY X C   1 
ATOM   750  O O   . GLY A 1 93  ? -3.463  -5.504  0.551   1.00 17.78 ? 93  GLY X O   1 
ATOM   751  N N   . GLY A 1 94  ? -5.386  -4.316  0.715   1.00 17.28 ? 94  GLY X N   1 
ATOM   752  C CA  . GLY A 1 94  ? -6.114  -3.049  0.758   1.00 16.20 ? 94  GLY X CA  1 
ATOM   753  C C   . GLY A 1 94  ? -6.547  -2.750  2.182   1.00 16.08 ? 94  GLY X C   1 
ATOM   754  O O   . GLY A 1 94  ? -5.767  -2.942  3.099   1.00 18.38 ? 94  GLY X O   1 
ATOM   755  N N   . GLN A 1 95  ? -7.788  -2.282  2.360   1.00 18.35 ? 95  GLN X N   1 
ATOM   756  C CA  . GLN A 1 95  ? -8.254  -1.880  3.687   1.00 17.74 ? 95  GLN X CA  1 
ATOM   757  C C   . GLN A 1 95  ? -8.094  -3.000  4.709   1.00 23.02 ? 95  GLN X C   1 
ATOM   758  O O   . GLN A 1 95  ? -7.647  -2.761  5.839   1.00 18.89 ? 95  GLN X O   1 
ATOM   759  C CB  . GLN A 1 95  ? -9.723  -1.430  3.629   1.00 16.65 ? 95  GLN X CB  1 
ATOM   760  C CG  . GLN A 1 95  ? -10.356 -1.327  5.043   1.00 20.24 ? 95  GLN X CG  1 
ATOM   761  C CD  . GLN A 1 95  ? -11.777 -0.803  5.042   1.00 25.78 ? 95  GLN X CD  1 
ATOM   762  O OE1 . GLN A 1 95  ? -12.101 0.169   4.365   1.00 16.64 ? 95  GLN X OE1 1 
ATOM   763  N NE2 . GLN A 1 95  ? -12.644 -1.461  5.803   1.00 40.97 ? 95  GLN X NE2 1 
ATOM   764  N N   . THR A 1 96  ? -8.451  -4.236  4.340   1.00 20.42 ? 96  THR X N   1 
ATOM   765  C CA  A THR A 1 96  ? -8.393  -5.329  5.303   0.65 20.86 ? 96  THR X CA  1 
ATOM   766  C CA  B THR A 1 96  ? -8.389  -5.331  5.309   0.35 20.86 ? 96  THR X CA  1 
ATOM   767  C C   . THR A 1 96  ? -6.961  -5.572  5.771   1.00 19.81 ? 96  THR X C   1 
ATOM   768  O O   . THR A 1 96  ? -6.699  -5.698  6.976   1.00 20.49 ? 96  THR X O   1 
ATOM   769  C CB  A THR A 1 96  ? -9.004  -6.588  4.683   0.65 22.11 ? 96  THR X CB  1 
ATOM   770  C CB  B THR A 1 96  ? -8.966  -6.621  4.724   0.35 22.03 ? 96  THR X CB  1 
ATOM   771  O OG1 A THR A 1 96  ? -10.369 -6.310  4.318   0.65 20.14 ? 96  THR X OG1 1 
ATOM   772  O OG1 B THR A 1 96  ? -8.205  -7.008  3.573   0.35 20.90 ? 96  THR X OG1 1 
ATOM   773  C CG2 A THR A 1 96  ? -8.974  -7.734  5.661   0.65 23.67 ? 96  THR X CG2 1 
ATOM   774  C CG2 B THR A 1 96  ? -10.437 -6.441  4.357   0.35 20.30 ? 96  THR X CG2 1 
ATOM   775  N N   . LEU A 1 97  ? -6.016  -5.635  4.830   1.00 17.10 ? 97  LEU X N   1 
ATOM   776  C CA  A LEU A 1 97  ? -4.627  -5.872  5.215   0.62 18.41 ? 97  LEU X CA  1 
ATOM   777  C CA  B LEU A 1 97  ? -4.622  -5.860  5.201   0.38 18.47 ? 97  LEU X CA  1 
ATOM   778  C C   . LEU A 1 97  ? -4.061  -4.699  6.012   1.00 19.82 ? 97  LEU X C   1 
ATOM   779  O O   . LEU A 1 97  ? -3.299  -4.911  6.963   1.00 24.17 ? 97  LEU X O   1 
ATOM   780  C CB  A LEU A 1 97  ? -3.758  -6.144  3.987   0.62 20.68 ? 97  LEU X CB  1 
ATOM   781  C CB  B LEU A 1 97  ? -3.774  -6.088  3.954   0.38 20.66 ? 97  LEU X CB  1 
ATOM   782  C CG  A LEU A 1 97  ? -2.513  -6.999  4.270   0.62 23.80 ? 97  LEU X CG  1 
ATOM   783  C CG  B LEU A 1 97  ? -3.933  -7.489  3.374   0.38 18.64 ? 97  LEU X CG  1 
ATOM   784  C CD1 A LEU A 1 97  ? -2.804  -8.174  5.186   0.62 23.38 ? 97  LEU X CD1 1 
ATOM   785  C CD1 B LEU A 1 97  ? -2.661  -7.879  2.686   0.38 27.91 ? 97  LEU X CD1 1 
ATOM   786  C CD2 A LEU A 1 97  ? -1.865  -7.470  2.984   0.62 28.32 ? 97  LEU X CD2 1 
ATOM   787  C CD2 B LEU A 1 97  ? -4.258  -8.455  4.489   0.38 32.41 ? 97  LEU X CD2 1 
ATOM   788  N N   . PHE A 1 98  ? -4.406  -3.459  5.636   1.00 21.07 ? 98  PHE X N   1 
ATOM   789  C CA  . PHE A 1 98  ? -3.929  -2.317  6.418   1.00 19.96 ? 98  PHE X CA  1 
ATOM   790  C C   . PHE A 1 98  ? -4.439  -2.384  7.854   1.00 21.11 ? 98  PHE X C   1 
ATOM   791  O O   . PHE A 1 98  ? -3.683  -2.119  8.797   1.00 26.72 ? 98  PHE X O   1 
ATOM   792  C CB  . PHE A 1 98  ? -4.344  -0.994  5.763   1.00 17.11 ? 98  PHE X CB  1 
ATOM   793  C CG  . PHE A 1 98  ? -3.628  -0.709  4.460   1.00 16.90 ? 98  PHE X CG  1 
ATOM   794  C CD1 . PHE A 1 98  ? -2.283  -1.007  4.311   1.00 19.42 ? 98  PHE X CD1 1 
ATOM   795  C CD2 . PHE A 1 98  ? -4.306  -0.156  3.385   1.00 14.78 ? 98  PHE X CD2 1 
ATOM   796  C CE1 . PHE A 1 98  ? -1.632  -0.748  3.113   1.00 17.45 ? 98  PHE X CE1 1 
ATOM   797  C CE2 . PHE A 1 98  ? -3.659  0.101   2.179   1.00 20.74 ? 98  PHE X CE2 1 
ATOM   798  C CZ  . PHE A 1 98  ? -2.313  -0.190  2.049   1.00 17.34 ? 98  PHE X CZ  1 
ATOM   799  N N   . GLU A 1 99  ? -5.721  -2.722  8.042   1.00 18.81 ? 99  GLU X N   1 
ATOM   800  C CA  . GLU A 1 99  ? -6.276  -2.855  9.390   1.00 18.01 ? 99  GLU X CA  1 
ATOM   801  C C   . GLU A 1 99  ? -5.597  -3.978  10.157  1.00 23.06 ? 99  GLU X C   1 
ATOM   802  O O   . GLU A 1 99  ? -5.331  -3.853  11.355  1.00 22.78 ? 99  GLU X O   1 
ATOM   803  C CB  . GLU A 1 99  ? -7.784  -3.108  9.325   1.00 22.41 ? 99  GLU X CB  1 
ATOM   804  C CG  . GLU A 1 99  ? -8.609  -1.917  8.849   1.00 24.68 ? 99  GLU X CG  1 
ATOM   805  C CD  . GLU A 1 99  ? -10.072 -2.279  8.597   1.00 30.62 ? 99  GLU X CD  1 
ATOM   806  O OE1 . GLU A 1 99  ? -10.901 -1.357  8.469   1.00 26.16 ? 99  GLU X OE1 1 
ATOM   807  O OE2 . GLU A 1 99  ? -10.392 -3.486  8.523   1.00 27.27 ? 99  GLU X OE2 1 
ATOM   808  N N   . GLU A 1 100 ? -5.307  -5.087  9.482   1.00 21.09 ? 100 GLU X N   1 
ATOM   809  C CA  . GLU A 1 100 ? -4.684  -6.215  10.154  1.00 19.22 ? 100 GLU X CA  1 
ATOM   810  C C   . GLU A 1 100 ? -3.230  -5.943  10.515  1.00 25.42 ? 100 GLU X C   1 
ATOM   811  O O   . GLU A 1 100 ? -2.723  -6.514  11.485  1.00 25.75 ? 100 GLU X O   1 
ATOM   812  C CB  . GLU A 1 100 ? -4.783  -7.450  9.266   1.00 25.48 ? 100 GLU X CB  1 
ATOM   813  C CG  . GLU A 1 100 ? -6.209  -7.915  9.038   1.00 23.99 ? 100 GLU X CG  1 
ATOM   814  C CD  . GLU A 1 100 ? -6.272  -9.138  8.142   1.00 21.52 ? 100 GLU X CD  1 
ATOM   815  O OE1 . GLU A 1 100 ? -6.198  -8.982  6.909   1.00 27.77 ? 100 GLU X OE1 1 
ATOM   816  O OE2 . GLU A 1 100 ? -6.385  -10.254 8.685   1.00 31.26 ? 100 GLU X OE2 1 
ATOM   817  N N   . MET A 1 101 ? -2.542  -5.082  9.769   1.00 22.34 ? 101 MET X N   1 
ATOM   818  C CA  . MET A 1 101 ? -1.099  -4.955  9.914   1.00 19.60 ? 101 MET X CA  1 
ATOM   819  C C   . MET A 1 101 ? -0.626  -3.626  10.496  1.00 27.24 ? 101 MET X C   1 
ATOM   820  O O   . MET A 1 101 ? 0.566   -3.500  10.776  1.00 27.87 ? 101 MET X O   1 
ATOM   821  C CB  . MET A 1 101 ? -0.408  -5.158  8.562   1.00 20.79 ? 101 MET X CB  1 
ATOM   822  C CG  . MET A 1 101 ? -0.589  -6.561  7.991   1.00 27.96 ? 101 MET X CG  1 
ATOM   823  S SD  . MET A 1 101 ? -0.001  -7.849  9.117   1.00 31.35 ? 101 MET X SD  1 
ATOM   824  C CE  . MET A 1 101 ? 1.774   -7.628  9.019   1.00 22.79 ? 101 MET X CE  1 
ATOM   825  N N   . ILE A 1 102 ? -1.500  -2.639  10.688  1.00 23.82 ? 102 ILE X N   1 
ATOM   826  C CA  . ILE A 1 102 ? -0.985  -1.320  11.065  1.00 24.25 ? 102 ILE X CA  1 
ATOM   827  C C   . ILE A 1 102 ? -0.294  -1.364  12.425  1.00 25.05 ? 102 ILE X C   1 
ATOM   828  O O   . ILE A 1 102 ? 0.676   -0.635  12.652  1.00 29.73 ? 102 ILE X O   1 
ATOM   829  C CB  . ILE A 1 102 ? -2.091  -0.240  11.021  1.00 28.03 ? 102 ILE X CB  1 
ATOM   830  C CG1 . ILE A 1 102 ? -1.461  1.150   11.225  1.00 31.79 ? 102 ILE X CG1 1 
ATOM   831  C CG2 . ILE A 1 102 ? -3.173  -0.512  12.055  1.00 23.40 ? 102 ILE X CG2 1 
ATOM   832  C CD1 . ILE A 1 102 ? -2.345  2.305   10.818  1.00 29.66 ? 102 ILE X CD1 1 
ATOM   833  N N   . ASP A 1 103 ? -0.739  -2.236  13.336  1.00 23.40 ? 103 ASP X N   1 
ATOM   834  C CA  . ASP A 1 103 ? -0.083  -2.322  14.640  1.00 30.13 ? 103 ASP X CA  1 
ATOM   835  C C   . ASP A 1 103 ? 1.152   -3.203  14.642  1.00 25.56 ? 103 ASP X C   1 
ATOM   836  O O   . ASP A 1 103 ? 1.778   -3.350  15.694  1.00 31.61 ? 103 ASP X O   1 
ATOM   837  C CB  . ASP A 1 103 ? -1.062  -2.822  15.707  1.00 27.92 ? 103 ASP X CB  1 
ATOM   838  C CG  . ASP A 1 103 ? -2.212  -1.869  15.920  1.00 43.03 ? 103 ASP X CG  1 
ATOM   839  O OD1 . ASP A 1 103 ? -3.367  -2.329  16.042  1.00 46.21 ? 103 ASP X OD1 1 
ATOM   840  O OD2 . ASP A 1 103 ? -1.956  -0.647  15.932  1.00 45.50 ? 103 ASP X OD2 1 
ATOM   841  N N   . LYS A 1 104 ? 1.534   -3.780  13.506  1.00 26.15 ? 104 LYS X N   1 
ATOM   842  C CA  . LYS A 1 104 ? 2.671   -4.687  13.453  1.00 28.34 ? 104 LYS X CA  1 
ATOM   843  C C   . LYS A 1 104 ? 3.848   -4.142  12.662  1.00 30.86 ? 104 LYS X C   1 
ATOM   844  O O   . LYS A 1 104 ? 4.948   -4.686  12.773  1.00 28.61 ? 104 LYS X O   1 
ATOM   845  C CB  . LYS A 1 104 ? 2.263   -6.033  12.827  1.00 32.05 ? 104 LYS X CB  1 
ATOM   846  C CG  . LYS A 1 104 ? 0.933   -6.597  13.312  1.00 35.28 ? 104 LYS X CG  1 
ATOM   847  C CD  . LYS A 1 104 ? 1.000   -7.030  14.771  1.00 41.32 ? 104 LYS X CD  1 
ATOM   848  C CE  . LYS A 1 104 ? -0.393  -7.284  15.334  1.00 46.07 ? 104 LYS X CE  1 
ATOM   849  N NZ  . LYS A 1 104 ? -0.399  -7.429  16.816  1.00 52.79 ? 104 LYS X NZ  1 
ATOM   850  N N   . VAL A 1 105 ? 3.656   -3.114  11.865  1.00 25.96 ? 105 VAL X N   1 
ATOM   851  C CA  . VAL A 1 105 ? 4.707   -2.720  10.934  1.00 25.71 ? 105 VAL X CA  1 
ATOM   852  C C   . VAL A 1 105 ? 5.712   -1.806  11.624  1.00 28.23 ? 105 VAL X C   1 
ATOM   853  O O   . VAL A 1 105 ? 5.409   -1.121  12.607  1.00 28.21 ? 105 VAL X O   1 
ATOM   854  C CB  . VAL A 1 105 ? 4.123   -2.056  9.671   1.00 25.52 ? 105 VAL X CB  1 
ATOM   855  C CG1 . VAL A 1 105 ? 3.418   -3.116  8.794   1.00 22.62 ? 105 VAL X CG1 1 
ATOM   856  C CG2 . VAL A 1 105 ? 3.184   -0.905  10.053  1.00 23.95 ? 105 VAL X CG2 1 
ATOM   857  N N   . ASP A 1 106 ? 6.935   -1.806  11.083  1.00 30.66 ? 106 ASP X N   1 
ATOM   858  C CA  . ASP A 1 106 ? 7.991   -0.939  11.594  1.00 31.17 ? 106 ASP X CA  1 
ATOM   859  C C   . ASP A 1 106 ? 7.747   0.512   11.206  1.00 31.77 ? 106 ASP X C   1 
ATOM   860  O O   . ASP A 1 106 ? 7.973   1.431   12.008  1.00 24.72 ? 106 ASP X O   1 
ATOM   861  C CB  . ASP A 1 106 ? 9.345   -1.417  11.059  1.00 27.62 ? 106 ASP X CB  1 
ATOM   862  C CG  . ASP A 1 106 ? 9.642   -2.870  11.437  1.00 33.84 ? 106 ASP X CG  1 
ATOM   863  O OD1 . ASP A 1 106 ? 9.333   -3.238  12.586  1.00 37.00 ? 106 ASP X OD1 1 
ATOM   864  O OD2 . ASP A 1 106 ? 10.172  -3.635  10.595  1.00 33.49 ? 106 ASP X OD2 1 
ATOM   865  N N   . ASP A 1 107 ? 7.291   0.737   9.982   1.00 28.86 ? 107 ASP X N   1 
ATOM   866  C CA  . ASP A 1 107 ? 7.202   2.087   9.456   1.00 23.16 ? 107 ASP X CA  1 
ATOM   867  C C   . ASP A 1 107 ? 6.173   2.081   8.337   1.00 28.32 ? 107 ASP X C   1 
ATOM   868  O O   . ASP A 1 107 ? 5.694   1.023   7.908   1.00 24.90 ? 107 ASP X O   1 
ATOM   869  C CB  . ASP A 1 107 ? 8.575   2.585   8.980   1.00 19.79 ? 107 ASP X CB  1 
ATOM   870  C CG  . ASP A 1 107 ? 9.175   1.728   7.891   1.00 25.97 ? 107 ASP X CG  1 
ATOM   871  O OD1 . ASP A 1 107 ? 10.164  2.177   7.289   1.00 24.38 ? 107 ASP X OD1 1 
ATOM   872  O OD2 . ASP A 1 107 ? 8.673   0.611   7.623   1.00 29.77 ? 107 ASP X OD2 1 
ATOM   873  N N   . MET A 1 108 ? 5.830   3.283   7.875   1.00 22.04 ? 108 MET X N   1 
ATOM   874  C CA  . MET A 1 108 ? 4.808   3.459   6.848   1.00 17.80 ? 108 MET X CA  1 
ATOM   875  C C   . MET A 1 108 ? 5.303   4.449   5.811   1.00 20.51 ? 108 MET X C   1 
ATOM   876  O O   . MET A 1 108 ? 5.821   5.511   6.166   1.00 20.15 ? 108 MET X O   1 
ATOM   877  C CB  . MET A 1 108 ? 3.491   3.957   7.458   1.00 17.14 ? 108 MET X CB  1 
ATOM   878  C CG  . MET A 1 108 ? 3.021   3.127   8.656   1.00 18.19 ? 108 MET X CG  1 
ATOM   879  S SD  . MET A 1 108 ? 1.277   3.320   9.075   1.00 21.51 ? 108 MET X SD  1 
ATOM   880  C CE  . MET A 1 108 ? 1.290   4.950   9.817   1.00 18.36 ? 108 MET X CE  1 
ATOM   881  N N   . TYR A 1 109 ? 5.137   4.110   4.542   1.00 17.37 ? 109 TYR X N   1 
ATOM   882  C CA  . TYR A 1 109 ? 5.344   5.053   3.448   1.00 16.94 ? 109 TYR X CA  1 
ATOM   883  C C   . TYR A 1 109 ? 3.967   5.464   2.960   1.00 19.86 ? 109 TYR X C   1 
ATOM   884  O O   . TYR A 1 109 ? 3.283   4.685   2.285   1.00 17.43 ? 109 TYR X O   1 
ATOM   885  C CB  . TYR A 1 109 ? 6.152   4.427   2.318   1.00 20.49 ? 109 TYR X CB  1 
ATOM   886  C CG  . TYR A 1 109 ? 7.561   4.099   2.727   1.00 25.47 ? 109 TYR X CG  1 
ATOM   887  C CD1 . TYR A 1 109 ? 7.866   2.887   3.328   1.00 24.40 ? 109 TYR X CD1 1 
ATOM   888  C CD2 . TYR A 1 109 ? 8.590   5.018   2.526   1.00 23.75 ? 109 TYR X CD2 1 
ATOM   889  C CE1 . TYR A 1 109 ? 9.177   2.594   3.718   1.00 28.83 ? 109 TYR X CE1 1 
ATOM   890  C CE2 . TYR A 1 109 ? 9.893   4.740   2.915   1.00 19.38 ? 109 TYR X CE2 1 
ATOM   891  C CZ  . TYR A 1 109 ? 10.179  3.525   3.499   1.00 23.74 ? 109 TYR X CZ  1 
ATOM   892  O OH  . TYR A 1 109 ? 11.466  3.232   3.888   1.00 26.88 ? 109 TYR X OH  1 
ATOM   893  N N   . ILE A 1 110 ? 3.559   6.679   3.302   1.00 14.52 ? 110 ILE X N   1 
ATOM   894  C CA  . ILE A 1 110 ? 2.204   7.146   3.048   1.00 15.16 ? 110 ILE X CA  1 
ATOM   895  C C   . ILE A 1 110 ? 2.287   8.287   2.052   1.00 20.21 ? 110 ILE X C   1 
ATOM   896  O O   . ILE A 1 110 ? 3.055   9.230   2.255   1.00 18.59 ? 110 ILE X O   1 
ATOM   897  C CB  . ILE A 1 110 ? 1.518   7.617   4.342   1.00 18.33 ? 110 ILE X CB  1 
ATOM   898  C CG1 . ILE A 1 110 ? 1.411   6.460   5.337   1.00 20.05 ? 110 ILE X CG1 1 
ATOM   899  C CG2 . ILE A 1 110 ? 0.144   8.244   4.016   1.00 17.42 ? 110 ILE X CG2 1 
ATOM   900  C CD1 . ILE A 1 110 ? 0.694   6.814   6.634   1.00 24.06 ? 110 ILE X CD1 1 
ATOM   901  N N   . THR A 1 111 ? 1.515   8.203   0.982   1.00 14.85 ? 111 THR X N   1 
ATOM   902  C CA  . THR A 1 111 ? 1.274   9.349   0.111   1.00 15.31 ? 111 THR X CA  1 
ATOM   903  C C   . THR A 1 111 ? -0.045  9.981   0.537   1.00 22.03 ? 111 THR X C   1 
ATOM   904  O O   . THR A 1 111 ? -1.106  9.371   0.378   1.00 14.89 ? 111 THR X O   1 
ATOM   905  C CB  . THR A 1 111 ? 1.218   8.938   -1.363  1.00 17.74 ? 111 THR X CB  1 
ATOM   906  O OG1 . THR A 1 111 ? 2.448   8.309   -1.740  1.00 20.03 ? 111 THR X OG1 1 
ATOM   907  C CG2 . THR A 1 111 ? 0.966   10.167  -2.250  1.00 20.02 ? 111 THR X CG2 1 
ATOM   908  N N   . VAL A 1 112 ? 0.012   11.183  1.104   1.00 16.45 ? 112 VAL X N   1 
ATOM   909  C CA  . VAL A 1 112 ? -1.215  11.898  1.428   1.00 17.03 ? 112 VAL X CA  1 
ATOM   910  C C   . VAL A 1 112 ? -1.693  12.612  0.173   1.00 21.57 ? 112 VAL X C   1 
ATOM   911  O O   . VAL A 1 112 ? -0.990  13.467  -0.374  1.00 19.40 ? 112 VAL X O   1 
ATOM   912  C CB  . VAL A 1 112 ? -1.007  12.895  2.573   1.00 19.55 ? 112 VAL X CB  1 
ATOM   913  C CG1 . VAL A 1 112 ? -2.347  13.577  2.903   1.00 18.09 ? 112 VAL X CG1 1 
ATOM   914  C CG2 . VAL A 1 112 ? -0.473  12.203  3.782   1.00 18.17 ? 112 VAL X CG2 1 
ATOM   915  N N   . ILE A 1 113 ? -2.871  12.238  -0.304  1.00 19.72 ? 113 ILE X N   1 
ATOM   916  C CA  . ILE A 1 113 ? -3.491  12.887  -1.453  1.00 18.82 ? 113 ILE X CA  1 
ATOM   917  C C   . ILE A 1 113 ? -4.337  14.023  -0.883  1.00 22.64 ? 113 ILE X C   1 
ATOM   918  O O   . ILE A 1 113 ? -5.278  13.778  -0.121  1.00 18.75 ? 113 ILE X O   1 
ATOM   919  C CB  . ILE A 1 113 ? -4.358  11.899  -2.253  1.00 21.59 ? 113 ILE X CB  1 
ATOM   920  C CG1 . ILE A 1 113 ? -3.624  10.552  -2.511  1.00 19.48 ? 113 ILE X CG1 1 
ATOM   921  C CG2 . ILE A 1 113 ? -4.845  12.540  -3.553  1.00 19.27 ? 113 ILE X CG2 1 
ATOM   922  C CD1 . ILE A 1 113 ? -2.803  10.467  -3.771  1.00 21.86 ? 113 ILE X CD1 1 
ATOM   923  N N   . GLU A 1 114 ? -3.994  15.266  -1.216  1.00 18.67 ? 114 GLU X N   1 
ATOM   924  C CA  . GLU A 1 114 ? -4.615  16.416  -0.556  1.00 18.28 ? 114 GLU X CA  1 
ATOM   925  C C   . GLU A 1 114 ? -5.923  16.788  -1.252  1.00 21.89 ? 114 GLU X C   1 
ATOM   926  O O   . GLU A 1 114 ? -6.098  17.889  -1.760  1.00 18.16 ? 114 GLU X O   1 
ATOM   927  C CB  . GLU A 1 114 ? -3.646  17.598  -0.527  1.00 21.86 ? 114 GLU X CB  1 
ATOM   928  C CG  . GLU A 1 114 ? -2.221  17.236  -0.152  1.00 23.77 ? 114 GLU X CG  1 
ATOM   929  C CD  . GLU A 1 114 ? -1.962  17.268  1.334   1.00 46.60 ? 114 GLU X CD  1 
ATOM   930  O OE1 . GLU A 1 114 ? -2.874  17.681  2.084   1.00 38.54 ? 114 GLU X OE1 1 
ATOM   931  O OE2 . GLU A 1 114 ? -0.835  16.885  1.750   1.00 40.61 ? 114 GLU X OE2 1 
ATOM   932  N N   . GLY A 1 115 ? -6.857  15.832  -1.253  1.00 16.88 ? 115 GLY X N   1 
ATOM   933  C CA  . GLY A 1 115 ? -8.191  16.065  -1.773  1.00 17.92 ? 115 GLY X CA  1 
ATOM   934  C C   . GLY A 1 115 ? -9.198  15.253  -0.984  1.00 18.57 ? 115 GLY X C   1 
ATOM   935  O O   . GLY A 1 115 ? -8.832  14.439  -0.131  1.00 16.99 ? 115 GLY X O   1 
ATOM   936  N N   . LYS A 1 116 ? -10.479 15.476  -1.271  1.00 16.57 ? 116 LYS X N   1 
ATOM   937  C CA  . LYS A 1 116 ? -11.539 14.707  -0.621  1.00 15.47 ? 116 LYS X CA  1 
ATOM   938  C C   . LYS A 1 116 ? -12.312 13.988  -1.712  1.00 17.43 ? 116 LYS X C   1 
ATOM   939  O O   . LYS A 1 116 ? -13.068 14.621  -2.458  1.00 19.30 ? 116 LYS X O   1 
ATOM   940  C CB  . LYS A 1 116 ? -12.455 15.598  0.222   1.00 15.88 ? 116 LYS X CB  1 
ATOM   941  C CG  . LYS A 1 116 ? -11.786 16.053  1.523   1.00 23.49 ? 116 LYS X CG  1 
ATOM   942  C CD  . LYS A 1 116 ? -12.410 17.333  2.060   1.00 37.77 ? 116 LYS X CD  1 
ATOM   943  C CE  . LYS A 1 116 ? -13.785 17.112  2.664   1.00 49.72 ? 116 LYS X CE  1 
ATOM   944  N NZ  . LYS A 1 116 ? -14.089 18.154  3.709   1.00 48.81 ? 116 LYS X NZ  1 
ATOM   945  N N   . PHE A 1 117 ? -12.123 12.676  -1.798  1.00 18.99 ? 117 PHE X N   1 
ATOM   946  C CA  . PHE A 1 117 ? -12.727 11.866  -2.843  1.00 15.23 ? 117 PHE X CA  1 
ATOM   947  C C   . PHE A 1 117 ? -13.858 11.040  -2.251  1.00 17.82 ? 117 PHE X C   1 
ATOM   948  O O   . PHE A 1 117 ? -13.933 10.834  -1.038  1.00 18.80 ? 117 PHE X O   1 
ATOM   949  C CB  . PHE A 1 117 ? -11.690 10.938  -3.478  1.00 17.47 ? 117 PHE X CB  1 
ATOM   950  C CG  . PHE A 1 117 ? -10.591 11.663  -4.210  1.00 22.74 ? 117 PHE X CG  1 
ATOM   951  C CD1 . PHE A 1 117 ? -10.590 11.731  -5.593  1.00 18.89 ? 117 PHE X CD1 1 
ATOM   952  C CD2 . PHE A 1 117 ? -9.561  12.275  -3.513  1.00 17.94 ? 117 PHE X CD2 1 
ATOM   953  C CE1 . PHE A 1 117 ? -9.575  12.404  -6.269  1.00 18.59 ? 117 PHE X CE1 1 
ATOM   954  C CE2 . PHE A 1 117 ? -8.545  12.948  -4.182  1.00 19.16 ? 117 PHE X CE2 1 
ATOM   955  C CZ  . PHE A 1 117 ? -8.557  13.012  -5.558  1.00 20.99 ? 117 PHE X CZ  1 
ATOM   956  N N   . ARG A 1 118 ? -14.725 10.546  -3.124  1.00 21.25 ? 118 ARG X N   1 
ATOM   957  C CA  . ARG A 1 118 ? -15.735 9.580   -2.707  1.00 20.77 ? 118 ARG X CA  1 
ATOM   958  C C   . ARG A 1 118 ? -15.072 8.210   -2.563  1.00 18.16 ? 118 ARG X C   1 
ATOM   959  O O   . ARG A 1 118 ? -14.375 7.754   -3.481  1.00 21.48 ? 118 ARG X O   1 
ATOM   960  C CB  . ARG A 1 118 ? -16.872 9.528   -3.729  1.00 29.18 ? 118 ARG X CB  1 
ATOM   961  C CG  . ARG A 1 118 ? -17.677 8.231   -3.697  1.00 33.28 ? 118 ARG X CG  1 
ATOM   962  C CD  . ARG A 1 118 ? -18.803 8.233   -4.731  1.00 43.56 ? 118 ARG X CD  1 
ATOM   963  N NE  . ARG A 1 118 ? -19.747 9.310   -4.464  1.00 59.40 ? 118 ARG X NE  1 
ATOM   964  C CZ  . ARG A 1 118 ? -19.812 10.436  -5.170  1.00 61.48 ? 118 ARG X CZ  1 
ATOM   965  N NH1 . ARG A 1 118 ? -19.000 10.628  -6.202  1.00 62.93 ? 118 ARG X NH1 1 
ATOM   966  N NH2 . ARG A 1 118 ? -20.688 11.375  -4.840  1.00 56.72 ? 118 ARG X NH2 1 
ATOM   967  N N   . GLY A 1 119 ? -15.266 7.560   -1.414  1.00 16.83 ? 119 GLY X N   1 
ATOM   968  C CA  . GLY A 1 119 ? -14.615 6.288   -1.170  1.00 16.82 ? 119 GLY X CA  1 
ATOM   969  C C   . GLY A 1 119 ? -15.534 5.267   -0.529  1.00 19.68 ? 119 GLY X C   1 
ATOM   970  O O   . GLY A 1 119 ? -16.582 5.595   0.039   1.00 19.01 ? 119 GLY X O   1 
ATOM   971  N N   . ASP A 1 120 ? -15.125 4.004   -0.636  1.00 15.03 ? 120 ASP X N   1 
ATOM   972  C CA  . ASP A 1 120 ? -15.770 2.960   0.140   1.00 18.41 ? 120 ASP X CA  1 
ATOM   973  C C   . ASP A 1 120 ? -14.784 2.114   0.931   1.00 19.03 ? 120 ASP X C   1 
ATOM   974  O O   . ASP A 1 120 ? -15.202 1.174   1.618   1.00 14.85 ? 120 ASP X O   1 
ATOM   975  C CB  . ASP A 1 120 ? -16.662 2.073   -0.760  1.00 18.36 ? 120 ASP X CB  1 
ATOM   976  C CG  . ASP A 1 120 ? -15.891 1.346   -1.860  1.00 21.37 ? 120 ASP X CG  1 
ATOM   977  O OD1 . ASP A 1 120 ? -16.541 0.896   -2.828  1.00 20.07 ? 120 ASP X OD1 1 
ATOM   978  O OD2 . ASP A 1 120 ? -14.659 1.206   -1.757  1.00 15.71 ? 120 ASP X OD2 1 
ATOM   979  N N   . THR A 1 121 ? -13.490 2.427   0.882   1.00 14.67 ? 121 THR X N   1 
ATOM   980  C CA  . THR A 1 121 ? -12.500 1.710   1.664   1.00 18.04 ? 121 THR X CA  1 
ATOM   981  C C   . THR A 1 121 ? -11.497 2.725   2.190   1.00 15.63 ? 121 THR X C   1 
ATOM   982  O O   . THR A 1 121 ? -11.207 3.719   1.512   1.00 15.82 ? 121 THR X O   1 
ATOM   983  C CB  . THR A 1 121 ? -11.787 0.632   0.839   1.00 19.18 ? 121 THR X CB  1 
ATOM   984  O OG1 . THR A 1 121 ? -11.519 1.165   -0.451  1.00 18.88 ? 121 THR X OG1 1 
ATOM   985  C CG2 . THR A 1 121 ? -12.657 -0.600  0.703   1.00 18.85 ? 121 THR X CG2 1 
ATOM   986  N N   . PHE A 1 122 ? -11.007 2.485   3.405   1.00 16.53 ? 122 PHE X N   1 
ATOM   987  C CA  . PHE A 1 122 ? -10.296 3.502   4.168   1.00 16.68 ? 122 PHE X CA  1 
ATOM   988  C C   . PHE A 1 122 ? -9.041  2.923   4.802   1.00 18.13 ? 122 PHE X C   1 
ATOM   989  O O   . PHE A 1 122 ? -9.002  1.758   5.197   1.00 18.34 ? 122 PHE X O   1 
ATOM   990  C CB  . PHE A 1 122 ? -11.187 4.093   5.290   1.00 14.43 ? 122 PHE X CB  1 
ATOM   991  C CG  . PHE A 1 122 ? -12.250 5.032   4.794   1.00 17.24 ? 122 PHE X CG  1 
ATOM   992  C CD1 . PHE A 1 122 ? -12.108 6.404   4.952   1.00 16.41 ? 122 PHE X CD1 1 
ATOM   993  C CD2 . PHE A 1 122 ? -13.388 4.546   4.160   1.00 18.33 ? 122 PHE X CD2 1 
ATOM   994  C CE1 . PHE A 1 122 ? -13.082 7.273   4.498   1.00 18.12 ? 122 PHE X CE1 1 
ATOM   995  C CE2 . PHE A 1 122 ? -14.369 5.413   3.691   1.00 17.06 ? 122 PHE X CE2 1 
ATOM   996  C CZ  . PHE A 1 122 ? -14.208 6.784   3.852   1.00 20.16 ? 122 PHE X CZ  1 
ATOM   997  N N   . PHE A 1 123 ? -8.019  3.761   4.912   1.00 16.45 ? 123 PHE X N   1 
ATOM   998  C CA  . PHE A 1 123 ? -6.896  3.450   5.778   1.00 16.86 ? 123 PHE X CA  1 
ATOM   999  C C   . PHE A 1 123 ? -7.314  3.680   7.233   1.00 13.12 ? 123 PHE X C   1 
ATOM   1000 O O   . PHE A 1 123 ? -8.083  4.596   7.509   1.00 17.45 ? 123 PHE X O   1 
ATOM   1001 C CB  . PHE A 1 123 ? -5.698  4.339   5.421   1.00 12.93 ? 123 PHE X CB  1 
ATOM   1002 C CG  . PHE A 1 123 ? -4.414  3.865   6.007   1.00 14.83 ? 123 PHE X CG  1 
ATOM   1003 C CD1 . PHE A 1 123 ? -3.798  2.714   5.519   1.00 18.19 ? 123 PHE X CD1 1 
ATOM   1004 C CD2 . PHE A 1 123 ? -3.820  4.562   7.052   1.00 16.15 ? 123 PHE X CD2 1 
ATOM   1005 C CE1 . PHE A 1 123 ? -2.605  2.260   6.074   1.00 17.06 ? 123 PHE X CE1 1 
ATOM   1006 C CE2 . PHE A 1 123 ? -2.643  4.129   7.608   1.00 17.82 ? 123 PHE X CE2 1 
ATOM   1007 C CZ  . PHE A 1 123 ? -2.025  2.971   7.118   1.00 17.78 ? 123 PHE X CZ  1 
ATOM   1008 N N   . PRO A 1 124 ? -6.859  2.859   8.179   1.00 15.54 ? 124 PRO X N   1 
ATOM   1009 C CA  . PRO A 1 124 ? -7.318  3.028   9.561   1.00 13.21 ? 124 PRO X CA  1 
ATOM   1010 C C   . PRO A 1 124 ? -6.754  4.299   10.168  1.00 19.45 ? 124 PRO X C   1 
ATOM   1011 O O   . PRO A 1 124 ? -5.674  4.767   9.769   1.00 20.10 ? 124 PRO X O   1 
ATOM   1012 C CB  . PRO A 1 124 ? -6.779  1.773   10.274  1.00 18.82 ? 124 PRO X CB  1 
ATOM   1013 C CG  . PRO A 1 124 ? -5.729  1.220   9.390   1.00 20.86 ? 124 PRO X CG  1 
ATOM   1014 C CD  . PRO A 1 124 ? -6.065  1.632   7.989   1.00 15.60 ? 124 PRO X CD  1 
ATOM   1015 N N   . PRO A 1 125 ? -7.471  4.913   11.110  1.00 21.93 ? 125 PRO X N   1 
ATOM   1016 C CA  . PRO A 1 125 ? -6.948  6.118   11.760  1.00 25.09 ? 125 PRO X CA  1 
ATOM   1017 C C   . PRO A 1 125 ? -5.642  5.821   12.476  1.00 24.84 ? 125 PRO X C   1 
ATOM   1018 O O   . PRO A 1 125 ? -5.387  4.696   12.913  1.00 19.12 ? 125 PRO X O   1 
ATOM   1019 C CB  . PRO A 1 125 ? -8.055  6.502   12.753  1.00 26.28 ? 125 PRO X CB  1 
ATOM   1020 C CG  . PRO A 1 125 ? -9.306  5.832   12.201  1.00 26.23 ? 125 PRO X CG  1 
ATOM   1021 C CD  . PRO A 1 125 ? -8.811  4.551   11.600  1.00 22.45 ? 125 PRO X CD  1 
ATOM   1022 N N   . TYR A 1 126 ? -4.805  6.850   12.558  1.00 23.71 ? 126 TYR X N   1 
ATOM   1023 C CA  . TYR A 1 126 ? -3.529  6.799   13.255  1.00 22.36 ? 126 TYR X CA  1 
ATOM   1024 C C   . TYR A 1 126 ? -3.222  8.202   13.769  1.00 25.06 ? 126 TYR X C   1 
ATOM   1025 O O   . TYR A 1 126 ? -3.776  9.195   13.286  1.00 27.17 ? 126 TYR X O   1 
ATOM   1026 C CB  . TYR A 1 126 ? -2.404  6.300   12.344  1.00 18.19 ? 126 TYR X CB  1 
ATOM   1027 C CG  . TYR A 1 126 ? -2.174  7.134   11.088  1.00 22.36 ? 126 TYR X CG  1 
ATOM   1028 C CD1 . TYR A 1 126 ? -1.115  8.039   11.017  1.00 24.74 ? 126 TYR X CD1 1 
ATOM   1029 C CD2 . TYR A 1 126 ? -2.992  6.989   9.956   1.00 22.43 ? 126 TYR X CD2 1 
ATOM   1030 C CE1 . TYR A 1 126 ? -0.880  8.793   9.865   1.00 20.99 ? 126 TYR X CE1 1 
ATOM   1031 C CE2 . TYR A 1 126 ? -2.761  7.732   8.795   1.00 21.01 ? 126 TYR X CE2 1 
ATOM   1032 C CZ  . TYR A 1 126 ? -1.705  8.636   8.761   1.00 20.74 ? 126 TYR X CZ  1 
ATOM   1033 O OH  . TYR A 1 126 ? -1.470  9.372   7.622   1.00 19.24 ? 126 TYR X OH  1 
ATOM   1034 N N   . THR A 1 127 ? -2.339  8.281   14.757  1.00 32.12 ? 127 THR X N   1 
ATOM   1035 C CA  . THR A 1 127 ? -2.004  9.553   15.385  1.00 34.10 ? 127 THR X CA  1 
ATOM   1036 C C   . THR A 1 127 ? -0.502  9.796   15.308  1.00 30.69 ? 127 THR X C   1 
ATOM   1037 O O   . THR A 1 127 ? 0.301   8.878   15.512  1.00 31.04 ? 127 THR X O   1 
ATOM   1038 C CB  . THR A 1 127 ? -2.472  9.595   16.845  1.00 35.12 ? 127 THR X CB  1 
ATOM   1039 O OG1 . THR A 1 127 ? -1.943  10.762  17.480  1.00 40.14 ? 127 THR X OG1 1 
ATOM   1040 C CG2 . THR A 1 127 ? -2.004  8.377   17.597  1.00 35.94 ? 127 THR X CG2 1 
ATOM   1041 N N   . PHE A 1 128 ? -0.114  11.036  15.013  1.00 30.64 ? 128 PHE X N   1 
ATOM   1042 C CA  . PHE A 1 128 ? 1.317   11.301  14.959  1.00 33.08 ? 128 PHE X CA  1 
ATOM   1043 C C   . PHE A 1 128 ? 1.998   11.160  16.315  1.00 38.26 ? 128 PHE X C   1 
ATOM   1044 O O   . PHE A 1 128 ? 3.232   11.136  16.363  1.00 46.55 ? 128 PHE X O   1 
ATOM   1045 C CB  . PHE A 1 128 ? 1.568   12.682  14.367  1.00 42.37 ? 128 PHE X CB  1 
ATOM   1046 C CG  . PHE A 1 128 ? 1.429   12.713  12.875  1.00 41.21 ? 128 PHE X CG  1 
ATOM   1047 C CD1 . PHE A 1 128 ? 2.496   12.379  12.063  1.00 34.82 ? 128 PHE X CD1 1 
ATOM   1048 C CD2 . PHE A 1 128 ? 0.220   13.044  12.285  1.00 41.87 ? 128 PHE X CD2 1 
ATOM   1049 C CE1 . PHE A 1 128 ? 2.365   12.388  10.686  1.00 34.13 ? 128 PHE X CE1 1 
ATOM   1050 C CE2 . PHE A 1 128 ? 0.086   13.057  10.910  1.00 37.86 ? 128 PHE X CE2 1 
ATOM   1051 C CZ  . PHE A 1 128 ? 1.164   12.728  10.108  1.00 30.38 ? 128 PHE X CZ  1 
ATOM   1052 N N   . GLU A 1 129 ? 1.238   11.042  17.408  1.00 35.76 ? 129 GLU X N   1 
ATOM   1053 C CA  . GLU A 1 129 ? 1.860   10.770  18.701  1.00 41.48 ? 129 GLU X CA  1 
ATOM   1054 C C   . GLU A 1 129 ? 2.615   9.449   18.696  1.00 47.72 ? 129 GLU X C   1 
ATOM   1055 O O   . GLU A 1 129 ? 3.540   9.263   19.493  1.00 46.00 ? 129 GLU X O   1 
ATOM   1056 C CB  . GLU A 1 129 ? 0.814   10.735  19.814  1.00 47.54 ? 129 GLU X CB  1 
ATOM   1057 C CG  . GLU A 1 129 ? 0.367   12.084  20.327  1.00 63.08 ? 129 GLU X CG  1 
ATOM   1058 C CD  . GLU A 1 129 ? -0.867  11.968  21.206  1.00 80.21 ? 129 GLU X CD  1 
ATOM   1059 O OE1 . GLU A 1 129 ? -1.870  12.659  20.923  1.00 80.32 ? 129 GLU X OE1 1 
ATOM   1060 O OE2 . GLU A 1 129 ? -0.833  11.171  22.173  1.00 76.78 ? 129 GLU X OE2 1 
ATOM   1061 N N   . ASP A 1 130 ? 2.221   8.510   17.837  1.00 30.39 ? 130 ASP X N   1 
ATOM   1062 C CA  . ASP A 1 130 ? 2.885   7.217   17.769  1.00 34.44 ? 130 ASP X CA  1 
ATOM   1063 C C   . ASP A 1 130 ? 3.944   7.140   16.677  1.00 33.27 ? 130 ASP X C   1 
ATOM   1064 O O   . ASP A 1 130 ? 4.667   6.139   16.616  1.00 31.98 ? 130 ASP X O   1 
ATOM   1065 C CB  . ASP A 1 130 ? 1.862   6.098   17.536  1.00 31.60 ? 130 ASP X CB  1 
ATOM   1066 C CG  . ASP A 1 130 ? 0.700   6.136   18.518  1.00 49.34 ? 130 ASP X CG  1 
ATOM   1067 O OD1 . ASP A 1 130 ? -0.387  5.648   18.151  1.00 40.92 ? 130 ASP X OD1 1 
ATOM   1068 O OD2 . ASP A 1 130 ? 0.864   6.638   19.649  1.00 43.57 ? 130 ASP X OD2 1 
ATOM   1069 N N   . TRP A 1 131 ? 4.052   8.156   15.816  1.00 28.11 ? 131 TRP X N   1 
ATOM   1070 C CA  . TRP A 1 131 ? 4.829   8.046   14.581  1.00 26.31 ? 131 TRP X CA  1 
ATOM   1071 C C   . TRP A 1 131 ? 5.693   9.280   14.405  1.00 30.94 ? 131 TRP X C   1 
ATOM   1072 O O   . TRP A 1 131 ? 5.169   10.395  14.379  1.00 39.05 ? 131 TRP X O   1 
ATOM   1073 C CB  . TRP A 1 131 ? 3.897   7.890   13.376  1.00 26.04 ? 131 TRP X CB  1 
ATOM   1074 C CG  . TRP A 1 131 ? 3.051   6.666   13.437  1.00 28.26 ? 131 TRP X CG  1 
ATOM   1075 C CD1 . TRP A 1 131 ? 1.767   6.568   13.918  1.00 23.28 ? 131 TRP X CD1 1 
ATOM   1076 C CD2 . TRP A 1 131 ? 3.420   5.354   13.002  1.00 23.58 ? 131 TRP X CD2 1 
ATOM   1077 N NE1 . TRP A 1 131 ? 1.324   5.271   13.810  1.00 23.78 ? 131 TRP X NE1 1 
ATOM   1078 C CE2 . TRP A 1 131 ? 2.318   4.505   13.253  1.00 24.78 ? 131 TRP X CE2 1 
ATOM   1079 C CE3 . TRP A 1 131 ? 4.574   4.812   12.425  1.00 22.19 ? 131 TRP X CE3 1 
ATOM   1080 C CZ2 . TRP A 1 131 ? 2.338   3.144   12.942  1.00 30.57 ? 131 TRP X CZ2 1 
ATOM   1081 C CZ3 . TRP A 1 131 ? 4.593   3.456   12.120  1.00 26.97 ? 131 TRP X CZ3 1 
ATOM   1082 C CH2 . TRP A 1 131 ? 3.480   2.640   12.373  1.00 25.81 ? 131 TRP X CH2 1 
ATOM   1083 N N   . GLU A 1 132 ? 7.003   9.079   14.249  1.00 26.50 ? 132 GLU X N   1 
ATOM   1084 C CA  . GLU A 1 132 ? 7.916   10.165  13.936  1.00 26.19 ? 132 GLU X CA  1 
ATOM   1085 C C   . GLU A 1 132 ? 8.013   10.352  12.428  1.00 25.85 ? 132 GLU X C   1 
ATOM   1086 O O   . GLU A 1 132 ? 8.033   9.380   11.663  1.00 21.52 ? 132 GLU X O   1 
ATOM   1087 C CB  . GLU A 1 132 ? 9.305   9.900   14.522  1.00 28.36 ? 132 GLU X CB  1 
ATOM   1088 C CG  . GLU A 1 132 ? 10.277  11.053  14.295  1.00 39.13 ? 132 GLU X CG  1 
ATOM   1089 C CD  . GLU A 1 132 ? 11.647  10.828  14.909  1.00 39.33 ? 132 GLU X CD  1 
ATOM   1090 O OE1 . GLU A 1 132 ? 11.879  9.738   15.464  1.00 48.39 ? 132 GLU X OE1 1 
ATOM   1091 O OE2 . GLU A 1 132 ? 12.493  11.747  14.837  1.00 54.47 ? 132 GLU X OE2 1 
ATOM   1092 N N   . VAL A 1 133 ? 8.083   11.609  11.999  1.00 23.42 ? 133 VAL X N   1 
ATOM   1093 C CA  . VAL A 1 133 ? 8.145   11.930  10.576  1.00 20.75 ? 133 VAL X CA  1 
ATOM   1094 C C   . VAL A 1 133 ? 9.611   11.855  10.159  1.00 25.37 ? 133 VAL X C   1 
ATOM   1095 O O   . VAL A 1 133 ? 10.375  12.805  10.351  1.00 21.29 ? 133 VAL X O   1 
ATOM   1096 C CB  . VAL A 1 133 ? 7.549   13.303  10.281  1.00 20.23 ? 133 VAL X CB  1 
ATOM   1097 C CG1 . VAL A 1 133 ? 7.655   13.615  8.773   1.00 22.05 ? 133 VAL X CG1 1 
ATOM   1098 C CG2 . VAL A 1 133 ? 6.096   13.372  10.794  1.00 26.49 ? 133 VAL X CG2 1 
ATOM   1099 N N   . ALA A 1 134 ? 10.008  10.720  9.580   1.00 18.13 ? 134 ALA X N   1 
ATOM   1100 C CA  . ALA A 1 134 ? 11.375  10.601  9.084   1.00 18.28 ? 134 ALA X CA  1 
ATOM   1101 C C   . ALA A 1 134 ? 11.614  11.517  7.895   1.00 23.33 ? 134 ALA X C   1 
ATOM   1102 O O   . ALA A 1 134 ? 12.728  12.033  7.721   1.00 20.57 ? 134 ALA X O   1 
ATOM   1103 C CB  . ALA A 1 134 ? 11.676  9.152   8.707   1.00 22.85 ? 134 ALA X CB  1 
ATOM   1104 N N   . SER A 1 135 ? 10.587  11.735  7.071   1.00 21.89 ? 135 SER X N   1 
ATOM   1105 C CA  . SER A 1 135 ? 10.699  12.630  5.926   1.00 19.21 ? 135 SER X CA  1 
ATOM   1106 C C   . SER A 1 135 ? 9.301   12.993  5.423   1.00 21.51 ? 135 SER X C   1 
ATOM   1107 O O   . SER A 1 135 ? 8.339   12.231  5.577   1.00 19.30 ? 135 SER X O   1 
ATOM   1108 C CB  . SER A 1 135 ? 11.529  12.004  4.799   1.00 21.80 ? 135 SER X CB  1 
ATOM   1109 O OG  . SER A 1 135 ? 10.942  10.806  4.322   1.00 27.58 ? 135 SER X OG  1 
ATOM   1110 N N   . SER A 1 136 ? 9.210   14.176  4.835   1.00 20.75 ? 136 SER X N   1 
ATOM   1111 C CA  . SER A 1 136 ? 7.967   14.688  4.265   1.00 18.46 ? 136 SER X CA  1 
ATOM   1112 C C   . SER A 1 136 ? 8.337   15.508  3.041   1.00 26.07 ? 136 SER X C   1 
ATOM   1113 O O   . SER A 1 136 ? 9.027   16.527  3.165   1.00 23.10 ? 136 SER X O   1 
ATOM   1114 C CB  . SER A 1 136 ? 7.208   15.529  5.281   1.00 21.77 ? 136 SER X CB  1 
ATOM   1115 O OG  . SER A 1 136 ? 6.051   16.096  4.698   1.00 20.37 ? 136 SER X OG  1 
ATOM   1116 N N   . VAL A 1 137 ? 7.901   15.053  1.868   1.00 19.82 ? 137 VAL X N   1 
ATOM   1117 C CA  . VAL A 1 137 ? 8.307   15.636  0.594   1.00 23.10 ? 137 VAL X CA  1 
ATOM   1118 C C   . VAL A 1 137 ? 7.062   15.940  -0.227  1.00 24.32 ? 137 VAL X C   1 
ATOM   1119 O O   . VAL A 1 137 ? 6.308   15.022  -0.572  1.00 25.07 ? 137 VAL X O   1 
ATOM   1120 C CB  . VAL A 1 137 ? 9.235   14.705  -0.191  1.00 21.07 ? 137 VAL X CB  1 
ATOM   1121 C CG1 . VAL A 1 137 ? 9.643   15.376  -1.495  1.00 26.26 ? 137 VAL X CG1 1 
ATOM   1122 C CG2 . VAL A 1 137 ? 10.470  14.360  0.644   1.00 21.79 ? 137 VAL X CG2 1 
ATOM   1123 N N   . GLU A 1 138 ? 6.866   17.210  -0.565  1.00 26.69 ? 138 GLU X N   1 
ATOM   1124 C CA  . GLU A 1 138 ? 5.754   17.583  -1.429  1.00 27.23 ? 138 GLU X CA  1 
ATOM   1125 C C   . GLU A 1 138 ? 5.960   17.021  -2.821  1.00 26.86 ? 138 GLU X C   1 
ATOM   1126 O O   . GLU A 1 138 ? 7.060   17.088  -3.380  1.00 30.68 ? 138 GLU X O   1 
ATOM   1127 C CB  . GLU A 1 138 ? 5.610   19.094  -1.503  1.00 38.77 ? 138 GLU X CB  1 
ATOM   1128 C CG  . GLU A 1 138 ? 5.023   19.730  -0.261  1.00 42.78 ? 138 GLU X CG  1 
ATOM   1129 C CD  . GLU A 1 138 ? 5.120   21.234  -0.328  1.00 60.11 ? 138 GLU X CD  1 
ATOM   1130 O OE1 . GLU A 1 138 ? 5.272   21.879  0.735   1.00 68.29 ? 138 GLU X OE1 1 
ATOM   1131 O OE2 . GLU A 1 138 ? 5.060   21.765  -1.460  1.00 58.44 ? 138 GLU X OE2 1 
ATOM   1132 N N   . GLY A 1 139 ? 4.901   16.444  -3.378  1.00 24.30 ? 139 GLY X N   1 
ATOM   1133 C CA  . GLY A 1 139 ? 4.960   15.973  -4.744  1.00 19.91 ? 139 GLY X CA  1 
ATOM   1134 C C   . GLY A 1 139 ? 4.862   17.157  -5.698  1.00 24.40 ? 139 GLY X C   1 
ATOM   1135 O O   . GLY A 1 139 ? 4.167   18.140  -5.440  1.00 23.44 ? 139 GLY X O   1 
ATOM   1136 N N   . LYS A 1 140 ? 5.590   17.060  -6.798  1.00 33.14 ? 140 LYS X N   1 
ATOM   1137 C CA  . LYS A 1 140 ? 5.551   18.113  -7.796  1.00 43.41 ? 140 LYS X CA  1 
ATOM   1138 C C   . LYS A 1 140 ? 4.369   17.890  -8.728  1.00 32.35 ? 140 LYS X C   1 
ATOM   1139 O O   . LYS A 1 140 ? 4.061   16.758  -9.116  1.00 34.86 ? 140 LYS X O   1 
ATOM   1140 C CB  . LYS A 1 140 ? 6.868   18.176  -8.576  1.00 43.39 ? 140 LYS X CB  1 
ATOM   1141 C CG  . LYS A 1 140 ? 8.060   18.717  -7.750  1.00 45.66 ? 140 LYS X CG  1 
ATOM   1142 C CD  . LYS A 1 140 ? 7.698   20.004  -6.985  1.00 53.88 ? 140 LYS X CD  1 
ATOM   1143 C CE  . LYS A 1 140 ? 8.727   20.342  -5.887  1.00 57.02 ? 140 LYS X CE  1 
ATOM   1144 N NZ  . LYS A 1 140 ? 8.100   20.938  -4.644  1.00 41.40 ? 140 LYS X NZ  1 
ATOM   1145 N N   . LEU A 1 141 ? 3.675   18.974  -9.045  1.00 34.69 ? 141 LEU X N   1 
ATOM   1146 C CA  . LEU A 1 141 ? 2.499   18.921  -9.895  1.00 38.92 ? 141 LEU X CA  1 
ATOM   1147 C C   . LEU A 1 141 ? 2.871   19.250  -11.336 1.00 39.44 ? 141 LEU X C   1 
ATOM   1148 O O   . LEU A 1 141 ? 3.781   20.037  -11.599 1.00 37.67 ? 141 LEU X O   1 
ATOM   1149 C CB  . LEU A 1 141 ? 1.435   19.898  -9.401  1.00 35.32 ? 141 LEU X CB  1 
ATOM   1150 C CG  . LEU A 1 141 ? 0.933   19.710  -7.975  1.00 34.10 ? 141 LEU X CG  1 
ATOM   1151 C CD1 . LEU A 1 141 ? -0.399  20.400  -7.842  1.00 37.37 ? 141 LEU X CD1 1 
ATOM   1152 C CD2 . LEU A 1 141 ? 0.817   18.235  -7.644  1.00 34.26 ? 141 LEU X CD2 1 
ATOM   1153 N N   . ASP A 1 142 ? 2.155   18.636  -12.269 1.00 40.40 ? 142 ASP X N   1 
ATOM   1154 C CA  . ASP A 1 142 ? 2.363   18.938  -13.674 1.00 40.56 ? 142 ASP X CA  1 
ATOM   1155 C C   . ASP A 1 142 ? 1.083   18.606  -14.434 1.00 42.45 ? 142 ASP X C   1 
ATOM   1156 O O   . ASP A 1 142 ? 0.008   18.471  -13.838 1.00 39.81 ? 142 ASP X O   1 
ATOM   1157 C CB  . ASP A 1 142 ? 3.580   18.179  -14.224 1.00 43.75 ? 142 ASP X CB  1 
ATOM   1158 C CG  . ASP A 1 142 ? 3.513   16.687  -13.953 1.00 42.82 ? 142 ASP X CG  1 
ATOM   1159 O OD1 . ASP A 1 142 ? 4.516   16.140  -13.450 1.00 49.25 ? 142 ASP X OD1 1 
ATOM   1160 O OD2 . ASP A 1 142 ? 2.463   16.064  -14.228 1.00 45.14 ? 142 ASP X OD2 1 
ATOM   1161 N N   . GLU A 1 143 ? 1.210   18.473  -15.752 1.00 48.24 ? 143 GLU X N   1 
ATOM   1162 C CA  . GLU A 1 143 ? 0.054   18.195  -16.591 1.00 51.83 ? 143 GLU X CA  1 
ATOM   1163 C C   . GLU A 1 143 ? -0.564  16.854  -16.227 1.00 47.13 ? 143 GLU X C   1 
ATOM   1164 O O   . GLU A 1 143 ? -1.793  16.721  -16.176 1.00 48.95 ? 143 GLU X O   1 
ATOM   1165 C CB  . GLU A 1 143 ? 0.460   18.223  -18.069 1.00 51.84 ? 143 GLU X CB  1 
ATOM   1166 C CG  . GLU A 1 143 ? 1.457   19.329  -18.458 1.00 66.75 ? 143 GLU X CG  1 
ATOM   1167 C CD  . GLU A 1 143 ? 2.881   19.095  -17.929 1.00 78.82 ? 143 GLU X CD  1 
ATOM   1168 O OE1 . GLU A 1 143 ? 3.488   20.062  -17.413 1.00 74.33 ? 143 GLU X OE1 1 
ATOM   1169 O OE2 . GLU A 1 143 ? 3.379   17.946  -18.001 1.00 68.85 ? 143 GLU X OE2 1 
ATOM   1170 N N   . LYS A 1 144 ? 0.273   15.859  -15.931 1.00 39.25 ? 144 LYS X N   1 
ATOM   1171 C CA  . LYS A 1 144 ? -0.193  14.505  -15.677 1.00 36.23 ? 144 LYS X CA  1 
ATOM   1172 C C   . LYS A 1 144 ? -0.418  14.212  -14.195 1.00 39.89 ? 144 LYS X C   1 
ATOM   1173 O O   . LYS A 1 144 ? -0.913  13.132  -13.867 1.00 33.84 ? 144 LYS X O   1 
ATOM   1174 C CB  . LYS A 1 144 ? 0.803   13.498  -16.267 1.00 44.72 ? 144 LYS X CB  1 
ATOM   1175 C CG  . LYS A 1 144 ? 0.760   13.415  -17.803 1.00 48.48 ? 144 LYS X CG  1 
ATOM   1176 C CD  . LYS A 1 144 ? -0.440  12.585  -18.289 1.00 66.39 ? 144 LYS X CD  1 
ATOM   1177 C CE  . LYS A 1 144 ? -1.356  13.369  -19.239 1.00 57.12 ? 144 LYS X CE  1 
ATOM   1178 N NZ  . LYS A 1 144 ? -2.711  12.740  -19.366 1.00 55.24 ? 144 LYS X NZ  1 
ATOM   1179 N N   . ASN A 1 145 ? -0.080  15.143  -13.296 1.00 34.27 ? 145 ASN X N   1 
ATOM   1180 C CA  . ASN A 1 145 ? -0.214  14.948  -11.846 1.00 30.52 ? 145 ASN X CA  1 
ATOM   1181 C C   . ASN A 1 145 ? -0.798  16.241  -11.291 1.00 30.69 ? 145 ASN X C   1 
ATOM   1182 O O   . ASN A 1 145 ? -0.062  17.174  -10.961 1.00 37.16 ? 145 ASN X O   1 
ATOM   1183 C CB  . ASN A 1 145 ? 1.126   14.607  -11.198 1.00 34.66 ? 145 ASN X CB  1 
ATOM   1184 C CG  . ASN A 1 145 ? 1.715   13.312  -11.731 1.00 33.17 ? 145 ASN X CG  1 
ATOM   1185 O OD1 . ASN A 1 145 ? 1.556   12.253  -11.125 1.00 34.01 ? 145 ASN X OD1 1 
ATOM   1186 N ND2 . ASN A 1 145 ? 2.389   13.390  -12.877 1.00 34.98 ? 145 ASN X ND2 1 
ATOM   1187 N N   . THR A 1 146 ? -2.122  16.289  -11.197 1.00 31.19 ? 146 THR X N   1 
ATOM   1188 C CA  . THR A 1 146 ? -2.827  17.537  -10.965 1.00 32.92 ? 146 THR X CA  1 
ATOM   1189 C C   . THR A 1 146 ? -3.378  17.652  -9.555  1.00 28.77 ? 146 THR X C   1 
ATOM   1190 O O   . THR A 1 146 ? -3.977  18.679  -9.214  1.00 27.68 ? 146 THR X O   1 
ATOM   1191 C CB  . THR A 1 146 ? -3.958  17.690  -11.992 1.00 32.99 ? 146 THR X CB  1 
ATOM   1192 O OG1 . THR A 1 146 ? -4.927  16.651  -11.804 1.00 44.44 ? 146 THR X OG1 1 
ATOM   1193 C CG2 . THR A 1 146 ? -3.398  17.604  -13.404 1.00 43.75 ? 146 THR X CG2 1 
ATOM   1194 N N   . ILE A 1 147 ? -3.176  16.644  -8.725  1.00 28.00 ? 147 ILE X N   1 
ATOM   1195 C CA  . ILE A 1 147 ? -3.683  16.624  -7.358  1.00 24.38 ? 147 ILE X CA  1 
ATOM   1196 C C   . ILE A 1 147 ? -2.509  16.810  -6.408  1.00 17.00 ? 147 ILE X C   1 
ATOM   1197 O O   . ILE A 1 147 ? -1.533  16.054  -6.493  1.00 20.31 ? 147 ILE X O   1 
ATOM   1198 C CB  . ILE A 1 147 ? -4.425  15.313  -7.056  1.00 24.04 ? 147 ILE X CB  1 
ATOM   1199 C CG1 . ILE A 1 147 ? -5.354  14.985  -8.236  1.00 38.92 ? 147 ILE X CG1 1 
ATOM   1200 C CG2 . ILE A 1 147 ? -5.164  15.466  -5.764  1.00 23.62 ? 147 ILE X CG2 1 
ATOM   1201 C CD1 . ILE A 1 147 ? -5.507  13.489  -8.569  1.00 39.17 ? 147 ILE X CD1 1 
ATOM   1202 N N   . PRO A 1 148 ? -2.555  17.783  -5.503  1.00 22.77 ? 148 PRO X N   1 
ATOM   1203 C CA  . PRO A 1 148 ? -1.443  17.961  -4.570  1.00 18.14 ? 148 PRO X CA  1 
ATOM   1204 C C   . PRO A 1 148 ? -1.275  16.724  -3.703  1.00 22.63 ? 148 PRO X C   1 
ATOM   1205 O O   . PRO A 1 148 ? -2.253  16.098  -3.285  1.00 18.93 ? 148 PRO X O   1 
ATOM   1206 C CB  . PRO A 1 148 ? -1.865  19.182  -3.740  1.00 18.45 ? 148 PRO X CB  1 
ATOM   1207 C CG  . PRO A 1 148 ? -2.971  19.810  -4.467  1.00 23.49 ? 148 PRO X CG  1 
ATOM   1208 C CD  . PRO A 1 148 ? -3.642  18.745  -5.252  1.00 18.99 ? 148 PRO X CD  1 
ATOM   1209 N N   . HIS A 1 149 ? -0.023  16.345  -3.464  1.00 19.44 ? 149 HIS X N   1 
ATOM   1210 C CA  . HIS A 1 149 ? 0.229   15.136  -2.693  1.00 18.05 ? 149 HIS X CA  1 
ATOM   1211 C C   . HIS A 1 149 ? 1.562   15.267  -1.971  1.00 23.22 ? 149 HIS X C   1 
ATOM   1212 O O   . HIS A 1 149 ? 2.459   15.984  -2.422  1.00 21.35 ? 149 HIS X O   1 
ATOM   1213 C CB  . HIS A 1 149 ? 0.220   13.892  -3.596  1.00 17.60 ? 149 HIS X CB  1 
ATOM   1214 C CG  . HIS A 1 149 ? 1.118   14.007  -4.788  1.00 22.22 ? 149 HIS X CG  1 
ATOM   1215 N ND1 . HIS A 1 149 ? 0.852   14.854  -5.844  1.00 18.54 ? 149 HIS X ND1 1 
ATOM   1216 C CD2 . HIS A 1 149 ? 2.281   13.376  -5.092  1.00 22.81 ? 149 HIS X CD2 1 
ATOM   1217 C CE1 . HIS A 1 149 ? 1.814   14.744  -6.746  1.00 24.95 ? 149 HIS X CE1 1 
ATOM   1218 N NE2 . HIS A 1 149 ? 2.686   13.845  -6.320  1.00 23.77 ? 149 HIS X NE2 1 
ATOM   1219 N N   . THR A 1 150 ? 1.687   14.549  -0.859  1.00 19.30 ? 150 THR X N   1 
ATOM   1220 C CA  . THR A 1 150 ? 2.882   14.587  -0.016  1.00 19.79 ? 150 THR X CA  1 
ATOM   1221 C C   . THR A 1 150 ? 3.327   13.174  0.337   1.00 18.66 ? 150 THR X C   1 
ATOM   1222 O O   . THR A 1 150 ? 2.514   12.356  0.785   1.00 19.59 ? 150 THR X O   1 
ATOM   1223 C CB  . THR A 1 150 ? 2.614   15.388  1.262   1.00 22.77 ? 150 THR X CB  1 
ATOM   1224 O OG1 . THR A 1 150 ? 2.136   16.692  0.901   1.00 25.48 ? 150 THR X OG1 1 
ATOM   1225 C CG2 . THR A 1 150 ? 3.890   15.541  2.063   1.00 22.71 ? 150 THR X CG2 1 
ATOM   1226 N N   . PHE A 1 151 ? 4.620   12.900  0.163   1.00 18.16 ? 151 PHE X N   1 
ATOM   1227 C CA  . PHE A 1 151 ? 5.218   11.616  0.518   1.00 16.06 ? 151 PHE X CA  1 
ATOM   1228 C C   . PHE A 1 151 ? 5.745   11.676  1.948   1.00 23.72 ? 151 PHE X C   1 
ATOM   1229 O O   . PHE A 1 151 ? 6.704   12.405  2.230   1.00 19.29 ? 151 PHE X O   1 
ATOM   1230 C CB  . PHE A 1 151 ? 6.339   11.270  -0.461  1.00 21.82 ? 151 PHE X CB  1 
ATOM   1231 C CG  . PHE A 1 151 ? 5.895   11.209  -1.901  1.00 24.34 ? 151 PHE X CG  1 
ATOM   1232 C CD1 . PHE A 1 151 ? 5.086   10.169  -2.349  1.00 20.89 ? 151 PHE X CD1 1 
ATOM   1233 C CD2 . PHE A 1 151 ? 6.288   12.180  -2.811  1.00 24.92 ? 151 PHE X CD2 1 
ATOM   1234 C CE1 . PHE A 1 151 ? 4.675   10.102  -3.678  1.00 20.27 ? 151 PHE X CE1 1 
ATOM   1235 C CE2 . PHE A 1 151 ? 5.882   12.118  -4.149  1.00 24.42 ? 151 PHE X CE2 1 
ATOM   1236 C CZ  . PHE A 1 151 ? 5.077   11.071  -4.581  1.00 20.17 ? 151 PHE X CZ  1 
ATOM   1237 N N   . LEU A 1 152 ? 5.137   10.890  2.842   1.00 18.43 ? 152 LEU X N   1 
ATOM   1238 C CA  . LEU A 1 152 ? 5.539   10.791  4.239   1.00 18.82 ? 152 LEU X CA  1 
ATOM   1239 C C   . LEU A 1 152 ? 6.231   9.457   4.473   1.00 23.69 ? 152 LEU X C   1 
ATOM   1240 O O   . LEU A 1 152 ? 5.739   8.413   4.032   1.00 21.33 ? 152 LEU X O   1 
ATOM   1241 C CB  . LEU A 1 152 ? 4.334   10.883  5.185   1.00 20.08 ? 152 LEU X CB  1 
ATOM   1242 C CG  . LEU A 1 152 ? 3.415   12.089  5.178   1.00 24.89 ? 152 LEU X CG  1 
ATOM   1243 C CD1 . LEU A 1 152 ? 2.393   11.933  6.315   1.00 23.36 ? 152 LEU X CD1 1 
ATOM   1244 C CD2 . LEU A 1 152 ? 4.219   13.366  5.325   1.00 26.15 ? 152 LEU X CD2 1 
ATOM   1245 N N   . HIS A 1 153 ? 7.368   9.484   5.154   1.00 19.86 ? 153 HIS X N   1 
ATOM   1246 C CA  . HIS A 1 153 ? 7.934   8.264   5.716   1.00 21.72 ? 153 HIS X CA  1 
ATOM   1247 C C   . HIS A 1 153 ? 7.801   8.397   7.219   1.00 20.04 ? 153 HIS X C   1 
ATOM   1248 O O   . HIS A 1 153 ? 8.429   9.275   7.826   1.00 21.32 ? 153 HIS X O   1 
ATOM   1249 C CB  . HIS A 1 153 ? 9.385   8.045   5.303   1.00 22.57 ? 153 HIS X CB  1 
ATOM   1250 C CG  . HIS A 1 153 ? 9.961   6.765   5.824   1.00 22.07 ? 153 HIS X CG  1 
ATOM   1251 N ND1 . HIS A 1 153 ? 11.313  6.584   6.029   1.00 21.07 ? 153 HIS X ND1 1 
ATOM   1252 C CD2 . HIS A 1 153 ? 9.365   5.598   6.173   1.00 20.11 ? 153 HIS X CD2 1 
ATOM   1253 C CE1 . HIS A 1 153 ? 11.524  5.362   6.487   1.00 21.21 ? 153 HIS X CE1 1 
ATOM   1254 N NE2 . HIS A 1 153 ? 10.361  4.744   6.580   1.00 22.03 ? 153 HIS X NE2 1 
ATOM   1255 N N   . LEU A 1 154 ? 6.969   7.541   7.814   1.00 15.57 ? 154 LEU X N   1 
ATOM   1256 C CA  A LEU A 1 154 ? 6.684   7.563   9.245   0.30 17.27 ? 154 LEU X CA  1 
ATOM   1257 C CA  B LEU A 1 154 ? 6.685   7.564   9.246   0.70 17.19 ? 154 LEU X CA  1 
ATOM   1258 C C   . LEU A 1 154 ? 7.306   6.338   9.905   1.00 22.58 ? 154 LEU X C   1 
ATOM   1259 O O   . LEU A 1 154 ? 7.172   5.221   9.400   1.00 17.66 ? 154 LEU X O   1 
ATOM   1260 C CB  A LEU A 1 154 ? 5.174   7.585   9.500   0.30 17.66 ? 154 LEU X CB  1 
ATOM   1261 C CB  B LEU A 1 154 ? 5.176   7.585   9.497   0.70 17.59 ? 154 LEU X CB  1 
ATOM   1262 C CG  A LEU A 1 154 ? 4.456   8.928   9.684   0.30 22.64 ? 154 LEU X CG  1 
ATOM   1263 C CG  B LEU A 1 154 ? 4.421   8.787   8.930   0.70 20.25 ? 154 LEU X CG  1 
ATOM   1264 C CD1 A LEU A 1 154 ? 4.990   10.001  8.734   0.30 18.98 ? 154 LEU X CD1 1 
ATOM   1265 C CD1 B LEU A 1 154 ? 2.920   8.620   9.178   0.70 24.29 ? 154 LEU X CD1 1 
ATOM   1266 C CD2 A LEU A 1 154 ? 2.945   8.751   9.511   0.30 23.67 ? 154 LEU X CD2 1 
ATOM   1267 C CD2 B LEU A 1 154 ? 4.930   10.089  9.552   0.70 17.76 ? 154 LEU X CD2 1 
ATOM   1268 N N   . ILE A 1 155 ? 7.982   6.540   11.031  1.00 20.70 ? 155 ILE X N   1 
ATOM   1269 C CA  . ILE A 1 155 ? 8.600   5.437   11.754  1.00 19.25 ? 155 ILE X CA  1 
ATOM   1270 C C   . ILE A 1 155 ? 7.957   5.354   13.128  1.00 23.71 ? 155 ILE X C   1 
ATOM   1271 O O   . ILE A 1 155 ? 7.677   6.383   13.752  1.00 24.54 ? 155 ILE X O   1 
ATOM   1272 C CB  . ILE A 1 155 ? 10.129  5.614   11.851  1.00 24.73 ? 155 ILE X CB  1 
ATOM   1273 C CG1 . ILE A 1 155 ? 10.733  5.638   10.444  1.00 23.41 ? 155 ILE X CG1 1 
ATOM   1274 C CG2 . ILE A 1 155 ? 10.746  4.458   12.621  1.00 30.98 ? 155 ILE X CG2 1 
ATOM   1275 C CD1 . ILE A 1 155 ? 12.250  5.856   10.418  1.00 33.76 ? 155 ILE X CD1 1 
ATOM   1276 N N   . ARG A 1 156 ? 7.669   4.134   13.576  1.00 27.29 ? 156 ARG X N   1 
ATOM   1277 C CA  . ARG A 1 156 ? 6.977   3.976   14.848  1.00 27.01 ? 156 ARG X CA  1 
ATOM   1278 C C   . ARG A 1 156 ? 7.870   4.465   15.980  1.00 32.75 ? 156 ARG X C   1 
ATOM   1279 O O   . ARG A 1 156 ? 9.058   4.137   16.021  1.00 28.92 ? 156 ARG X O   1 
ATOM   1280 C CB  . ARG A 1 156 ? 6.590   2.514   15.075  1.00 27.50 ? 156 ARG X CB  1 
ATOM   1281 C CG  . ARG A 1 156 ? 5.657   2.322   16.262  1.00 32.30 ? 156 ARG X CG  1 
ATOM   1282 C CD  . ARG A 1 156 ? 5.422   0.854   16.546  1.00 32.93 ? 156 ARG X CD  1 
ATOM   1283 N NE  . ARG A 1 156 ? 4.804   0.171   15.411  1.00 37.52 ? 156 ARG X NE  1 
ATOM   1284 C CZ  . ARG A 1 156 ? 3.502   0.201   15.147  1.00 30.18 ? 156 ARG X CZ  1 
ATOM   1285 N NH1 . ARG A 1 156 ? 2.681   0.886   15.934  1.00 30.92 ? 156 ARG X NH1 1 
ATOM   1286 N NH2 . ARG A 1 156 ? 3.024   -0.448  14.091  1.00 30.42 ? 156 ARG X NH2 1 
ATOM   1287 N N   . LYS A 1 157 ? 7.309   5.263   16.885  1.00 26.72 ? 157 LYS X N   1 
ATOM   1288 C CA  . LYS A 1 157 ? 8.071   5.715   18.052  1.00 35.86 ? 157 LYS X CA  1 
ATOM   1289 C C   . LYS A 1 157 ? 8.292   4.570   19.051  1.00 49.92 ? 157 LYS X C   1 
ATOM   1290 O O   . LYS A 1 157 ? 9.358   4.435   19.672  1.00 55.16 ? 157 LYS X O   1 
ATOM   1291 C CB  . LYS A 1 157 ? 7.365   6.881   18.736  1.00 31.98 ? 157 LYS X CB  1 
ATOM   1292 C CG  . LYS A 1 157 ? 7.434   8.175   17.967  1.00 35.41 ? 157 LYS X CG  1 
ATOM   1293 C CD  . LYS A 1 157 ? 6.726   9.293   18.694  1.00 32.58 ? 157 LYS X CD  1 
ATOM   1294 C CE  . LYS A 1 157 ? 6.852   10.589  17.933  1.00 37.37 ? 157 LYS X CE  1 
ATOM   1295 N NZ  . LYS A 1 157 ? 5.988   11.677  18.493  1.00 38.48 ? 157 LYS X NZ  1 
ATOM   1296 O OXT . LYS A 1 157 ? 7.403   3.738   19.258  1.00 42.91 ? 157 LYS X OXT 1 
HETATM 1297 N N1  . MTX B 2 .   ? 0.067   4.161   -3.959  1.00 17.53 ? 201 MTX X N1  1 
HETATM 1298 C C2  . MTX B 2 .   ? 0.764   3.973   -2.778  1.00 17.35 ? 201 MTX X C2  1 
HETATM 1299 N NA2 . MTX B 2 .   ? 1.433   4.976   -2.234  1.00 22.90 ? 201 MTX X NA2 1 
HETATM 1300 N N3  . MTX B 2 .   ? 0.759   2.759   -2.129  1.00 17.05 ? 201 MTX X N3  1 
HETATM 1301 C C4  . MTX B 2 .   ? 0.081   1.690   -2.652  1.00 20.14 ? 201 MTX X C4  1 
HETATM 1302 N NA4 . MTX B 2 .   ? -0.141  0.619   -1.889  1.00 18.67 ? 201 MTX X NA4 1 
HETATM 1303 C C4A . MTX B 2 .   ? -0.601  1.859   -3.849  1.00 19.34 ? 201 MTX X C4A 1 
HETATM 1304 N N5  . MTX B 2 .   ? -1.262  0.775   -4.378  1.00 19.59 ? 201 MTX X N5  1 
HETATM 1305 C C6  . MTX B 2 .   ? -1.951  0.909   -5.552  1.00 20.06 ? 201 MTX X C6  1 
HETATM 1306 C C7  . MTX B 2 .   ? -1.957  2.133   -6.213  1.00 22.69 ? 201 MTX X C7  1 
HETATM 1307 N N8  . MTX B 2 .   ? -1.287  3.225   -5.689  1.00 19.88 ? 201 MTX X N8  1 
HETATM 1308 C C8A . MTX B 2 .   ? -0.598  3.078   -4.507  1.00 18.42 ? 201 MTX X C8A 1 
HETATM 1309 C C9  . MTX B 2 .   ? -2.657  -0.326  -6.098  1.00 23.95 ? 201 MTX X C9  1 
HETATM 1310 N N10 . MTX B 2 .   ? -2.819  -0.246  -7.545  1.00 24.04 ? 201 MTX X N10 1 
HETATM 1311 C CM  . MTX B 2 .   ? -4.183  -0.157  -8.080  1.00 23.99 ? 201 MTX X CM  1 
HETATM 1312 C C11 . MTX B 2 .   ? 0.386   0.016   -10.270 1.00 33.14 ? 201 MTX X C11 1 
HETATM 1313 C C12 . MTX B 2 .   ? -0.924  0.165   -10.705 1.00 26.83 ? 201 MTX X C12 1 
HETATM 1314 C C13 . MTX B 2 .   ? -1.978  0.067   -9.802  1.00 25.16 ? 201 MTX X C13 1 
HETATM 1315 C C14 . MTX B 2 .   ? -1.717  -0.162  -8.448  1.00 25.55 ? 201 MTX X C14 1 
HETATM 1316 C C15 . MTX B 2 .   ? -0.399  -0.300  -8.014  1.00 21.91 ? 201 MTX X C15 1 
HETATM 1317 C C16 . MTX B 2 .   ? 0.652   -0.099  -8.906  1.00 29.11 ? 201 MTX X C16 1 
HETATM 1318 C C   . MTX B 2 .   ? 1.511   0.119   -11.260 1.00 36.14 ? 201 MTX X C   1 
HETATM 1319 O O   . MTX B 2 .   ? 1.252   -0.065  -12.628 1.00 34.40 ? 201 MTX X O   1 
HETATM 1320 N N   . MTX B 2 .   ? 2.716   0.414   -10.805 1.00 31.91 ? 201 MTX X N   1 
HETATM 1321 C CA  . MTX B 2 .   ? 3.915   0.339   -11.606 1.00 37.79 ? 201 MTX X CA  1 
HETATM 1322 C CT  . MTX B 2 .   ? 5.005   -0.295  -10.792 1.00 41.57 ? 201 MTX X CT  1 
HETATM 1323 O O1  . MTX B 2 .   ? 4.868   -0.428  -9.549  1.00 31.74 ? 201 MTX X O1  1 
HETATM 1324 O O2  . MTX B 2 .   ? 6.055   -0.698  -11.353 1.00 40.93 ? 201 MTX X O2  1 
HETATM 1325 C CB  . MTX B 2 .   ? 4.364   1.725   -12.062 1.00 36.55 ? 201 MTX X CB  1 
HETATM 1326 C CG  . MTX B 2 .   ? 3.432   2.300   -13.126 1.00 33.10 ? 201 MTX X CG  1 
HETATM 1327 C CD  . MTX B 2 .   ? 4.069   3.529   -13.730 1.00 49.11 ? 201 MTX X CD  1 
HETATM 1328 O OE1 . MTX B 2 .   ? 3.370   4.527   -14.012 1.00 52.24 ? 201 MTX X OE1 1 
HETATM 1329 O OE2 . MTX B 2 .   ? 5.300   3.566   -13.950 1.00 50.89 ? 201 MTX X OE2 1 
HETATM 1330 P PA  . NAP C 3 .   ? -8.138  -6.401  0.124   1.00 19.03 ? 202 NAP X PA  1 
HETATM 1331 O O1A . NAP C 3 .   ? -7.592  -6.149  1.469   1.00 19.32 ? 202 NAP X O1A 1 
HETATM 1332 O O2A . NAP C 3 .   ? -7.344  -5.957  -1.041  1.00 20.10 ? 202 NAP X O2A 1 
HETATM 1333 O O5B . NAP C 3 .   ? -8.506  -7.967  -0.036  1.00 20.16 ? 202 NAP X O5B 1 
HETATM 1334 C C5B . NAP C 3 .   ? -9.359  -8.564  0.924   1.00 19.91 ? 202 NAP X C5B 1 
HETATM 1335 C C4B . NAP C 3 .   ? -9.186  -10.067 0.788   1.00 18.83 ? 202 NAP X C4B 1 
HETATM 1336 O O4B . NAP C 3 .   ? -7.895  -10.419 1.235   1.00 19.95 ? 202 NAP X O4B 1 
HETATM 1337 C C3B . NAP C 3 .   ? -10.119 -10.907 1.647   1.00 24.42 ? 202 NAP X C3B 1 
HETATM 1338 O O3B . NAP C 3 .   ? -11.404 -11.043 1.066   1.00 17.71 ? 202 NAP X O3B 1 
HETATM 1339 C C2B . NAP C 3 .   ? -9.333  -12.210 1.682   1.00 21.72 ? 202 NAP X C2B 1 
HETATM 1340 O O2B . NAP C 3 .   ? -9.375  -12.847 0.426   1.00 23.24 ? 202 NAP X O2B 1 
HETATM 1341 C C1B . NAP C 3 .   ? -7.906  -11.713 1.789   1.00 19.67 ? 202 NAP X C1B 1 
HETATM 1342 N N9A . NAP C 3 .   ? -7.514  -11.677 3.196   1.00 22.97 ? 202 NAP X N9A 1 
HETATM 1343 C C8A . NAP C 3 .   ? -7.352  -10.559 3.994   1.00 23.29 ? 202 NAP X C8A 1 
HETATM 1344 N N7A . NAP C 3 .   ? -6.966  -10.973 5.222   1.00 29.92 ? 202 NAP X N7A 1 
HETATM 1345 C C5A . NAP C 3 .   ? -6.881  -12.330 5.208   1.00 27.38 ? 202 NAP X C5A 1 
HETATM 1346 C C6A . NAP C 3 .   ? -6.524  -13.261 6.168   1.00 29.23 ? 202 NAP X C6A 1 
HETATM 1347 N N6A . NAP C 3 .   ? -6.194  -12.873 7.391   1.00 27.56 ? 202 NAP X N6A 1 
HETATM 1348 N N1A . NAP C 3 .   ? -6.517  -14.604 5.848   1.00 28.51 ? 202 NAP X N1A 1 
HETATM 1349 C C2A . NAP C 3 .   ? -6.851  -15.014 4.578   1.00 24.96 ? 202 NAP X C2A 1 
HETATM 1350 N N3A . NAP C 3 .   ? -7.208  -14.098 3.621   1.00 27.71 ? 202 NAP X N3A 1 
HETATM 1351 C C4A . NAP C 3 .   ? -7.217  -12.777 3.935   1.00 26.27 ? 202 NAP X C4A 1 
HETATM 1352 O O3  . NAP C 3 .   ? -9.632  -5.797  0.076   1.00 18.20 ? 202 NAP X O3  1 
HETATM 1353 P PN  . NAP C 3 .   ? -10.365 -4.478  0.641   1.00 21.65 ? 202 NAP X PN  1 
HETATM 1354 O O1N . NAP C 3 .   ? -11.717 -4.485  0.044   1.00 20.10 ? 202 NAP X O1N 1 
HETATM 1355 O O2N . NAP C 3 .   ? -10.195 -4.414  2.090   1.00 21.40 ? 202 NAP X O2N 1 
HETATM 1356 O O5D . NAP C 3 .   ? -9.555  -3.269  -0.070  1.00 21.12 ? 202 NAP X O5D 1 
HETATM 1357 C C5D . NAP C 3 .   ? -9.614  -3.080  -1.477  1.00 15.24 ? 202 NAP X C5D 1 
HETATM 1358 C C4D . NAP C 3 .   ? -9.634  -1.589  -1.817  1.00 22.26 ? 202 NAP X C4D 1 
HETATM 1359 O O4D . NAP C 3 .   ? -8.394  -0.959  -1.461  1.00 18.17 ? 202 NAP X O4D 1 
HETATM 1360 C C3D . NAP C 3 .   ? -9.807  -1.358  -3.308  1.00 17.70 ? 202 NAP X C3D 1 
HETATM 1361 O O3D . NAP C 3 .   ? -10.683 -0.247  -3.516  1.00 17.39 ? 202 NAP X O3D 1 
HETATM 1362 C C2D . NAP C 3 .   ? -8.425  -0.977  -3.793  1.00 18.40 ? 202 NAP X C2D 1 
HETATM 1363 O O2D . NAP C 3 .   ? -8.542  -0.094  -4.872  1.00 18.82 ? 202 NAP X O2D 1 
HETATM 1364 C C1D . NAP C 3 .   ? -7.898  -0.230  -2.584  1.00 17.56 ? 202 NAP X C1D 1 
HETATM 1365 N N1N . NAP C 3 .   ? -6.424  -0.081  -2.469  1.00 22.41 ? 202 NAP X N1N 1 
HETATM 1366 C C2N . NAP C 3 .   ? -5.918  1.178   -2.288  1.00 22.65 ? 202 NAP X C2N 1 
HETATM 1367 C C3N . NAP C 3 .   ? -4.553  1.369   -2.127  1.00 19.35 ? 202 NAP X C3N 1 
HETATM 1368 C C7N . NAP C 3 .   ? -4.031  2.753   -1.917  1.00 15.43 ? 202 NAP X C7N 1 
HETATM 1369 O O7N . NAP C 3 .   ? -2.742  2.873   -1.425  1.00 19.35 ? 202 NAP X O7N 1 
HETATM 1370 N N7N . NAP C 3 .   ? -4.788  3.813   -2.204  1.00 18.74 ? 202 NAP X N7N 1 
HETATM 1371 C C4N . NAP C 3 .   ? -3.682  0.275   -2.119  1.00 23.96 ? 202 NAP X C4N 1 
HETATM 1372 C C5N . NAP C 3 .   ? -4.212  -1.007  -2.300  1.00 22.45 ? 202 NAP X C5N 1 
HETATM 1373 C C6N . NAP C 3 .   ? -5.586  -1.162  -2.462  1.00 21.60 ? 202 NAP X C6N 1 
HETATM 1374 P P2B . NAP C 3 .   ? -10.416 -14.053 0.100   1.00 20.60 ? 202 NAP X P2B 1 
HETATM 1375 O O1X . NAP C 3 .   ? -11.793 -13.442 0.198   1.00 19.40 ? 202 NAP X O1X 1 
HETATM 1376 O O2X . NAP C 3 .   ? -10.105 -14.488 -1.315  1.00 19.34 ? 202 NAP X O2X 1 
HETATM 1377 O O3X . NAP C 3 .   ? -10.215 -15.112 1.151   1.00 22.02 ? 202 NAP X O3X 1 
HETATM 1378 C C1  . GOL D 4 .   ? -6.837  11.150  9.789   1.00 40.73 ? 203 GOL X C1  1 
HETATM 1379 O O1  . GOL D 4 .   ? -6.345  11.755  8.610   1.00 59.52 ? 203 GOL X O1  1 
HETATM 1380 C C2  . GOL D 4 .   ? -5.761  10.182  10.260  1.00 44.59 ? 203 GOL X C2  1 
HETATM 1381 O O2  . GOL D 4 .   ? -6.027  9.638   11.540  1.00 36.66 ? 203 GOL X O2  1 
HETATM 1382 C C3  . GOL D 4 .   ? -4.376  10.786  10.039  1.00 39.86 ? 203 GOL X C3  1 
HETATM 1383 O O3  . GOL D 4 .   ? -3.681  10.895  11.261  1.00 56.14 ? 203 GOL X O3  1 
HETATM 1384 O O   . HOH E 5 .   ? 8.177   9.444   -6.582  1.00 55.41 ? 301 HOH X O   1 
HETATM 1385 O O   . HOH E 5 .   ? -7.412  -14.341 -10.208 1.00 46.38 ? 302 HOH X O   1 
HETATM 1386 O O   . HOH E 5 .   ? -12.385 -8.781  -6.932  1.00 34.22 ? 303 HOH X O   1 
HETATM 1387 O O   . HOH E 5 .   ? 13.874  -0.649  -5.007  1.00 40.78 ? 304 HOH X O   1 
HETATM 1388 O O   . HOH E 5 .   ? -14.759 0.319   -10.364 1.00 33.44 ? 305 HOH X O   1 
HETATM 1389 O O   . HOH E 5 .   ? 11.697  1.118   5.162   1.00 25.49 ? 306 HOH X O   1 
HETATM 1390 O O   . HOH E 5 .   ? -11.952 -21.702 -4.560  1.00 38.69 ? 307 HOH X O   1 
HETATM 1391 O O   . HOH E 5 .   ? -13.358 -3.486  -1.950  1.00 20.49 ? 308 HOH X O   1 
HETATM 1392 O O   . HOH E 5 .   ? -0.282  1.326   15.607  1.00 38.01 ? 309 HOH X O   1 
HETATM 1393 O O   . HOH E 5 .   ? -19.146 1.021   -2.895  1.00 23.34 ? 310 HOH X O   1 
HETATM 1394 O O   . HOH E 5 .   ? -2.057  6.090   -6.402  1.00 21.39 ? 311 HOH X O   1 
HETATM 1395 O O   . HOH E 5 .   ? -1.821  11.963  7.771   1.00 34.80 ? 312 HOH X O   1 
HETATM 1396 O O   . HOH E 5 .   ? 5.147   12.941  15.015  1.00 39.50 ? 313 HOH X O   1 
HETATM 1397 O O   . HOH E 5 .   ? -6.477  -16.434 7.729   1.00 33.79 ? 314 HOH X O   1 
HETATM 1398 O O   . HOH E 5 .   ? -5.514  -19.395 -9.577  1.00 35.05 ? 315 HOH X O   1 
HETATM 1399 O O   . HOH E 5 .   ? -10.187 -16.295 -5.211  1.00 31.50 ? 316 HOH X O   1 
HETATM 1400 O O   . HOH E 5 .   ? 0.179   -18.460 -7.113  1.00 39.85 ? 317 HOH X O   1 
HETATM 1401 O O   . HOH E 5 .   ? 10.207  -12.004 0.439   1.00 32.50 ? 318 HOH X O   1 
HETATM 1402 O O   . HOH E 5 .   ? 14.302  -7.051  -0.242  1.00 34.07 ? 319 HOH X O   1 
HETATM 1403 O O   . HOH E 5 .   ? 9.129   11.324  2.249   1.00 19.72 ? 320 HOH X O   1 
HETATM 1404 O O   . HOH E 5 .   ? 1.877   18.571  -4.168  1.00 22.11 ? 321 HOH X O   1 
HETATM 1405 O O   . HOH E 5 .   ? -1.534  5.559   15.734  1.00 28.89 ? 322 HOH X O   1 
HETATM 1406 O O   . HOH E 5 .   ? -13.297 -0.728  -3.015  1.00 19.19 ? 323 HOH X O   1 
HETATM 1407 O O   . HOH E 5 .   ? 6.282   -0.974  -14.012 1.00 36.59 ? 324 HOH X O   1 
HETATM 1408 O O   . HOH E 5 .   ? -11.640 -15.863 -3.045  1.00 25.78 ? 325 HOH X O   1 
HETATM 1409 O O   . HOH E 5 .   ? -12.778 11.692  1.239   1.00 23.02 ? 326 HOH X O   1 
HETATM 1410 O O   . HOH E 5 .   ? -13.057 9.488   -7.933  1.00 34.67 ? 327 HOH X O   1 
HETATM 1411 O O   . HOH E 5 .   ? 8.109   21.121  -1.927  1.00 56.38 ? 328 HOH X O   1 
HETATM 1412 O O   . HOH E 5 .   ? -7.008  -0.798  -7.011  1.00 30.61 ? 329 HOH X O   1 
HETATM 1413 O O   . HOH E 5 .   ? -7.000  -18.752 4.917   1.00 32.12 ? 330 HOH X O   1 
HETATM 1414 O O   . HOH E 5 .   ? -10.909 -6.444  -6.817  1.00 25.17 ? 331 HOH X O   1 
HETATM 1415 O O   . HOH E 5 .   ? 9.372   18.597  -3.226  1.00 30.69 ? 332 HOH X O   1 
HETATM 1416 O O   . HOH E 5 .   ? -8.890  -2.034  -11.431 1.00 39.47 ? 333 HOH X O   1 
HETATM 1417 O O   . HOH E 5 .   ? -19.249 5.957   -0.643  1.00 26.11 ? 334 HOH X O   1 
HETATM 1418 O O   . HOH E 5 .   ? -12.861 9.740   7.295   1.00 21.58 ? 335 HOH X O   1 
HETATM 1419 O O   . HOH E 5 .   ? -14.506 7.855   -6.260  1.00 29.11 ? 336 HOH X O   1 
HETATM 1420 O O   . HOH E 5 .   ? -9.831  1.183   7.968   1.00 19.80 ? 337 HOH X O   1 
HETATM 1421 O O   . HOH E 5 .   ? -11.387 -14.500 3.639   1.00 28.49 ? 338 HOH X O   1 
HETATM 1422 O O   . HOH E 5 .   ? 5.960   7.738   1.117   1.00 21.34 ? 339 HOH X O   1 
HETATM 1423 O O   . HOH E 5 .   ? 12.833  8.792   5.114   1.00 23.80 ? 340 HOH X O   1 
HETATM 1424 O O   . HOH E 5 .   ? -14.371 11.342  -5.828  1.00 30.14 ? 341 HOH X O   1 
HETATM 1425 O O   . HOH E 5 .   ? -10.931 -3.277  -10.388 1.00 31.14 ? 342 HOH X O   1 
HETATM 1426 O O   . HOH E 5 .   ? -4.665  -14.904 9.273   1.00 32.17 ? 343 HOH X O   1 
HETATM 1427 O O   . HOH E 5 .   ? -2.938  -4.067  13.243  1.00 32.12 ? 344 HOH X O   1 
HETATM 1428 O O   . HOH E 5 .   ? 10.378  -2.084  -11.953 1.00 31.17 ? 345 HOH X O   1 
HETATM 1429 O O   . HOH E 5 .   ? 3.402   5.962   -0.392  1.00 18.18 ? 346 HOH X O   1 
HETATM 1430 O O   . HOH E 5 .   ? -8.189  -26.674 -3.019  1.00 35.36 ? 347 HOH X O   1 
HETATM 1431 O O   . HOH E 5 .   ? 7.860   13.831  13.866  1.00 32.24 ? 348 HOH X O   1 
HETATM 1432 O O   . HOH E 5 .   ? 9.201   -9.591  -13.288 1.00 37.77 ? 349 HOH X O   1 
HETATM 1433 O O   . HOH E 5 .   ? -2.487  6.647   -8.990  1.00 34.77 ? 350 HOH X O   1 
HETATM 1434 O O   . HOH E 5 .   ? 14.628  9.950   6.826   1.00 24.02 ? 351 HOH X O   1 
HETATM 1435 O O   . HOH E 5 .   ? -16.150 -10.131 -0.846  1.00 33.81 ? 352 HOH X O   1 
HETATM 1436 O O   . HOH E 5 .   ? -16.334 8.714   1.146   1.00 24.57 ? 353 HOH X O   1 
HETATM 1437 O O   . HOH E 5 .   ? -10.769 -22.334 -0.691  1.00 38.96 ? 354 HOH X O   1 
HETATM 1438 O O   . HOH E 5 .   ? 1.724   18.797  -1.341  1.00 32.09 ? 355 HOH X O   1 
HETATM 1439 O O   . HOH E 5 .   ? -14.057 -5.468  -9.010  1.00 31.78 ? 356 HOH X O   1 
HETATM 1440 O O   . HOH E 5 .   ? -14.775 10.232  2.773   1.00 22.71 ? 357 HOH X O   1 
HETATM 1441 O O   . HOH E 5 .   ? 7.693   20.358  2.788   1.00 34.06 ? 358 HOH X O   1 
HETATM 1442 O O   . HOH E 5 .   ? -10.522 -11.884 5.105   1.00 35.64 ? 359 HOH X O   1 
HETATM 1443 O O   . HOH E 5 .   ? -16.209 13.039  -6.865  1.00 30.96 ? 360 HOH X O   1 
HETATM 1444 O O   . HOH E 5 .   ? 8.647   8.523   1.448   1.00 25.89 ? 361 HOH X O   1 
HETATM 1445 O O   . HOH E 5 .   ? -14.946 10.348  5.564   1.00 27.71 ? 362 HOH X O   1 
HETATM 1446 O O   . HOH E 5 .   ? -11.682 -5.724  -9.650  1.00 33.06 ? 363 HOH X O   1 
# 
loop_
_pdbx_poly_seq_scheme.asym_id 
_pdbx_poly_seq_scheme.entity_id 
_pdbx_poly_seq_scheme.seq_id 
_pdbx_poly_seq_scheme.mon_id 
_pdbx_poly_seq_scheme.ndb_seq_num 
_pdbx_poly_seq_scheme.pdb_seq_num 
_pdbx_poly_seq_scheme.auth_seq_num 
_pdbx_poly_seq_scheme.pdb_mon_id 
_pdbx_poly_seq_scheme.auth_mon_id 
_pdbx_poly_seq_scheme.pdb_strand_id 
_pdbx_poly_seq_scheme.pdb_ins_code 
_pdbx_poly_seq_scheme.hetero 
A 1 1   THR 1   1   1   THR THR X . n 
A 1 2   LEU 2   2   2   LEU LEU X . n 
A 1 3   SER 3   3   3   SER SER X . n 
A 1 4   ILE 4   4   4   ILE ILE X . n 
A 1 5   LEU 5   5   5   LEU LEU X . n 
A 1 6   VAL 6   6   6   VAL VAL X . n 
A 1 7   ALA 7   7   7   ALA ALA X . n 
A 1 8   HIS 8   8   8   HIS HIS X . n 
A 1 9   ASP 9   9   9   ASP ASP X . n 
A 1 10  LEU 10  10  10  LEU LEU X . n 
A 1 11  GLN 11  11  11  GLN GLN X . n 
A 1 12  ARG 12  12  12  ARG ARG X . n 
A 1 13  VAL 13  13  13  VAL VAL X . n 
A 1 14  ILE 14  14  14  ILE ILE X . n 
A 1 15  GLY 15  15  15  GLY GLY X . n 
A 1 16  PHE 16  16  16  PHE PHE X . n 
A 1 17  GLU 17  17  17  GLU GLU X . n 
A 1 18  ASN 18  18  18  ASN ASN X . n 
A 1 19  GLN 19  19  19  GLN GLN X . n 
A 1 20  LEU 20  20  20  LEU LEU X . n 
A 1 21  PRO 21  21  21  PRO PRO X . n 
A 1 22  TRP 22  22  22  TRP TRP X . n 
A 1 23  HIS 23  23  23  HIS HIS X . n 
A 1 24  LEU 24  24  24  LEU LEU X . n 
A 1 25  PRO 25  25  25  PRO PRO X . n 
A 1 26  ASN 26  26  26  ASN ASN X . n 
A 1 27  ASP 27  27  27  ASP ASP X . n 
A 1 28  LEU 28  28  28  LEU LEU X . n 
A 1 29  LYS 29  29  29  LYS LYS X . n 
A 1 30  HIS 30  30  30  HIS HIS X . n 
A 1 31  VAL 31  31  31  VAL VAL X . n 
A 1 32  LYS 32  32  32  LYS LYS X . n 
A 1 33  LYS 33  33  33  LYS LYS X . n 
A 1 34  LEU 34  34  34  LEU LEU X . n 
A 1 35  SER 35  35  35  SER SER X . n 
A 1 36  THR 36  36  36  THR THR X . n 
A 1 37  GLY 37  37  37  GLY GLY X . n 
A 1 38  HIS 38  38  38  HIS HIS X . n 
A 1 39  THR 39  39  39  THR THR X . n 
A 1 40  LEU 40  40  40  LEU LEU X . n 
A 1 41  VAL 41  41  41  VAL VAL X . n 
A 1 42  MET 42  42  42  MET MET X . n 
A 1 43  GLY 43  43  43  GLY GLY X . n 
A 1 44  ARG 44  44  44  ARG ARG X . n 
A 1 45  LYS 45  45  45  LYS LYS X . n 
A 1 46  THR 46  46  46  THR THR X . n 
A 1 47  PHE 47  47  47  PHE PHE X . n 
A 1 48  GLU 48  48  48  GLU GLU X . n 
A 1 49  SER 49  49  49  SER SER X . n 
A 1 50  ILE 50  50  50  ILE ILE X . n 
A 1 51  GLY 51  51  51  GLY GLY X . n 
A 1 52  LYS 52  52  52  LYS LYS X . n 
A 1 53  PRO 53  53  53  PRO PRO X . n 
A 1 54  LEU 54  54  54  LEU LEU X . n 
A 1 55  PRO 55  55  55  PRO PRO X . n 
A 1 56  ASN 56  56  56  ASN ASN X . n 
A 1 57  ARG 57  57  57  ARG ARG X . n 
A 1 58  ARG 58  58  58  ARG ARG X . n 
A 1 59  ASN 59  59  59  ASN ASN X . n 
A 1 60  VAL 60  60  60  VAL VAL X . n 
A 1 61  VAL 61  61  61  VAL VAL X . n 
A 1 62  LEU 62  62  62  LEU LEU X . n 
A 1 63  THR 63  63  63  THR THR X . n 
A 1 64  SER 64  64  64  SER SER X . n 
A 1 65  ASP 65  65  65  ASP ASP X . n 
A 1 66  THR 66  66  66  THR THR X . n 
A 1 67  SER 67  67  67  SER SER X . n 
A 1 68  PHE 68  68  68  PHE PHE X . n 
A 1 69  ASN 69  69  69  ASN ASN X . n 
A 1 70  VAL 70  70  70  VAL VAL X . n 
A 1 71  GLU 71  71  71  GLU GLU X . n 
A 1 72  GLY 72  72  72  GLY GLY X . n 
A 1 73  VAL 73  73  73  VAL VAL X . n 
A 1 74  ASP 74  74  74  ASP ASP X . n 
A 1 75  VAL 75  75  75  VAL VAL X . n 
A 1 76  ILE 76  76  76  ILE ILE X . n 
A 1 77  HIS 77  77  77  HIS HIS X . n 
A 1 78  SER 78  78  78  SER SER X . n 
A 1 79  ILE 79  79  79  ILE ILE X . n 
A 1 80  GLU 80  80  80  GLU GLU X . n 
A 1 81  ASP 81  81  81  ASP ASP X . n 
A 1 82  ILE 82  82  82  ILE ILE X . n 
A 1 83  TYR 83  83  83  TYR TYR X . n 
A 1 84  GLN 84  84  84  GLN GLN X . n 
A 1 85  LEU 85  85  85  LEU LEU X . n 
A 1 86  PRO 86  86  86  PRO PRO X . n 
A 1 87  GLY 87  87  87  GLY GLY X . n 
A 1 88  HIS 88  88  88  HIS HIS X . n 
A 1 89  VAL 89  89  89  VAL VAL X . n 
A 1 90  PHE 90  90  90  PHE PHE X . n 
A 1 91  ILE 91  91  91  ILE ILE X . n 
A 1 92  PHE 92  92  92  PHE PHE X . n 
A 1 93  GLY 93  93  93  GLY GLY X . n 
A 1 94  GLY 94  94  94  GLY GLY X . n 
A 1 95  GLN 95  95  95  GLN GLN X . n 
A 1 96  THR 96  96  96  THR THR X . n 
A 1 97  LEU 97  97  97  LEU LEU X . n 
A 1 98  PHE 98  98  98  PHE PHE X . n 
A 1 99  GLU 99  99  99  GLU GLU X . n 
A 1 100 GLU 100 100 100 GLU GLU X . n 
A 1 101 MET 101 101 101 MET MET X . n 
A 1 102 ILE 102 102 102 ILE ILE X . n 
A 1 103 ASP 103 103 103 ASP ASP X . n 
A 1 104 LYS 104 104 104 LYS LYS X . n 
A 1 105 VAL 105 105 105 VAL VAL X . n 
A 1 106 ASP 106 106 106 ASP ASP X . n 
A 1 107 ASP 107 107 107 ASP ASP X . n 
A 1 108 MET 108 108 108 MET MET X . n 
A 1 109 TYR 109 109 109 TYR TYR X . n 
A 1 110 ILE 110 110 110 ILE ILE X . n 
A 1 111 THR 111 111 111 THR THR X . n 
A 1 112 VAL 112 112 112 VAL VAL X . n 
A 1 113 ILE 113 113 113 ILE ILE X . n 
A 1 114 GLU 114 114 114 GLU GLU X . n 
A 1 115 GLY 115 115 115 GLY GLY X . n 
A 1 116 LYS 116 116 116 LYS LYS X . n 
A 1 117 PHE 117 117 117 PHE PHE X . n 
A 1 118 ARG 118 118 118 ARG ARG X . n 
A 1 119 GLY 119 119 119 GLY GLY X . n 
A 1 120 ASP 120 120 120 ASP ASP X . n 
A 1 121 THR 121 121 121 THR THR X . n 
A 1 122 PHE 122 122 122 PHE PHE X . n 
A 1 123 PHE 123 123 123 PHE PHE X . n 
A 1 124 PRO 124 124 124 PRO PRO X . n 
A 1 125 PRO 125 125 125 PRO PRO X . n 
A 1 126 TYR 126 126 126 TYR TYR X . n 
A 1 127 THR 127 127 127 THR THR X . n 
A 1 128 PHE 128 128 128 PHE PHE X . n 
A 1 129 GLU 129 129 129 GLU GLU X . n 
A 1 130 ASP 130 130 130 ASP ASP X . n 
A 1 131 TRP 131 131 131 TRP TRP X . n 
A 1 132 GLU 132 132 132 GLU GLU X . n 
A 1 133 VAL 133 133 133 VAL VAL X . n 
A 1 134 ALA 134 134 134 ALA ALA X . n 
A 1 135 SER 135 135 135 SER SER X . n 
A 1 136 SER 136 136 136 SER SER X . n 
A 1 137 VAL 137 137 137 VAL VAL X . n 
A 1 138 GLU 138 138 138 GLU GLU X . n 
A 1 139 GLY 139 139 139 GLY GLY X . n 
A 1 140 LYS 140 140 140 LYS LYS X . n 
A 1 141 LEU 141 141 141 LEU LEU X . n 
A 1 142 ASP 142 142 142 ASP ASP X . n 
A 1 143 GLU 143 143 143 GLU GLU X . n 
A 1 144 LYS 144 144 144 LYS LYS X . n 
A 1 145 ASN 145 145 145 ASN ASN X . n 
A 1 146 THR 146 146 146 THR THR X . n 
A 1 147 ILE 147 147 147 ILE ILE X . n 
A 1 148 PRO 148 148 148 PRO PRO X . n 
A 1 149 HIS 149 149 149 HIS HIS X . n 
A 1 150 THR 150 150 150 THR THR X . n 
A 1 151 PHE 151 151 151 PHE PHE X . n 
A 1 152 LEU 152 152 152 LEU LEU X . n 
A 1 153 HIS 153 153 153 HIS HIS X . n 
A 1 154 LEU 154 154 154 LEU LEU X . n 
A 1 155 ILE 155 155 155 ILE ILE X . n 
A 1 156 ARG 156 156 156 ARG ARG X . n 
A 1 157 LYS 157 157 157 LYS LYS X . n 
# 
loop_
_pdbx_nonpoly_scheme.asym_id 
_pdbx_nonpoly_scheme.entity_id 
_pdbx_nonpoly_scheme.mon_id 
_pdbx_nonpoly_scheme.ndb_seq_num 
_pdbx_nonpoly_scheme.pdb_seq_num 
_pdbx_nonpoly_scheme.auth_seq_num 
_pdbx_nonpoly_scheme.pdb_mon_id 
_pdbx_nonpoly_scheme.auth_mon_id 
_pdbx_nonpoly_scheme.pdb_strand_id 
_pdbx_nonpoly_scheme.pdb_ins_code 
B 2 MTX 1  201 164 MTX MTX X . 
C 3 NAP 1  202 207 NAP NAP X . 
D 4 GOL 1  203 221 GOL GOL X . 
E 5 HOH 1  301 30  HOH HOH X . 
E 5 HOH 2  302 59  HOH HOH X . 
E 5 HOH 3  303 43  HOH HOH X . 
E 5 HOH 4  304 35  HOH HOH X . 
E 5 HOH 5  305 40  HOH HOH X . 
E 5 HOH 6  306 11  HOH HOH X . 
E 5 HOH 7  307 62  HOH HOH X . 
E 5 HOH 8  308 12  HOH HOH X . 
E 5 HOH 9  309 38  HOH HOH X . 
E 5 HOH 10 310 21  HOH HOH X . 
E 5 HOH 11 311 4   HOH HOH X . 
E 5 HOH 12 312 45  HOH HOH X . 
E 5 HOH 13 313 44  HOH HOH X . 
E 5 HOH 14 314 55  HOH HOH X . 
E 5 HOH 15 315 36  HOH HOH X . 
E 5 HOH 16 316 49  HOH HOH X . 
E 5 HOH 17 317 53  HOH HOH X . 
E 5 HOH 18 318 46  HOH HOH X . 
E 5 HOH 19 319 56  HOH HOH X . 
E 5 HOH 20 320 13  HOH HOH X . 
E 5 HOH 21 321 5   HOH HOH X . 
E 5 HOH 22 322 18  HOH HOH X . 
E 5 HOH 23 323 3   HOH HOH X . 
E 5 HOH 24 324 48  HOH HOH X . 
E 5 HOH 25 325 8   HOH HOH X . 
E 5 HOH 26 326 10  HOH HOH X . 
E 5 HOH 27 327 57  HOH HOH X . 
E 5 HOH 28 328 60  HOH HOH X . 
E 5 HOH 29 329 34  HOH HOH X . 
E 5 HOH 30 330 61  HOH HOH X . 
E 5 HOH 31 331 20  HOH HOH X . 
E 5 HOH 32 332 41  HOH HOH X . 
E 5 HOH 33 333 47  HOH HOH X . 
E 5 HOH 34 334 24  HOH HOH X . 
E 5 HOH 35 335 6   HOH HOH X . 
E 5 HOH 36 336 51  HOH HOH X . 
E 5 HOH 37 337 2   HOH HOH X . 
E 5 HOH 38 338 27  HOH HOH X . 
E 5 HOH 39 339 14  HOH HOH X . 
E 5 HOH 40 340 7   HOH HOH X . 
E 5 HOH 41 341 32  HOH HOH X . 
E 5 HOH 42 342 31  HOH HOH X . 
E 5 HOH 43 343 22  HOH HOH X . 
E 5 HOH 44 344 33  HOH HOH X . 
E 5 HOH 45 345 29  HOH HOH X . 
E 5 HOH 46 346 1   HOH HOH X . 
E 5 HOH 47 347 25  HOH HOH X . 
E 5 HOH 48 348 39  HOH HOH X . 
E 5 HOH 49 349 64  HOH HOH X . 
E 5 HOH 50 350 58  HOH HOH X . 
E 5 HOH 51 351 9   HOH HOH X . 
E 5 HOH 52 352 23  HOH HOH X . 
E 5 HOH 53 353 16  HOH HOH X . 
E 5 HOH 54 354 63  HOH HOH X . 
E 5 HOH 55 355 42  HOH HOH X . 
E 5 HOH 56 356 50  HOH HOH X . 
E 5 HOH 57 357 15  HOH HOH X . 
E 5 HOH 58 358 52  HOH HOH X . 
E 5 HOH 59 359 54  HOH HOH X . 
E 5 HOH 60 360 19  HOH HOH X . 
E 5 HOH 61 361 28  HOH HOH X . 
E 5 HOH 62 362 26  HOH HOH X . 
E 5 HOH 63 363 37  HOH HOH X . 
# 
_pdbx_struct_assembly.id                   1 
_pdbx_struct_assembly.details              author_and_software_defined_assembly 
_pdbx_struct_assembly.method_details       PISA 
_pdbx_struct_assembly.oligomeric_details   monomeric 
_pdbx_struct_assembly.oligomeric_count     1 
# 
_pdbx_struct_assembly_gen.assembly_id       1 
_pdbx_struct_assembly_gen.oper_expression   1 
_pdbx_struct_assembly_gen.asym_id_list      A,B,C,D,E 
# 
_pdbx_struct_oper_list.id                   1 
_pdbx_struct_oper_list.type                 'identity operation' 
_pdbx_struct_oper_list.name                 1_555 
_pdbx_struct_oper_list.symmetry_operation   x,y,z 
_pdbx_struct_oper_list.matrix[1][1]         1.0000000000 
_pdbx_struct_oper_list.matrix[1][2]         0.0000000000 
_pdbx_struct_oper_list.matrix[1][3]         0.0000000000 
_pdbx_struct_oper_list.vector[1]            0.0000000000 
_pdbx_struct_oper_list.matrix[2][1]         0.0000000000 
_pdbx_struct_oper_list.matrix[2][2]         1.0000000000 
_pdbx_struct_oper_list.matrix[2][3]         0.0000000000 
_pdbx_struct_oper_list.vector[2]            0.0000000000 
_pdbx_struct_oper_list.matrix[3][1]         0.0000000000 
_pdbx_struct_oper_list.matrix[3][2]         0.0000000000 
_pdbx_struct_oper_list.matrix[3][3]         1.0000000000 
_pdbx_struct_oper_list.vector[3]            0.0000000000 
# 
loop_
_pdbx_audit_revision_history.ordinal 
_pdbx_audit_revision_history.data_content_type 
_pdbx_audit_revision_history.major_revision 
_pdbx_audit_revision_history.minor_revision 
_pdbx_audit_revision_history.revision_date 
1 'Structure model' 1 0 2019-10-23 
2 'Structure model' 1 1 2019-10-30 
3 'Structure model' 1 2 2019-11-20 
4 'Structure model' 1 3 2019-12-18 
5 'Structure model' 1 4 2023-10-11 
# 
_pdbx_audit_revision_details.ordinal             1 
_pdbx_audit_revision_details.revision_ordinal    1 
_pdbx_audit_revision_details.data_content_type   'Structure model' 
_pdbx_audit_revision_details.provider            repository 
_pdbx_audit_revision_details.type                'Initial release' 
_pdbx_audit_revision_details.description         ? 
_pdbx_audit_revision_details.details             ? 
# 
loop_
_pdbx_audit_revision_group.ordinal 
_pdbx_audit_revision_group.revision_ordinal 
_pdbx_audit_revision_group.data_content_type 
_pdbx_audit_revision_group.group 
1 2 'Structure model' 'Data collection'            
2 2 'Structure model' 'Database references'        
3 3 'Structure model' 'Database references'        
4 4 'Structure model' 'Author supporting evidence' 
5 5 'Structure model' 'Data collection'            
6 5 'Structure model' 'Database references'        
7 5 'Structure model' 'Refinement description'     
# 
loop_
_pdbx_audit_revision_category.ordinal 
_pdbx_audit_revision_category.revision_ordinal 
_pdbx_audit_revision_category.data_content_type 
_pdbx_audit_revision_category.category 
1  2 'Structure model' citation                      
2  2 'Structure model' citation_author               
3  3 'Structure model' citation                      
4  3 'Structure model' citation_author               
5  4 'Structure model' pdbx_audit_support            
6  5 'Structure model' chem_comp_atom                
7  5 'Structure model' chem_comp_bond                
8  5 'Structure model' database_2                    
9  5 'Structure model' diffrn_radiation_wavelength   
10 5 'Structure model' pdbx_initial_refinement_model 
# 
loop_
_pdbx_audit_revision_item.ordinal 
_pdbx_audit_revision_item.revision_ordinal 
_pdbx_audit_revision_item.data_content_type 
_pdbx_audit_revision_item.item 
1  2 'Structure model' '_citation.title'                          
2  2 'Structure model' '_citation_author.identifier_ORCID'        
3  2 'Structure model' '_citation_author.name'                    
4  3 'Structure model' '_citation.journal_volume'                 
5  3 'Structure model' '_citation.page_first'                     
6  3 'Structure model' '_citation.page_last'                      
7  3 'Structure model' '_citation_author.identifier_ORCID'        
8  4 'Structure model' '_pdbx_audit_support.funding_organization' 
9  5 'Structure model' '_database_2.pdbx_DOI'                     
10 5 'Structure model' '_database_2.pdbx_database_accession'      
# 
loop_
_software.citation_id 
_software.classification 
_software.compiler_name 
_software.compiler_version 
_software.contact_author 
_software.contact_author_email 
_software.date 
_software.description 
_software.dependencies 
_software.hardware 
_software.language 
_software.location 
_software.mods 
_software.name 
_software.os 
_software.os_version 
_software.type 
_software.version 
_software.pdbx_ordinal 
? refinement       ? ? ? ? ? ? ? ? ? ? ? PHENIX   ? ? ? '(1.11.1_2575: ???)' 1 
? 'data reduction' ? ? ? ? ? ? ? ? ? ? ? HKL-2000 ? ? ? .                    2 
? 'data scaling'   ? ? ? ? ? ? ? ? ? ? ? HKL-2000 ? ? ? .                    3 
? phasing          ? ? ? ? ? ? ? ? ? ? ? PHENIX   ? ? ? .                    4 
# 
_pdbx_entry_details.entry_id                 6P9Z 
_pdbx_entry_details.has_ligand_of_interest   Y 
_pdbx_entry_details.compound_details         ? 
_pdbx_entry_details.source_details           ? 
_pdbx_entry_details.nonpolymer_details       ? 
_pdbx_entry_details.sequence_details         ? 
# 
_pdbx_validate_torsion.id              1 
_pdbx_validate_torsion.PDB_model_num   1 
_pdbx_validate_torsion.auth_comp_id    HIS 
_pdbx_validate_torsion.auth_asym_id    X 
_pdbx_validate_torsion.auth_seq_id     38 
_pdbx_validate_torsion.PDB_ins_code    ? 
_pdbx_validate_torsion.label_alt_id    ? 
_pdbx_validate_torsion.phi             -125.41 
_pdbx_validate_torsion.psi             -150.54 
# 
loop_
_chem_comp_atom.comp_id 
_chem_comp_atom.atom_id 
_chem_comp_atom.type_symbol 
_chem_comp_atom.pdbx_aromatic_flag 
_chem_comp_atom.pdbx_stereo_config 
_chem_comp_atom.pdbx_ordinal 
ALA N    N N N 1   
ALA CA   C N S 2   
ALA C    C N N 3   
ALA O    O N N 4   
ALA CB   C N N 5   
ALA OXT  O N N 6   
ALA H    H N N 7   
ALA H2   H N N 8   
ALA HA   H N N 9   
ALA HB1  H N N 10  
ALA HB2  H N N 11  
ALA HB3  H N N 12  
ALA HXT  H N N 13  
ARG N    N N N 14  
ARG CA   C N S 15  
ARG C    C N N 16  
ARG O    O N N 17  
ARG CB   C N N 18  
ARG CG   C N N 19  
ARG CD   C N N 20  
ARG NE   N N N 21  
ARG CZ   C N N 22  
ARG NH1  N N N 23  
ARG NH2  N N N 24  
ARG OXT  O N N 25  
ARG H    H N N 26  
ARG H2   H N N 27  
ARG HA   H N N 28  
ARG HB2  H N N 29  
ARG HB3  H N N 30  
ARG HG2  H N N 31  
ARG HG3  H N N 32  
ARG HD2  H N N 33  
ARG HD3  H N N 34  
ARG HE   H N N 35  
ARG HH11 H N N 36  
ARG HH12 H N N 37  
ARG HH21 H N N 38  
ARG HH22 H N N 39  
ARG HXT  H N N 40  
ASN N    N N N 41  
ASN CA   C N S 42  
ASN C    C N N 43  
ASN O    O N N 44  
ASN CB   C N N 45  
ASN CG   C N N 46  
ASN OD1  O N N 47  
ASN ND2  N N N 48  
ASN OXT  O N N 49  
ASN H    H N N 50  
ASN H2   H N N 51  
ASN HA   H N N 52  
ASN HB2  H N N 53  
ASN HB3  H N N 54  
ASN HD21 H N N 55  
ASN HD22 H N N 56  
ASN HXT  H N N 57  
ASP N    N N N 58  
ASP CA   C N S 59  
ASP C    C N N 60  
ASP O    O N N 61  
ASP CB   C N N 62  
ASP CG   C N N 63  
ASP OD1  O N N 64  
ASP OD2  O N N 65  
ASP OXT  O N N 66  
ASP H    H N N 67  
ASP H2   H N N 68  
ASP HA   H N N 69  
ASP HB2  H N N 70  
ASP HB3  H N N 71  
ASP HD2  H N N 72  
ASP HXT  H N N 73  
GLN N    N N N 74  
GLN CA   C N S 75  
GLN C    C N N 76  
GLN O    O N N 77  
GLN CB   C N N 78  
GLN CG   C N N 79  
GLN CD   C N N 80  
GLN OE1  O N N 81  
GLN NE2  N N N 82  
GLN OXT  O N N 83  
GLN H    H N N 84  
GLN H2   H N N 85  
GLN HA   H N N 86  
GLN HB2  H N N 87  
GLN HB3  H N N 88  
GLN HG2  H N N 89  
GLN HG3  H N N 90  
GLN HE21 H N N 91  
GLN HE22 H N N 92  
GLN HXT  H N N 93  
GLU N    N N N 94  
GLU CA   C N S 95  
GLU C    C N N 96  
GLU O    O N N 97  
GLU CB   C N N 98  
GLU CG   C N N 99  
GLU CD   C N N 100 
GLU OE1  O N N 101 
GLU OE2  O N N 102 
GLU OXT  O N N 103 
GLU H    H N N 104 
GLU H2   H N N 105 
GLU HA   H N N 106 
GLU HB2  H N N 107 
GLU HB3  H N N 108 
GLU HG2  H N N 109 
GLU HG3  H N N 110 
GLU HE2  H N N 111 
GLU HXT  H N N 112 
GLY N    N N N 113 
GLY CA   C N N 114 
GLY C    C N N 115 
GLY O    O N N 116 
GLY OXT  O N N 117 
GLY H    H N N 118 
GLY H2   H N N 119 
GLY HA2  H N N 120 
GLY HA3  H N N 121 
GLY HXT  H N N 122 
GOL C1   C N N 123 
GOL O1   O N N 124 
GOL C2   C N N 125 
GOL O2   O N N 126 
GOL C3   C N N 127 
GOL O3   O N N 128 
GOL H11  H N N 129 
GOL H12  H N N 130 
GOL HO1  H N N 131 
GOL H2   H N N 132 
GOL HO2  H N N 133 
GOL H31  H N N 134 
GOL H32  H N N 135 
GOL HO3  H N N 136 
HIS N    N N N 137 
HIS CA   C N S 138 
HIS C    C N N 139 
HIS O    O N N 140 
HIS CB   C N N 141 
HIS CG   C Y N 142 
HIS ND1  N Y N 143 
HIS CD2  C Y N 144 
HIS CE1  C Y N 145 
HIS NE2  N Y N 146 
HIS OXT  O N N 147 
HIS H    H N N 148 
HIS H2   H N N 149 
HIS HA   H N N 150 
HIS HB2  H N N 151 
HIS HB3  H N N 152 
HIS HD1  H N N 153 
HIS HD2  H N N 154 
HIS HE1  H N N 155 
HIS HE2  H N N 156 
HIS HXT  H N N 157 
HOH O    O N N 158 
HOH H1   H N N 159 
HOH H2   H N N 160 
ILE N    N N N 161 
ILE CA   C N S 162 
ILE C    C N N 163 
ILE O    O N N 164 
ILE CB   C N S 165 
ILE CG1  C N N 166 
ILE CG2  C N N 167 
ILE CD1  C N N 168 
ILE OXT  O N N 169 
ILE H    H N N 170 
ILE H2   H N N 171 
ILE HA   H N N 172 
ILE HB   H N N 173 
ILE HG12 H N N 174 
ILE HG13 H N N 175 
ILE HG21 H N N 176 
ILE HG22 H N N 177 
ILE HG23 H N N 178 
ILE HD11 H N N 179 
ILE HD12 H N N 180 
ILE HD13 H N N 181 
ILE HXT  H N N 182 
LEU N    N N N 183 
LEU CA   C N S 184 
LEU C    C N N 185 
LEU O    O N N 186 
LEU CB   C N N 187 
LEU CG   C N N 188 
LEU CD1  C N N 189 
LEU CD2  C N N 190 
LEU OXT  O N N 191 
LEU H    H N N 192 
LEU H2   H N N 193 
LEU HA   H N N 194 
LEU HB2  H N N 195 
LEU HB3  H N N 196 
LEU HG   H N N 197 
LEU HD11 H N N 198 
LEU HD12 H N N 199 
LEU HD13 H N N 200 
LEU HD21 H N N 201 
LEU HD22 H N N 202 
LEU HD23 H N N 203 
LEU HXT  H N N 204 
LYS N    N N N 205 
LYS CA   C N S 206 
LYS C    C N N 207 
LYS O    O N N 208 
LYS CB   C N N 209 
LYS CG   C N N 210 
LYS CD   C N N 211 
LYS CE   C N N 212 
LYS NZ   N N N 213 
LYS OXT  O N N 214 
LYS H    H N N 215 
LYS H2   H N N 216 
LYS HA   H N N 217 
LYS HB2  H N N 218 
LYS HB3  H N N 219 
LYS HG2  H N N 220 
LYS HG3  H N N 221 
LYS HD2  H N N 222 
LYS HD3  H N N 223 
LYS HE2  H N N 224 
LYS HE3  H N N 225 
LYS HZ1  H N N 226 
LYS HZ2  H N N 227 
LYS HZ3  H N N 228 
LYS HXT  H N N 229 
MET N    N N N 230 
MET CA   C N S 231 
MET C    C N N 232 
MET O    O N N 233 
MET CB   C N N 234 
MET CG   C N N 235 
MET SD   S N N 236 
MET CE   C N N 237 
MET OXT  O N N 238 
MET H    H N N 239 
MET H2   H N N 240 
MET HA   H N N 241 
MET HB2  H N N 242 
MET HB3  H N N 243 
MET HG2  H N N 244 
MET HG3  H N N 245 
MET HE1  H N N 246 
MET HE2  H N N 247 
MET HE3  H N N 248 
MET HXT  H N N 249 
MTX N1   N Y N 250 
MTX C2   C Y N 251 
MTX NA2  N N N 252 
MTX N3   N Y N 253 
MTX C4   C Y N 254 
MTX NA4  N N N 255 
MTX C4A  C Y N 256 
MTX N5   N Y N 257 
MTX C6   C Y N 258 
MTX C7   C Y N 259 
MTX N8   N Y N 260 
MTX C8A  C Y N 261 
MTX C9   C N N 262 
MTX N10  N N N 263 
MTX CM   C N N 264 
MTX C11  C Y N 265 
MTX C12  C Y N 266 
MTX C13  C Y N 267 
MTX C14  C Y N 268 
MTX C15  C Y N 269 
MTX C16  C Y N 270 
MTX C    C N N 271 
MTX O    O N N 272 
MTX N    N N N 273 
MTX CA   C N S 274 
MTX CT   C N N 275 
MTX O1   O N N 276 
MTX O2   O N N 277 
MTX CB   C N N 278 
MTX CG   C N N 279 
MTX CD   C N N 280 
MTX OE1  O N N 281 
MTX OE2  O N N 282 
MTX HN21 H N N 283 
MTX HN22 H N N 284 
MTX HN41 H N N 285 
MTX HN42 H N N 286 
MTX H7   H N N 287 
MTX H91  H N N 288 
MTX H92  H N N 289 
MTX HM1  H N N 290 
MTX HM2  H N N 291 
MTX HM3  H N N 292 
MTX H12  H N N 293 
MTX H13  H N N 294 
MTX H15  H N N 295 
MTX H16  H N N 296 
MTX HN   H N N 297 
MTX HA   H N N 298 
MTX HO2  H N N 299 
MTX HB1  H N N 300 
MTX HB2  H N N 301 
MTX HG1  H N N 302 
MTX HG2  H N N 303 
MTX HOE2 H N N 304 
NAP PA   P N R 305 
NAP O1A  O N N 306 
NAP O2A  O N N 307 
NAP O5B  O N N 308 
NAP C5B  C N N 309 
NAP C4B  C N R 310 
NAP O4B  O N N 311 
NAP C3B  C N R 312 
NAP O3B  O N N 313 
NAP C2B  C N R 314 
NAP O2B  O N N 315 
NAP C1B  C N R 316 
NAP N9A  N Y N 317 
NAP C8A  C Y N 318 
NAP N7A  N Y N 319 
NAP C5A  C Y N 320 
NAP C6A  C Y N 321 
NAP N6A  N N N 322 
NAP N1A  N Y N 323 
NAP C2A  C Y N 324 
NAP N3A  N Y N 325 
NAP C4A  C Y N 326 
NAP O3   O N N 327 
NAP PN   P N N 328 
NAP O1N  O N N 329 
NAP O2N  O N N 330 
NAP O5D  O N N 331 
NAP C5D  C N N 332 
NAP C4D  C N R 333 
NAP O4D  O N N 334 
NAP C3D  C N S 335 
NAP O3D  O N N 336 
NAP C2D  C N R 337 
NAP O2D  O N N 338 
NAP C1D  C N R 339 
NAP N1N  N Y N 340 
NAP C2N  C Y N 341 
NAP C3N  C Y N 342 
NAP C7N  C N N 343 
NAP O7N  O N N 344 
NAP N7N  N N N 345 
NAP C4N  C Y N 346 
NAP C5N  C Y N 347 
NAP C6N  C Y N 348 
NAP P2B  P N N 349 
NAP O1X  O N N 350 
NAP O2X  O N N 351 
NAP O3X  O N N 352 
NAP HOA2 H N N 353 
NAP H51A H N N 354 
NAP H52A H N N 355 
NAP H4B  H N N 356 
NAP H3B  H N N 357 
NAP HO3A H N N 358 
NAP H2B  H N N 359 
NAP H1B  H N N 360 
NAP H8A  H N N 361 
NAP H61A H N N 362 
NAP H62A H N N 363 
NAP H2A  H N N 364 
NAP H51N H N N 365 
NAP H52N H N N 366 
NAP H4D  H N N 367 
NAP H3D  H N N 368 
NAP HO3N H N N 369 
NAP H2D  H N N 370 
NAP HO2N H N N 371 
NAP H1D  H N N 372 
NAP H2N  H N N 373 
NAP H71N H N N 374 
NAP H72N H N N 375 
NAP H4N  H N N 376 
NAP H5N  H N N 377 
NAP H6N  H N N 378 
NAP HOP2 H N N 379 
NAP HOP3 H N N 380 
PHE N    N N N 381 
PHE CA   C N S 382 
PHE C    C N N 383 
PHE O    O N N 384 
PHE CB   C N N 385 
PHE CG   C Y N 386 
PHE CD1  C Y N 387 
PHE CD2  C Y N 388 
PHE CE1  C Y N 389 
PHE CE2  C Y N 390 
PHE CZ   C Y N 391 
PHE OXT  O N N 392 
PHE H    H N N 393 
PHE H2   H N N 394 
PHE HA   H N N 395 
PHE HB2  H N N 396 
PHE HB3  H N N 397 
PHE HD1  H N N 398 
PHE HD2  H N N 399 
PHE HE1  H N N 400 
PHE HE2  H N N 401 
PHE HZ   H N N 402 
PHE HXT  H N N 403 
PRO N    N N N 404 
PRO CA   C N S 405 
PRO C    C N N 406 
PRO O    O N N 407 
PRO CB   C N N 408 
PRO CG   C N N 409 
PRO CD   C N N 410 
PRO OXT  O N N 411 
PRO H    H N N 412 
PRO HA   H N N 413 
PRO HB2  H N N 414 
PRO HB3  H N N 415 
PRO HG2  H N N 416 
PRO HG3  H N N 417 
PRO HD2  H N N 418 
PRO HD3  H N N 419 
PRO HXT  H N N 420 
SER N    N N N 421 
SER CA   C N S 422 
SER C    C N N 423 
SER O    O N N 424 
SER CB   C N N 425 
SER OG   O N N 426 
SER OXT  O N N 427 
SER H    H N N 428 
SER H2   H N N 429 
SER HA   H N N 430 
SER HB2  H N N 431 
SER HB3  H N N 432 
SER HG   H N N 433 
SER HXT  H N N 434 
THR N    N N N 435 
THR CA   C N S 436 
THR C    C N N 437 
THR O    O N N 438 
THR CB   C N R 439 
THR OG1  O N N 440 
THR CG2  C N N 441 
THR OXT  O N N 442 
THR H    H N N 443 
THR H2   H N N 444 
THR HA   H N N 445 
THR HB   H N N 446 
THR HG1  H N N 447 
THR HG21 H N N 448 
THR HG22 H N N 449 
THR HG23 H N N 450 
THR HXT  H N N 451 
TRP N    N N N 452 
TRP CA   C N S 453 
TRP C    C N N 454 
TRP O    O N N 455 
TRP CB   C N N 456 
TRP CG   C Y N 457 
TRP CD1  C Y N 458 
TRP CD2  C Y N 459 
TRP NE1  N Y N 460 
TRP CE2  C Y N 461 
TRP CE3  C Y N 462 
TRP CZ2  C Y N 463 
TRP CZ3  C Y N 464 
TRP CH2  C Y N 465 
TRP OXT  O N N 466 
TRP H    H N N 467 
TRP H2   H N N 468 
TRP HA   H N N 469 
TRP HB2  H N N 470 
TRP HB3  H N N 471 
TRP HD1  H N N 472 
TRP HE1  H N N 473 
TRP HE3  H N N 474 
TRP HZ2  H N N 475 
TRP HZ3  H N N 476 
TRP HH2  H N N 477 
TRP HXT  H N N 478 
TYR N    N N N 479 
TYR CA   C N S 480 
TYR C    C N N 481 
TYR O    O N N 482 
TYR CB   C N N 483 
TYR CG   C Y N 484 
TYR CD1  C Y N 485 
TYR CD2  C Y N 486 
TYR CE1  C Y N 487 
TYR CE2  C Y N 488 
TYR CZ   C Y N 489 
TYR OH   O N N 490 
TYR OXT  O N N 491 
TYR H    H N N 492 
TYR H2   H N N 493 
TYR HA   H N N 494 
TYR HB2  H N N 495 
TYR HB3  H N N 496 
TYR HD1  H N N 497 
TYR HD2  H N N 498 
TYR HE1  H N N 499 
TYR HE2  H N N 500 
TYR HH   H N N 501 
TYR HXT  H N N 502 
VAL N    N N N 503 
VAL CA   C N S 504 
VAL C    C N N 505 
VAL O    O N N 506 
VAL CB   C N N 507 
VAL CG1  C N N 508 
VAL CG2  C N N 509 
VAL OXT  O N N 510 
VAL H    H N N 511 
VAL H2   H N N 512 
VAL HA   H N N 513 
VAL HB   H N N 514 
VAL HG11 H N N 515 
VAL HG12 H N N 516 
VAL HG13 H N N 517 
VAL HG21 H N N 518 
VAL HG22 H N N 519 
VAL HG23 H N N 520 
VAL HXT  H N N 521 
# 
loop_
_chem_comp_bond.comp_id 
_chem_comp_bond.atom_id_1 
_chem_comp_bond.atom_id_2 
_chem_comp_bond.value_order 
_chem_comp_bond.pdbx_aromatic_flag 
_chem_comp_bond.pdbx_stereo_config 
_chem_comp_bond.pdbx_ordinal 
ALA N   CA   sing N N 1   
ALA N   H    sing N N 2   
ALA N   H2   sing N N 3   
ALA CA  C    sing N N 4   
ALA CA  CB   sing N N 5   
ALA CA  HA   sing N N 6   
ALA C   O    doub N N 7   
ALA C   OXT  sing N N 8   
ALA CB  HB1  sing N N 9   
ALA CB  HB2  sing N N 10  
ALA CB  HB3  sing N N 11  
ALA OXT HXT  sing N N 12  
ARG N   CA   sing N N 13  
ARG N   H    sing N N 14  
ARG N   H2   sing N N 15  
ARG CA  C    sing N N 16  
ARG CA  CB   sing N N 17  
ARG CA  HA   sing N N 18  
ARG C   O    doub N N 19  
ARG C   OXT  sing N N 20  
ARG CB  CG   sing N N 21  
ARG CB  HB2  sing N N 22  
ARG CB  HB3  sing N N 23  
ARG CG  CD   sing N N 24  
ARG CG  HG2  sing N N 25  
ARG CG  HG3  sing N N 26  
ARG CD  NE   sing N N 27  
ARG CD  HD2  sing N N 28  
ARG CD  HD3  sing N N 29  
ARG NE  CZ   sing N N 30  
ARG NE  HE   sing N N 31  
ARG CZ  NH1  sing N N 32  
ARG CZ  NH2  doub N N 33  
ARG NH1 HH11 sing N N 34  
ARG NH1 HH12 sing N N 35  
ARG NH2 HH21 sing N N 36  
ARG NH2 HH22 sing N N 37  
ARG OXT HXT  sing N N 38  
ASN N   CA   sing N N 39  
ASN N   H    sing N N 40  
ASN N   H2   sing N N 41  
ASN CA  C    sing N N 42  
ASN CA  CB   sing N N 43  
ASN CA  HA   sing N N 44  
ASN C   O    doub N N 45  
ASN C   OXT  sing N N 46  
ASN CB  CG   sing N N 47  
ASN CB  HB2  sing N N 48  
ASN CB  HB3  sing N N 49  
ASN CG  OD1  doub N N 50  
ASN CG  ND2  sing N N 51  
ASN ND2 HD21 sing N N 52  
ASN ND2 HD22 sing N N 53  
ASN OXT HXT  sing N N 54  
ASP N   CA   sing N N 55  
ASP N   H    sing N N 56  
ASP N   H2   sing N N 57  
ASP CA  C    sing N N 58  
ASP CA  CB   sing N N 59  
ASP CA  HA   sing N N 60  
ASP C   O    doub N N 61  
ASP C   OXT  sing N N 62  
ASP CB  CG   sing N N 63  
ASP CB  HB2  sing N N 64  
ASP CB  HB3  sing N N 65  
ASP CG  OD1  doub N N 66  
ASP CG  OD2  sing N N 67  
ASP OD2 HD2  sing N N 68  
ASP OXT HXT  sing N N 69  
GLN N   CA   sing N N 70  
GLN N   H    sing N N 71  
GLN N   H2   sing N N 72  
GLN CA  C    sing N N 73  
GLN CA  CB   sing N N 74  
GLN CA  HA   sing N N 75  
GLN C   O    doub N N 76  
GLN C   OXT  sing N N 77  
GLN CB  CG   sing N N 78  
GLN CB  HB2  sing N N 79  
GLN CB  HB3  sing N N 80  
GLN CG  CD   sing N N 81  
GLN CG  HG2  sing N N 82  
GLN CG  HG3  sing N N 83  
GLN CD  OE1  doub N N 84  
GLN CD  NE2  sing N N 85  
GLN NE2 HE21 sing N N 86  
GLN NE2 HE22 sing N N 87  
GLN OXT HXT  sing N N 88  
GLU N   CA   sing N N 89  
GLU N   H    sing N N 90  
GLU N   H2   sing N N 91  
GLU CA  C    sing N N 92  
GLU CA  CB   sing N N 93  
GLU CA  HA   sing N N 94  
GLU C   O    doub N N 95  
GLU C   OXT  sing N N 96  
GLU CB  CG   sing N N 97  
GLU CB  HB2  sing N N 98  
GLU CB  HB3  sing N N 99  
GLU CG  CD   sing N N 100 
GLU CG  HG2  sing N N 101 
GLU CG  HG3  sing N N 102 
GLU CD  OE1  doub N N 103 
GLU CD  OE2  sing N N 104 
GLU OE2 HE2  sing N N 105 
GLU OXT HXT  sing N N 106 
GLY N   CA   sing N N 107 
GLY N   H    sing N N 108 
GLY N   H2   sing N N 109 
GLY CA  C    sing N N 110 
GLY CA  HA2  sing N N 111 
GLY CA  HA3  sing N N 112 
GLY C   O    doub N N 113 
GLY C   OXT  sing N N 114 
GLY OXT HXT  sing N N 115 
GOL C1  O1   sing N N 116 
GOL C1  C2   sing N N 117 
GOL C1  H11  sing N N 118 
GOL C1  H12  sing N N 119 
GOL O1  HO1  sing N N 120 
GOL C2  O2   sing N N 121 
GOL C2  C3   sing N N 122 
GOL C2  H2   sing N N 123 
GOL O2  HO2  sing N N 124 
GOL C3  O3   sing N N 125 
GOL C3  H31  sing N N 126 
GOL C3  H32  sing N N 127 
GOL O3  HO3  sing N N 128 
HIS N   CA   sing N N 129 
HIS N   H    sing N N 130 
HIS N   H2   sing N N 131 
HIS CA  C    sing N N 132 
HIS CA  CB   sing N N 133 
HIS CA  HA   sing N N 134 
HIS C   O    doub N N 135 
HIS C   OXT  sing N N 136 
HIS CB  CG   sing N N 137 
HIS CB  HB2  sing N N 138 
HIS CB  HB3  sing N N 139 
HIS CG  ND1  sing Y N 140 
HIS CG  CD2  doub Y N 141 
HIS ND1 CE1  doub Y N 142 
HIS ND1 HD1  sing N N 143 
HIS CD2 NE2  sing Y N 144 
HIS CD2 HD2  sing N N 145 
HIS CE1 NE2  sing Y N 146 
HIS CE1 HE1  sing N N 147 
HIS NE2 HE2  sing N N 148 
HIS OXT HXT  sing N N 149 
HOH O   H1   sing N N 150 
HOH O   H2   sing N N 151 
ILE N   CA   sing N N 152 
ILE N   H    sing N N 153 
ILE N   H2   sing N N 154 
ILE CA  C    sing N N 155 
ILE CA  CB   sing N N 156 
ILE CA  HA   sing N N 157 
ILE C   O    doub N N 158 
ILE C   OXT  sing N N 159 
ILE CB  CG1  sing N N 160 
ILE CB  CG2  sing N N 161 
ILE CB  HB   sing N N 162 
ILE CG1 CD1  sing N N 163 
ILE CG1 HG12 sing N N 164 
ILE CG1 HG13 sing N N 165 
ILE CG2 HG21 sing N N 166 
ILE CG2 HG22 sing N N 167 
ILE CG2 HG23 sing N N 168 
ILE CD1 HD11 sing N N 169 
ILE CD1 HD12 sing N N 170 
ILE CD1 HD13 sing N N 171 
ILE OXT HXT  sing N N 172 
LEU N   CA   sing N N 173 
LEU N   H    sing N N 174 
LEU N   H2   sing N N 175 
LEU CA  C    sing N N 176 
LEU CA  CB   sing N N 177 
LEU CA  HA   sing N N 178 
LEU C   O    doub N N 179 
LEU C   OXT  sing N N 180 
LEU CB  CG   sing N N 181 
LEU CB  HB2  sing N N 182 
LEU CB  HB3  sing N N 183 
LEU CG  CD1  sing N N 184 
LEU CG  CD2  sing N N 185 
LEU CG  HG   sing N N 186 
LEU CD1 HD11 sing N N 187 
LEU CD1 HD12 sing N N 188 
LEU CD1 HD13 sing N N 189 
LEU CD2 HD21 sing N N 190 
LEU CD2 HD22 sing N N 191 
LEU CD2 HD23 sing N N 192 
LEU OXT HXT  sing N N 193 
LYS N   CA   sing N N 194 
LYS N   H    sing N N 195 
LYS N   H2   sing N N 196 
LYS CA  C    sing N N 197 
LYS CA  CB   sing N N 198 
LYS CA  HA   sing N N 199 
LYS C   O    doub N N 200 
LYS C   OXT  sing N N 201 
LYS CB  CG   sing N N 202 
LYS CB  HB2  sing N N 203 
LYS CB  HB3  sing N N 204 
LYS CG  CD   sing N N 205 
LYS CG  HG2  sing N N 206 
LYS CG  HG3  sing N N 207 
LYS CD  CE   sing N N 208 
LYS CD  HD2  sing N N 209 
LYS CD  HD3  sing N N 210 
LYS CE  NZ   sing N N 211 
LYS CE  HE2  sing N N 212 
LYS CE  HE3  sing N N 213 
LYS NZ  HZ1  sing N N 214 
LYS NZ  HZ2  sing N N 215 
LYS NZ  HZ3  sing N N 216 
LYS OXT HXT  sing N N 217 
MET N   CA   sing N N 218 
MET N   H    sing N N 219 
MET N   H2   sing N N 220 
MET CA  C    sing N N 221 
MET CA  CB   sing N N 222 
MET CA  HA   sing N N 223 
MET C   O    doub N N 224 
MET C   OXT  sing N N 225 
MET CB  CG   sing N N 226 
MET CB  HB2  sing N N 227 
MET CB  HB3  sing N N 228 
MET CG  SD   sing N N 229 
MET CG  HG2  sing N N 230 
MET CG  HG3  sing N N 231 
MET SD  CE   sing N N 232 
MET CE  HE1  sing N N 233 
MET CE  HE2  sing N N 234 
MET CE  HE3  sing N N 235 
MET OXT HXT  sing N N 236 
MTX N1  C2   doub Y N 237 
MTX N1  C8A  sing Y N 238 
MTX C2  NA2  sing N N 239 
MTX C2  N3   sing Y N 240 
MTX NA2 HN21 sing N N 241 
MTX NA2 HN22 sing N N 242 
MTX N3  C4   doub Y N 243 
MTX C4  NA4  sing N N 244 
MTX C4  C4A  sing Y N 245 
MTX NA4 HN41 sing N N 246 
MTX NA4 HN42 sing N N 247 
MTX C4A N5   sing Y N 248 
MTX C4A C8A  doub Y N 249 
MTX N5  C6   doub Y N 250 
MTX C6  C7   sing Y N 251 
MTX C6  C9   sing N N 252 
MTX C7  N8   doub Y N 253 
MTX C7  H7   sing N N 254 
MTX N8  C8A  sing Y N 255 
MTX C9  N10  sing N N 256 
MTX C9  H91  sing N N 257 
MTX C9  H92  sing N N 258 
MTX N10 CM   sing N N 259 
MTX N10 C14  sing N N 260 
MTX CM  HM1  sing N N 261 
MTX CM  HM2  sing N N 262 
MTX CM  HM3  sing N N 263 
MTX C11 C12  doub Y N 264 
MTX C11 C16  sing Y N 265 
MTX C11 C    sing N N 266 
MTX C12 C13  sing Y N 267 
MTX C12 H12  sing N N 268 
MTX C13 C14  doub Y N 269 
MTX C13 H13  sing N N 270 
MTX C14 C15  sing Y N 271 
MTX C15 C16  doub Y N 272 
MTX C15 H15  sing N N 273 
MTX C16 H16  sing N N 274 
MTX C   O    doub N N 275 
MTX C   N    sing N N 276 
MTX N   CA   sing N N 277 
MTX N   HN   sing N N 278 
MTX CA  CT   sing N N 279 
MTX CA  CB   sing N N 280 
MTX CA  HA   sing N N 281 
MTX CT  O1   doub N N 282 
MTX CT  O2   sing N N 283 
MTX O2  HO2  sing N N 284 
MTX CB  CG   sing N N 285 
MTX CB  HB1  sing N N 286 
MTX CB  HB2  sing N N 287 
MTX CG  CD   sing N N 288 
MTX CG  HG1  sing N N 289 
MTX CG  HG2  sing N N 290 
MTX CD  OE1  doub N N 291 
MTX CD  OE2  sing N N 292 
MTX OE2 HOE2 sing N N 293 
NAP PA  O1A  doub N N 294 
NAP PA  O2A  sing N N 295 
NAP PA  O5B  sing N N 296 
NAP PA  O3   sing N N 297 
NAP O2A HOA2 sing N N 298 
NAP O5B C5B  sing N N 299 
NAP C5B C4B  sing N N 300 
NAP C5B H51A sing N N 301 
NAP C5B H52A sing N N 302 
NAP C4B O4B  sing N N 303 
NAP C4B C3B  sing N N 304 
NAP C4B H4B  sing N N 305 
NAP O4B C1B  sing N N 306 
NAP C3B O3B  sing N N 307 
NAP C3B C2B  sing N N 308 
NAP C3B H3B  sing N N 309 
NAP O3B HO3A sing N N 310 
NAP C2B O2B  sing N N 311 
NAP C2B C1B  sing N N 312 
NAP C2B H2B  sing N N 313 
NAP O2B P2B  sing N N 314 
NAP C1B N9A  sing N N 315 
NAP C1B H1B  sing N N 316 
NAP N9A C8A  sing Y N 317 
NAP N9A C4A  sing Y N 318 
NAP C8A N7A  doub Y N 319 
NAP C8A H8A  sing N N 320 
NAP N7A C5A  sing Y N 321 
NAP C5A C6A  sing Y N 322 
NAP C5A C4A  doub Y N 323 
NAP C6A N6A  sing N N 324 
NAP C6A N1A  doub Y N 325 
NAP N6A H61A sing N N 326 
NAP N6A H62A sing N N 327 
NAP N1A C2A  sing Y N 328 
NAP C2A N3A  doub Y N 329 
NAP C2A H2A  sing N N 330 
NAP N3A C4A  sing Y N 331 
NAP O3  PN   sing N N 332 
NAP PN  O1N  doub N N 333 
NAP PN  O2N  sing N N 334 
NAP PN  O5D  sing N N 335 
NAP O5D C5D  sing N N 336 
NAP C5D C4D  sing N N 337 
NAP C5D H51N sing N N 338 
NAP C5D H52N sing N N 339 
NAP C4D O4D  sing N N 340 
NAP C4D C3D  sing N N 341 
NAP C4D H4D  sing N N 342 
NAP O4D C1D  sing N N 343 
NAP C3D O3D  sing N N 344 
NAP C3D C2D  sing N N 345 
NAP C3D H3D  sing N N 346 
NAP O3D HO3N sing N N 347 
NAP C2D O2D  sing N N 348 
NAP C2D C1D  sing N N 349 
NAP C2D H2D  sing N N 350 
NAP O2D HO2N sing N N 351 
NAP C1D N1N  sing N N 352 
NAP C1D H1D  sing N N 353 
NAP N1N C2N  sing Y N 354 
NAP N1N C6N  doub Y N 355 
NAP C2N C3N  doub Y N 356 
NAP C2N H2N  sing N N 357 
NAP C3N C7N  sing N N 358 
NAP C3N C4N  sing Y N 359 
NAP C7N O7N  doub N N 360 
NAP C7N N7N  sing N N 361 
NAP N7N H71N sing N N 362 
NAP N7N H72N sing N N 363 
NAP C4N C5N  doub Y N 364 
NAP C4N H4N  sing N N 365 
NAP C5N C6N  sing Y N 366 
NAP C5N H5N  sing N N 367 
NAP C6N H6N  sing N N 368 
NAP P2B O1X  doub N N 369 
NAP P2B O2X  sing N N 370 
NAP P2B O3X  sing N N 371 
NAP O2X HOP2 sing N N 372 
NAP O3X HOP3 sing N N 373 
PHE N   CA   sing N N 374 
PHE N   H    sing N N 375 
PHE N   H2   sing N N 376 
PHE CA  C    sing N N 377 
PHE CA  CB   sing N N 378 
PHE CA  HA   sing N N 379 
PHE C   O    doub N N 380 
PHE C   OXT  sing N N 381 
PHE CB  CG   sing N N 382 
PHE CB  HB2  sing N N 383 
PHE CB  HB3  sing N N 384 
PHE CG  CD1  doub Y N 385 
PHE CG  CD2  sing Y N 386 
PHE CD1 CE1  sing Y N 387 
PHE CD1 HD1  sing N N 388 
PHE CD2 CE2  doub Y N 389 
PHE CD2 HD2  sing N N 390 
PHE CE1 CZ   doub Y N 391 
PHE CE1 HE1  sing N N 392 
PHE CE2 CZ   sing Y N 393 
PHE CE2 HE2  sing N N 394 
PHE CZ  HZ   sing N N 395 
PHE OXT HXT  sing N N 396 
PRO N   CA   sing N N 397 
PRO N   CD   sing N N 398 
PRO N   H    sing N N 399 
PRO CA  C    sing N N 400 
PRO CA  CB   sing N N 401 
PRO CA  HA   sing N N 402 
PRO C   O    doub N N 403 
PRO C   OXT  sing N N 404 
PRO CB  CG   sing N N 405 
PRO CB  HB2  sing N N 406 
PRO CB  HB3  sing N N 407 
PRO CG  CD   sing N N 408 
PRO CG  HG2  sing N N 409 
PRO CG  HG3  sing N N 410 
PRO CD  HD2  sing N N 411 
PRO CD  HD3  sing N N 412 
PRO OXT HXT  sing N N 413 
SER N   CA   sing N N 414 
SER N   H    sing N N 415 
SER N   H2   sing N N 416 
SER CA  C    sing N N 417 
SER CA  CB   sing N N 418 
SER CA  HA   sing N N 419 
SER C   O    doub N N 420 
SER C   OXT  sing N N 421 
SER CB  OG   sing N N 422 
SER CB  HB2  sing N N 423 
SER CB  HB3  sing N N 424 
SER OG  HG   sing N N 425 
SER OXT HXT  sing N N 426 
THR N   CA   sing N N 427 
THR N   H    sing N N 428 
THR N   H2   sing N N 429 
THR CA  C    sing N N 430 
THR CA  CB   sing N N 431 
THR CA  HA   sing N N 432 
THR C   O    doub N N 433 
THR C   OXT  sing N N 434 
THR CB  OG1  sing N N 435 
THR CB  CG2  sing N N 436 
THR CB  HB   sing N N 437 
THR OG1 HG1  sing N N 438 
THR CG2 HG21 sing N N 439 
THR CG2 HG22 sing N N 440 
THR CG2 HG23 sing N N 441 
THR OXT HXT  sing N N 442 
TRP N   CA   sing N N 443 
TRP N   H    sing N N 444 
TRP N   H2   sing N N 445 
TRP CA  C    sing N N 446 
TRP CA  CB   sing N N 447 
TRP CA  HA   sing N N 448 
TRP C   O    doub N N 449 
TRP C   OXT  sing N N 450 
TRP CB  CG   sing N N 451 
TRP CB  HB2  sing N N 452 
TRP CB  HB3  sing N N 453 
TRP CG  CD1  doub Y N 454 
TRP CG  CD2  sing Y N 455 
TRP CD1 NE1  sing Y N 456 
TRP CD1 HD1  sing N N 457 
TRP CD2 CE2  doub Y N 458 
TRP CD2 CE3  sing Y N 459 
TRP NE1 CE2  sing Y N 460 
TRP NE1 HE1  sing N N 461 
TRP CE2 CZ2  sing Y N 462 
TRP CE3 CZ3  doub Y N 463 
TRP CE3 HE3  sing N N 464 
TRP CZ2 CH2  doub Y N 465 
TRP CZ2 HZ2  sing N N 466 
TRP CZ3 CH2  sing Y N 467 
TRP CZ3 HZ3  sing N N 468 
TRP CH2 HH2  sing N N 469 
TRP OXT HXT  sing N N 470 
TYR N   CA   sing N N 471 
TYR N   H    sing N N 472 
TYR N   H2   sing N N 473 
TYR CA  C    sing N N 474 
TYR CA  CB   sing N N 475 
TYR CA  HA   sing N N 476 
TYR C   O    doub N N 477 
TYR C   OXT  sing N N 478 
TYR CB  CG   sing N N 479 
TYR CB  HB2  sing N N 480 
TYR CB  HB3  sing N N 481 
TYR CG  CD1  doub Y N 482 
TYR CG  CD2  sing Y N 483 
TYR CD1 CE1  sing Y N 484 
TYR CD1 HD1  sing N N 485 
TYR CD2 CE2  doub Y N 486 
TYR CD2 HD2  sing N N 487 
TYR CE1 CZ   doub Y N 488 
TYR CE1 HE1  sing N N 489 
TYR CE2 CZ   sing Y N 490 
TYR CE2 HE2  sing N N 491 
TYR CZ  OH   sing N N 492 
TYR OH  HH   sing N N 493 
TYR OXT HXT  sing N N 494 
VAL N   CA   sing N N 495 
VAL N   H    sing N N 496 
VAL N   H2   sing N N 497 
VAL CA  C    sing N N 498 
VAL CA  CB   sing N N 499 
VAL CA  HA   sing N N 500 
VAL C   O    doub N N 501 
VAL C   OXT  sing N N 502 
VAL CB  CG1  sing N N 503 
VAL CB  CG2  sing N N 504 
VAL CB  HB   sing N N 505 
VAL CG1 HG11 sing N N 506 
VAL CG1 HG12 sing N N 507 
VAL CG1 HG13 sing N N 508 
VAL CG2 HG21 sing N N 509 
VAL CG2 HG22 sing N N 510 
VAL CG2 HG23 sing N N 511 
VAL OXT HXT  sing N N 512 
# 
_pdbx_audit_support.funding_organization   
'National Institutes of Health/National Institute Of Allergy and Infectious Diseases (NIH/NIAID)' 
_pdbx_audit_support.country                'United States' 
_pdbx_audit_support.grant_number           'R01 A1104841' 
_pdbx_audit_support.ordinal                1 
# 
_pdbx_entity_instance_feature.ordinal        1 
_pdbx_entity_instance_feature.comp_id        MTX 
_pdbx_entity_instance_feature.asym_id        ? 
_pdbx_entity_instance_feature.seq_num        ? 
_pdbx_entity_instance_feature.auth_comp_id   MTX 
_pdbx_entity_instance_feature.auth_asym_id   ? 
_pdbx_entity_instance_feature.auth_seq_num   ? 
_pdbx_entity_instance_feature.feature_type   'SUBJECT OF INVESTIGATION' 
_pdbx_entity_instance_feature.details        ? 
# 
loop_
_pdbx_entity_nonpoly.entity_id 
_pdbx_entity_nonpoly.name 
_pdbx_entity_nonpoly.comp_id 
2 METHOTREXATE                                       MTX 
3 'NADP NICOTINAMIDE-ADENINE-DINUCLEOTIDE PHOSPHATE' NAP 
4 GLYCEROL                                           GOL 
5 water                                              HOH 
# 
_pdbx_initial_refinement_model.id               1 
_pdbx_initial_refinement_model.entity_id_list   ? 
_pdbx_initial_refinement_model.type             'experimental model' 
_pdbx_initial_refinement_model.source_name      PDB 
_pdbx_initial_refinement_model.accession_code   3F0Q 
_pdbx_initial_refinement_model.details          ? 
# 
_pdbx_struct_assembly_auth_evidence.id                     1 
_pdbx_struct_assembly_auth_evidence.assembly_id            1 
_pdbx_struct_assembly_auth_evidence.experimental_support   'gel filtration' 
_pdbx_struct_assembly_auth_evidence.details                'S200 Gel filtration' 
# 
